data_6QX8
#
_entry.id   6QX8
#
_cell.length_a   1.00
_cell.length_b   1.00
_cell.length_c   1.00
_cell.angle_alpha   90.000
_cell.angle_beta   90.000
_cell.angle_gamma   90.000
#
_symmetry.space_group_name_H-M   'P 1'
#
loop_
_entity.id
_entity.type
_entity.pdbx_description
1 polymer 'Polymerase acidic protein'
2 polymer 'RNA-directed RNA polymerase catalytic subunit'
3 polymer 'Polymerase basic protein 2'
4 polymer "RNA (5'-R(P*AP*GP*CP*AP*AP*AP*AP*GP*CP*AP*GP*A)-3')"
#
loop_
_entity_poly.entity_id
_entity_poly.type
_entity_poly.pdbx_seq_one_letter_code
_entity_poly.pdbx_strand_id
1 'polypeptide(L)'
;MEDFVRQCFNPMIVELAEKAMKEYGEDLKIETNKFAAICTHLEVCFMYSDFHFINEQGESIVVELDDPNALLKHRFEIIE
GRDRTMAWTVVNSICNTTGAEKPKFLPDLYDYKENRFIEIGVTRREVHIYYLEKANKIKSENTHIHIFSFTGEEMATKAD
YTLDEESRARIKTRLFTIRQEMANRGLWDSFRQSERGEETIEERFEITGTMRRLADQSLPPNFSCLENFRAYVDGFEPNG
YIEGKLSQMSKEVNAKIEPFLKTTPRPIRLPDGPPCFQRSKFLLMDALKLSIEDPSHEGEGIPLYDAIKCMRTFFGWKEP
YIVKPHEKGINPNYLLSWKQVLAELQDIENEEKIPRTKNMKKTSQLKWALGENMAPEKVDFDNCRDVSDLKQYDSDEPEL
RSLSSWIQNEFNKACELTDSTWIELDEIGEDVAPIEYIASMRRNYFTAEVSHCRATEYIMKGVYINTALLNASCAAMDDF
QLIPMISKCRTKEGRRKTNLYGFIIKGRSHLRNDTDVVNFVSMEFSLTDPRLEPHKWEKYCVLEIGDMLLRSAIGQMSRP
MFLYVRTNGTSKIKMKWGMEMRRCLLQSLQQIESMIEAESSVKEKDMTKEFFENKSETWPIGESPKGVEDGSIGKVCRTL
LAKSVFNSLYASPQLEGFSAESRKLLLVVQALRDNLEPGTFDLEGLYEAIEECLINDPWVLLNASWFNSFLTHALR
;
A,E
2 'polypeptide(L)'
;MDVNPTLLFLKVPAQNAISTTFPYTGDPPYSHGTGTGYTMDTVNRTHQYSEKGKWTTNTETGAPQLNPIDGPLPEDNEPS
GYAQTDCVLEAMAFLEESHPGIFENSCLETMEVVQQTRVDRLTQGRQTYDWTLNRNQPAATALANTIEVFRSNGLTANES
GRLIDFLKDVMESMDKEEMEITTHFQRKRRVRDNMTKKMVTQRTIGKKKQRVNKRSYLIRALTLNTMTKDAERGKLKRRA
IATPGMQIRGFVYFVETLARSICEKLEQSGLPVGGNEKKAKLANVVRKMMTNSQDTELSFTITGDNTKWNENQNPRMFLA
MITYITKNQPEWFRNVLSIAPIMFSNKMARLGKGYMFESKSMKLRTQIPAEMLASIDLKYFNESTRKKIEKIRPLLIDGT
ASLSPGMMMGMFNMLSTVLGVSILNLGQKRYTKTTYWWDGLQSSDDFALIVNAPNHEGIQAGVDRFYRTCKLVGINMSKK
KSYINRTGTFEFTSFFYRYGFVANFSMELPSFGVSGINESADMSIGVTVIKNNMINNDLGPATAQMALQLFIKDYRYTYR
CHRGDTQIQTRRSFELKKLWEQTRSKAGLLVSDGGPNLYNIRNLHIPEVCLKWELMDEDYQGRLCNPLNPFVSHKEIESV
NNAVVMPAHGPAKSMEYDAVATTHSWIPKRNRSILNTSQRGILEDEQMYQKCCNLFEKFFPSSSYRRPVGISSMVEAMVS
RARIDARIDFESGRIKKEEFAEIMKICSTIEELRRQK
;
B,F
3 'polypeptide(L)'
;MERIKELRNLMSQSRTREILTKTTVDHMAIIKKYTSGRQEKNPSLRMKWMMAMKYPITADKRITEMVPERNEQGQTLWSK
MSDAGSDRVMVSPLAVTWWNRNGPMTSTVHYPKVYKTYFEKVERLKHGTFGPVHFRNQVKIRRRVDINPGHADLSAKEAQ
DVIMEVVFPNEVGARILTSESQLTITKEKKEELQDCKISPLMVAYMLERELVRKTRFLPVAGGTSSVYIEVLHLTQGTCW
EQMYTPGGEVRNDDVDQSLIIAARNIVRRAAVSADPLASLLEMCHSTQIGGTRMVDILRQNPTEEQAVDICKAAMGLRIS
SSFSFGGFTFKRTSGSSIKREEELLTGNLQTLKIRVHDGYEEFTMVGKRATAILRKATRRLVQLIVSGRDEQSVAEAIIV
AMVFSQEDCMIKAVRGDLNFVNRANQRLNPMHQLLRHFQKDAKVLFQNWGIEHIDNVMGMIGVLPDMTPSTEMSMRGIRV
SKMGVDEYSSTERVVVSIDRFLRVRDQRGNVLLSPEEVSETQGTEKLTITYSSSMMWEINGPESVLVNTYQWIIRNWETV
KIQWSQNPTMLYNKMEFEPFQSLVPKAIRGQYSGFVRTLFQQMRDVLGTFDTTQIIKLLPFAAAPPKQSRMQFSSLTVNV
RGSGMRILVRGNSPAFNYNKTTKRLTILGKDAGTLIEDPDEGTSGVESAVLRGFLILGKEDRRYGPALSINELSNLAKGE
KANVLIGQGDVVLVMKRKRDSSILTDSQTATKRIRMAIN
;
C,G
4 'polyribonucleotide' (P)AGCAAAAGCAGGCC D,H
#
loop_
_chem_comp.id
_chem_comp.type
_chem_comp.name
_chem_comp.formula
A RNA linking ADENOSINE-5'-MONOPHOSPHATE 'C10 H14 N5 O7 P'
C RNA linking CYTIDINE-5'-MONOPHOSPHATE 'C9 H14 N3 O8 P'
G RNA linking GUANOSINE-5'-MONOPHOSPHATE 'C10 H14 N5 O8 P'
P DNA linking '2'-DEOXY-N1,N2-PROPANO GUANOSINE MONOPHOSPHATE' 'C13 H18 N5 O7 P'
#
# COMPACT_ATOMS: atom_id res chain seq x y z
N GLU A 203 31.91 74.06 -7.93
CA GLU A 203 30.50 74.38 -8.00
C GLU A 203 29.68 73.13 -8.30
N ARG A 204 28.69 72.87 -7.45
CA ARG A 204 27.81 71.71 -7.56
C ARG A 204 26.34 72.07 -7.56
N PHE A 205 25.93 73.07 -6.78
CA PHE A 205 24.52 73.36 -6.60
C PHE A 205 23.87 73.79 -7.92
N GLU A 206 22.74 73.16 -8.23
CA GLU A 206 22.02 73.34 -9.50
C GLU A 206 20.54 73.54 -9.21
N ILE A 207 20.24 74.47 -8.31
CA ILE A 207 18.96 74.51 -7.61
C ILE A 207 17.82 74.87 -8.56
N THR A 208 18.10 75.65 -9.60
CA THR A 208 17.14 76.08 -10.61
C THR A 208 16.09 77.07 -10.10
N GLY A 209 16.21 77.55 -8.87
CA GLY A 209 15.30 78.59 -8.39
C GLY A 209 13.91 78.14 -8.01
N THR A 210 13.25 77.39 -8.89
CA THR A 210 11.95 76.80 -8.55
C THR A 210 12.03 75.98 -7.27
N MET A 211 13.16 75.34 -7.03
CA MET A 211 13.34 74.73 -5.73
C MET A 211 13.56 75.77 -4.66
N ARG A 212 14.17 76.90 -5.01
CA ARG A 212 14.22 78.01 -4.07
C ARG A 212 12.82 78.56 -3.85
N ARG A 213 11.95 78.51 -4.86
CA ARG A 213 10.57 78.91 -4.66
C ARG A 213 9.89 78.00 -3.65
N LEU A 214 9.92 76.68 -3.92
CA LEU A 214 9.32 75.71 -3.02
C LEU A 214 9.91 75.83 -1.62
N ALA A 215 11.22 76.04 -1.53
CA ALA A 215 11.88 76.15 -0.25
C ALA A 215 11.35 77.35 0.52
N ASP A 216 11.36 78.53 -0.12
CA ASP A 216 10.86 79.73 0.54
C ASP A 216 9.40 79.58 0.94
N GLN A 217 8.65 78.72 0.24
CA GLN A 217 7.28 78.43 0.65
C GLN A 217 7.22 77.39 1.75
N SER A 218 8.28 76.60 1.95
CA SER A 218 8.31 75.57 2.98
C SER A 218 8.63 76.11 4.36
N LEU A 219 9.15 77.33 4.46
CA LEU A 219 9.70 77.82 5.71
C LEU A 219 8.59 78.24 6.65
N PRO A 220 8.92 78.60 7.89
CA PRO A 220 7.91 79.13 8.79
C PRO A 220 7.39 80.47 8.30
N PRO A 221 6.27 80.95 8.84
CA PRO A 221 5.70 82.22 8.33
C PRO A 221 6.57 83.43 8.57
N ASN A 222 7.33 83.47 9.68
CA ASN A 222 8.09 84.66 10.02
C ASN A 222 9.10 85.02 8.94
N PHE A 223 9.76 84.02 8.38
CA PHE A 223 10.79 84.22 7.37
C PHE A 223 10.23 83.80 6.02
N SER A 224 10.45 84.64 5.02
CA SER A 224 9.83 84.49 3.71
C SER A 224 10.80 84.04 2.63
N CYS A 225 12.09 83.86 2.96
CA CYS A 225 13.09 83.48 1.97
C CYS A 225 14.04 82.46 2.56
N LEU A 226 14.70 81.72 1.68
CA LEU A 226 15.73 80.78 2.12
C LEU A 226 16.95 81.55 2.62
N GLU A 227 17.31 82.63 1.94
CA GLU A 227 18.55 83.31 2.24
C GLU A 227 18.48 84.03 3.59
N ASN A 228 17.36 84.67 3.88
CA ASN A 228 17.23 85.31 5.19
C ASN A 228 17.22 84.25 6.29
N PHE A 229 16.62 83.10 6.01
CA PHE A 229 16.66 81.98 6.95
C PHE A 229 18.09 81.54 7.22
N ARG A 230 18.87 81.33 6.15
CA ARG A 230 20.24 80.88 6.30
C ARG A 230 21.08 81.90 7.05
N ALA A 231 20.86 83.19 6.75
CA ALA A 231 21.63 84.23 7.44
C ALA A 231 21.25 84.29 8.91
N TYR A 232 19.95 84.12 9.21
CA TYR A 232 19.51 84.11 10.59
C TYR A 232 20.15 82.96 11.36
N VAL A 233 20.13 81.76 10.77
CA VAL A 233 20.67 80.59 11.45
C VAL A 233 22.18 80.75 11.62
N ASP A 234 22.88 81.09 10.55
CA ASP A 234 24.34 81.23 10.62
C ASP A 234 24.72 82.35 11.58
N GLY A 235 23.91 83.39 11.64
CA GLY A 235 24.14 84.48 12.56
C GLY A 235 23.38 84.31 13.87
N PHE A 236 22.98 83.08 14.18
CA PHE A 236 22.14 82.84 15.34
C PHE A 236 22.98 82.70 16.60
N GLU A 237 22.35 83.00 17.73
CA GLU A 237 22.90 82.74 19.05
C GLU A 237 21.74 82.47 19.99
N PRO A 238 21.96 81.75 21.10
CA PRO A 238 20.89 81.57 22.07
C PRO A 238 20.85 82.73 23.05
N ASN A 239 19.64 83.17 23.37
CA ASN A 239 19.42 84.30 24.27
C ASN A 239 18.45 83.95 25.40
N GLY A 240 18.31 82.68 25.71
CA GLY A 240 17.40 82.28 26.77
C GLY A 240 15.94 82.49 26.41
N TYR A 241 15.57 82.16 25.18
CA TYR A 241 14.18 82.30 24.76
C TYR A 241 13.30 81.30 25.50
N ILE A 242 13.87 80.13 25.84
CA ILE A 242 13.09 79.00 26.32
C ILE A 242 12.34 79.35 27.61
N GLU A 243 12.97 80.15 28.47
CA GLU A 243 12.32 80.50 29.73
C GLU A 243 11.15 81.43 29.48
N GLY A 244 11.30 82.35 28.53
CA GLY A 244 10.17 83.20 28.15
C GLY A 244 9.03 82.39 27.56
N LYS A 245 9.37 81.37 26.76
CA LYS A 245 8.34 80.51 26.21
C LYS A 245 7.60 79.76 27.32
N LEU A 246 8.35 79.23 28.28
CA LEU A 246 7.73 78.47 29.37
C LEU A 246 6.81 79.34 30.21
N SER A 247 7.34 80.47 30.69
CA SER A 247 6.52 81.38 31.47
C SER A 247 5.33 81.89 30.67
N GLN A 248 5.50 82.03 29.35
CA GLN A 248 4.41 82.46 28.49
C GLN A 248 3.29 81.44 28.46
N MET A 249 3.60 80.17 28.66
CA MET A 249 2.66 79.11 28.33
C MET A 249 1.53 79.01 29.34
N SER A 250 0.41 78.50 28.86
CA SER A 250 -0.68 78.11 29.73
C SER A 250 -0.21 77.04 30.69
N LYS A 251 -0.65 77.15 31.95
CA LYS A 251 -0.32 76.14 32.93
C LYS A 251 -1.16 74.89 32.76
N GLU A 252 -2.27 74.98 32.01
CA GLU A 252 -3.07 73.80 31.71
C GLU A 252 -2.23 72.73 31.01
N VAL A 253 -1.32 73.16 30.13
CA VAL A 253 -0.53 72.23 29.34
C VAL A 253 0.65 71.76 30.19
N ASN A 254 0.46 70.68 30.93
CA ASN A 254 1.49 70.16 31.80
C ASN A 254 1.06 68.78 32.31
N ALA A 255 2.04 67.88 32.40
CA ALA A 255 1.81 66.49 32.72
C ALA A 255 2.07 66.27 34.20
N LYS A 256 0.99 66.02 34.94
CA LYS A 256 1.03 65.95 36.39
C LYS A 256 1.10 64.49 36.82
N ILE A 257 2.07 64.17 37.66
CA ILE A 257 2.19 62.80 38.15
C ILE A 257 1.17 62.56 39.25
N GLU A 258 0.93 61.30 39.54
CA GLU A 258 0.03 60.89 40.61
C GLU A 258 0.55 59.61 41.22
N PRO A 259 0.12 59.27 42.44
CA PRO A 259 0.55 58.01 43.04
C PRO A 259 -0.34 56.88 42.55
N PHE A 260 0.25 55.96 41.78
CA PHE A 260 -0.46 54.80 41.28
C PHE A 260 -0.66 53.86 42.47
N LEU A 261 -1.71 54.14 43.22
CA LEU A 261 -1.84 53.58 44.55
C LEU A 261 -2.23 52.12 44.48
N LYS A 262 -2.03 51.45 45.63
CA LYS A 262 -2.33 50.03 45.74
C LYS A 262 -3.79 49.72 45.42
N THR A 263 -4.71 50.47 46.02
CA THR A 263 -6.13 50.26 45.80
C THR A 263 -6.67 50.90 44.53
N THR A 264 -5.85 51.64 43.79
CA THR A 264 -6.36 52.33 42.62
C THR A 264 -6.84 51.39 41.52
N PRO A 265 -6.03 50.45 41.02
CA PRO A 265 -6.44 49.73 39.81
C PRO A 265 -7.63 48.80 40.05
N ARG A 266 -8.79 49.21 39.56
CA ARG A 266 -10.00 48.42 39.67
C ARG A 266 -9.83 47.13 38.87
N PRO A 267 -10.62 46.10 39.19
CA PRO A 267 -10.59 44.90 38.34
C PRO A 267 -11.12 45.24 36.96
N ILE A 268 -10.31 44.92 35.95
CA ILE A 268 -10.73 45.13 34.58
C ILE A 268 -12.00 44.35 34.32
N ARG A 269 -13.00 45.03 33.81
CA ARG A 269 -14.31 44.42 33.55
C ARG A 269 -14.27 43.78 32.17
N LEU A 270 -14.51 42.48 32.15
CA LEU A 270 -14.61 41.77 30.90
C LEU A 270 -15.88 42.20 30.18
N PRO A 271 -15.90 42.18 28.86
CA PRO A 271 -17.13 42.52 28.15
C PRO A 271 -18.22 41.51 28.46
N ASP A 272 -19.46 41.95 28.30
CA ASP A 272 -20.63 41.11 28.51
C ASP A 272 -21.43 41.05 27.22
N GLY A 273 -22.19 39.98 27.07
CA GLY A 273 -22.83 39.67 25.82
C GLY A 273 -23.07 38.17 25.74
N PRO A 274 -23.19 37.63 24.52
CA PRO A 274 -23.37 36.18 24.39
C PRO A 274 -22.17 35.42 24.92
N PRO A 275 -22.28 34.11 25.10
CA PRO A 275 -21.11 33.33 25.53
C PRO A 275 -20.03 33.23 24.46
N CYS A 276 -18.78 33.08 24.90
CA CYS A 276 -17.68 32.88 23.98
C CYS A 276 -17.79 31.52 23.33
N PHE A 277 -17.42 31.45 22.05
CA PHE A 277 -17.53 30.22 21.26
C PHE A 277 -16.20 29.87 20.61
N GLN A 278 -15.93 28.58 20.49
CA GLN A 278 -14.68 28.11 19.93
C GLN A 278 -14.60 28.40 18.45
N ARG A 279 -13.38 28.61 17.97
CA ARG A 279 -13.12 28.85 16.55
C ARG A 279 -11.87 28.13 16.05
N SER A 280 -11.35 27.18 16.82
CA SER A 280 -10.15 26.48 16.41
C SER A 280 -10.41 25.67 15.15
N LYS A 281 -9.35 25.49 14.37
CA LYS A 281 -9.50 24.77 13.12
C LYS A 281 -9.66 23.28 13.35
N PHE A 282 -9.39 22.82 14.55
CA PHE A 282 -9.54 21.44 14.93
C PHE A 282 -9.70 21.39 16.43
N LEU A 283 -10.73 20.70 16.89
CA LEU A 283 -10.93 20.55 18.32
C LEU A 283 -9.75 19.86 18.96
N LEU A 284 -9.67 20.00 20.28
CA LEU A 284 -8.42 19.89 20.99
C LEU A 284 -8.46 18.88 22.13
N MET A 285 -9.54 18.85 22.91
CA MET A 285 -9.63 17.89 24.01
C MET A 285 -10.47 16.69 23.61
N ASP A 286 -11.56 16.93 22.88
CA ASP A 286 -12.54 15.88 22.67
C ASP A 286 -12.18 14.97 21.51
N ALA A 287 -11.19 15.33 20.72
CA ALA A 287 -10.82 14.50 19.58
C ALA A 287 -10.20 13.19 20.06
N LEU A 288 -10.17 12.23 19.16
CA LEU A 288 -9.54 10.94 19.38
C LEU A 288 -8.93 10.47 18.07
N LYS A 289 -8.10 9.45 18.15
CA LYS A 289 -7.28 9.01 17.03
C LYS A 289 -7.39 7.51 16.84
N LEU A 290 -7.77 7.10 15.63
CA LEU A 290 -7.77 5.71 15.26
C LEU A 290 -6.37 5.27 14.89
N SER A 291 -5.73 4.53 15.79
CA SER A 291 -4.36 4.11 15.58
C SER A 291 -4.23 3.22 14.36
N ILE A 292 -2.99 2.97 13.96
CA ILE A 292 -2.64 2.05 12.89
C ILE A 292 -2.09 0.74 13.43
N GLU A 293 -1.73 0.70 14.72
CA GLU A 293 -1.15 -0.48 15.37
C GLU A 293 0.21 -0.82 14.75
N ASP A 294 1.10 0.16 14.72
CA ASP A 294 2.54 -0.05 14.61
C ASP A 294 2.96 -0.81 13.34
N PRO A 295 2.88 -0.16 12.18
CA PRO A 295 3.35 -0.79 10.94
C PRO A 295 4.85 -0.99 10.93
N SER A 296 5.33 -1.55 9.82
CA SER A 296 6.74 -1.82 9.64
C SER A 296 7.51 -0.52 9.45
N HIS A 297 8.82 -0.66 9.26
CA HIS A 297 9.71 0.49 9.16
C HIS A 297 10.08 0.82 7.72
N GLU A 298 9.99 -0.14 6.81
CA GLU A 298 10.31 0.11 5.41
C GLU A 298 9.11 0.53 4.58
N GLY A 299 7.90 0.23 5.04
CA GLY A 299 6.73 0.52 4.24
C GLY A 299 6.28 1.95 4.36
N GLU A 300 6.64 2.75 3.37
CA GLU A 300 6.10 4.10 3.27
C GLU A 300 4.63 4.02 2.93
N GLY A 301 3.92 5.11 3.15
CA GLY A 301 2.50 5.15 2.86
C GLY A 301 2.02 6.49 2.37
N ILE A 302 1.40 6.49 1.19
CA ILE A 302 0.63 7.65 0.78
C ILE A 302 -0.52 7.79 1.76
N PRO A 303 -0.72 8.97 2.38
CA PRO A 303 -1.44 9.02 3.66
C PRO A 303 -2.85 8.50 3.62
N LEU A 304 -3.52 8.60 2.47
CA LEU A 304 -4.89 8.13 2.37
C LEU A 304 -5.01 6.68 2.76
N TYR A 305 -4.04 5.85 2.36
CA TYR A 305 -4.17 4.42 2.61
C TYR A 305 -3.94 4.10 4.07
N ASP A 306 -3.05 4.84 4.73
CA ASP A 306 -2.90 4.66 6.17
C ASP A 306 -4.17 5.06 6.91
N ALA A 307 -4.74 6.20 6.51
CA ALA A 307 -6.03 6.60 7.08
C ALA A 307 -7.07 5.53 6.86
N ILE A 308 -7.27 5.12 5.62
CA ILE A 308 -8.26 4.11 5.27
C ILE A 308 -8.06 2.85 6.06
N LYS A 309 -6.81 2.44 6.25
CA LYS A 309 -6.53 1.28 7.07
C LYS A 309 -7.02 1.51 8.49
N CYS A 310 -6.89 2.73 9.00
CA CYS A 310 -7.29 2.98 10.37
C CYS A 310 -8.81 3.11 10.49
N MET A 311 -9.45 3.71 9.50
CA MET A 311 -10.90 3.76 9.50
C MET A 311 -11.48 2.36 9.32
N ARG A 312 -10.80 1.55 8.53
CA ARG A 312 -11.15 0.15 8.34
C ARG A 312 -11.02 -0.63 9.63
N THR A 313 -10.15 -0.17 10.54
CA THR A 313 -9.96 -0.88 11.80
C THR A 313 -11.20 -0.79 12.69
N PHE A 314 -11.91 0.33 12.65
CA PHE A 314 -12.99 0.56 13.60
C PHE A 314 -14.33 0.10 13.04
N PHE A 315 -15.07 -0.61 13.88
CA PHE A 315 -16.45 -0.97 13.64
C PHE A 315 -17.28 -0.49 14.83
N GLY A 316 -18.53 -0.15 14.56
CA GLY A 316 -19.30 0.66 15.49
C GLY A 316 -19.97 1.85 14.85
N TRP A 317 -20.28 1.71 13.57
CA TRP A 317 -20.89 2.77 12.77
C TRP A 317 -22.41 2.55 12.75
N LYS A 318 -23.14 3.38 13.47
CA LYS A 318 -24.58 3.39 13.38
C LYS A 318 -25.01 4.24 12.19
N GLU A 319 -26.32 4.29 11.97
CA GLU A 319 -26.85 5.18 10.95
C GLU A 319 -26.60 6.62 11.36
N PRO A 320 -26.30 7.52 10.43
CA PRO A 320 -26.12 8.93 10.80
C PRO A 320 -27.45 9.65 11.00
N TYR A 321 -27.64 10.19 12.20
CA TYR A 321 -28.69 11.14 12.48
C TYR A 321 -28.14 12.26 13.36
N ILE A 322 -28.47 13.50 13.01
CA ILE A 322 -27.89 14.65 13.69
C ILE A 322 -28.28 14.63 15.15
N VAL A 323 -27.36 15.12 15.99
CA VAL A 323 -27.55 15.18 17.43
C VAL A 323 -27.66 16.61 17.94
N LYS A 324 -27.11 17.58 17.21
CA LYS A 324 -27.11 18.98 17.61
C LYS A 324 -27.82 19.76 16.51
N PRO A 325 -28.87 20.52 16.80
CA PRO A 325 -29.40 21.43 15.79
C PRO A 325 -28.42 22.58 15.57
N HIS A 326 -27.94 22.73 14.34
CA HIS A 326 -27.07 23.85 14.00
C HIS A 326 -27.71 25.17 14.35
N GLU A 327 -29.03 25.29 14.17
CA GLU A 327 -29.83 26.52 14.31
C GLU A 327 -29.61 27.49 13.16
N LYS A 328 -28.72 27.17 12.23
CA LYS A 328 -28.49 27.97 11.03
C LYS A 328 -27.96 27.02 9.97
N GLY A 329 -28.00 27.44 8.72
CA GLY A 329 -27.58 26.51 7.70
C GLY A 329 -28.57 25.35 7.59
N ILE A 330 -28.06 24.20 7.14
CA ILE A 330 -28.88 23.01 6.88
C ILE A 330 -28.12 21.77 7.33
N ASN A 331 -28.49 21.25 8.50
CA ASN A 331 -27.85 20.06 9.07
C ASN A 331 -27.91 18.83 8.17
N PRO A 332 -29.06 18.48 7.55
CA PRO A 332 -29.08 17.28 6.68
C PRO A 332 -28.03 17.29 5.60
N ASN A 333 -27.69 18.47 5.09
CA ASN A 333 -26.75 18.54 3.99
C ASN A 333 -25.35 18.10 4.44
N TYR A 334 -24.98 18.43 5.67
CA TYR A 334 -23.69 17.99 6.18
C TYR A 334 -23.70 16.50 6.47
N LEU A 335 -24.84 15.99 6.93
CA LEU A 335 -24.99 14.54 7.05
C LEU A 335 -24.70 13.85 5.73
N LEU A 336 -25.34 14.32 4.65
CA LEU A 336 -25.15 13.67 3.36
C LEU A 336 -23.75 13.89 2.83
N SER A 337 -23.09 14.98 3.23
CA SER A 337 -21.68 15.18 2.90
C SER A 337 -20.82 14.05 3.48
N TRP A 338 -20.99 13.79 4.78
CA TRP A 338 -20.27 12.70 5.43
C TRP A 338 -20.56 11.36 4.75
N LYS A 339 -21.82 11.15 4.37
CA LYS A 339 -22.19 9.95 3.62
C LYS A 339 -21.39 9.84 2.34
N GLN A 340 -21.31 10.94 1.57
CA GLN A 340 -20.54 10.96 0.34
C GLN A 340 -19.09 10.59 0.62
N VAL A 341 -18.57 11.05 1.76
CA VAL A 341 -17.17 10.76 2.08
C VAL A 341 -16.96 9.27 2.22
N LEU A 342 -17.72 8.65 3.11
CA LEU A 342 -17.56 7.22 3.35
C LEU A 342 -17.73 6.43 2.05
N ALA A 343 -18.74 6.79 1.27
CA ALA A 343 -19.03 6.05 0.05
C ALA A 343 -17.89 6.19 -0.94
N GLU A 344 -17.38 7.42 -1.11
CA GLU A 344 -16.29 7.66 -2.04
C GLU A 344 -15.06 6.87 -1.64
N LEU A 345 -14.79 6.81 -0.34
CA LEU A 345 -13.59 6.13 0.12
C LEU A 345 -13.67 4.63 -0.12
N GLN A 346 -14.78 4.01 0.27
CA GLN A 346 -14.92 2.59 0.03
C GLN A 346 -14.88 2.28 -1.46
N ASP A 347 -15.49 3.15 -2.26
CA ASP A 347 -15.64 2.85 -3.69
C ASP A 347 -14.30 2.99 -4.41
N ILE A 348 -13.53 4.02 -4.08
CA ILE A 348 -12.24 4.18 -4.73
C ILE A 348 -11.34 3.00 -4.37
N GLU A 349 -11.23 2.68 -3.08
CA GLU A 349 -10.18 1.76 -2.68
C GLU A 349 -10.51 0.33 -3.09
N ASN A 350 -11.78 -0.04 -3.05
CA ASN A 350 -12.11 -1.43 -3.34
C ASN A 350 -11.91 -1.74 -4.82
N GLU A 351 -12.30 -0.82 -5.71
CA GLU A 351 -12.46 -1.14 -7.13
C GLU A 351 -11.91 -0.04 -8.05
N GLU A 352 -10.71 0.45 -7.77
CA GLU A 352 -10.00 1.30 -8.72
C GLU A 352 -8.50 1.04 -8.58
N LYS A 353 -7.72 1.66 -9.47
CA LYS A 353 -6.28 1.41 -9.55
C LYS A 353 -5.48 2.24 -8.54
N ILE A 354 -5.94 2.24 -7.30
CA ILE A 354 -5.17 2.77 -6.17
C ILE A 354 -4.70 4.20 -6.43
N PRO A 355 -5.58 5.18 -6.55
CA PRO A 355 -5.09 6.56 -6.75
C PRO A 355 -4.42 7.09 -5.50
N ARG A 356 -3.27 7.74 -5.68
CA ARG A 356 -2.52 8.27 -4.56
C ARG A 356 -3.34 9.27 -3.77
N THR A 357 -3.95 10.23 -4.46
CA THR A 357 -4.76 11.27 -3.86
C THR A 357 -6.11 11.31 -4.54
N LYS A 358 -7.17 11.43 -3.74
CA LYS A 358 -8.55 11.41 -4.22
C LYS A 358 -9.18 12.76 -3.96
N ASN A 359 -9.84 13.27 -4.99
CA ASN A 359 -10.66 14.46 -4.89
C ASN A 359 -12.11 14.09 -5.07
N MET A 360 -12.96 14.64 -4.20
CA MET A 360 -14.34 14.21 -4.14
C MET A 360 -15.10 14.54 -5.41
N LYS A 361 -16.34 14.07 -5.48
CA LYS A 361 -17.24 14.41 -6.57
C LYS A 361 -18.12 15.60 -6.18
N LYS A 362 -18.37 16.48 -7.13
CA LYS A 362 -19.20 17.65 -6.88
C LYS A 362 -20.64 17.21 -6.61
N THR A 363 -21.23 17.80 -5.57
CA THR A 363 -22.56 17.45 -5.13
C THR A 363 -23.27 18.69 -4.61
N SER A 364 -24.55 18.52 -4.29
CA SER A 364 -25.27 19.58 -3.61
C SER A 364 -24.68 19.85 -2.25
N GLN A 365 -24.24 18.79 -1.56
CA GLN A 365 -23.85 18.92 -0.17
C GLN A 365 -22.59 19.77 -0.03
N LEU A 366 -21.50 19.30 -0.62
CA LEU A 366 -20.23 19.97 -0.44
C LEU A 366 -20.26 21.34 -1.11
N LYS A 367 -20.84 21.41 -2.29
CA LYS A 367 -20.91 22.67 -3.01
C LYS A 367 -21.76 23.69 -2.24
N TRP A 368 -22.72 23.22 -1.45
CA TRP A 368 -23.40 24.12 -0.52
C TRP A 368 -22.48 24.55 0.59
N ALA A 369 -21.81 23.59 1.22
CA ALA A 369 -21.00 23.88 2.40
C ALA A 369 -19.73 24.65 2.08
N LEU A 370 -19.41 24.86 0.80
CA LEU A 370 -18.30 25.70 0.39
C LEU A 370 -18.71 26.85 -0.51
N GLY A 371 -19.92 26.84 -1.06
CA GLY A 371 -20.46 28.00 -1.73
C GLY A 371 -19.68 28.43 -2.95
N GLU A 372 -19.54 27.50 -3.91
CA GLU A 372 -18.89 27.85 -5.17
C GLU A 372 -19.75 28.81 -5.98
N ASN A 373 -21.03 28.93 -5.64
CA ASN A 373 -21.89 29.93 -6.26
C ASN A 373 -21.94 31.22 -5.45
N MET A 374 -21.39 31.22 -4.22
CA MET A 374 -21.56 32.37 -3.34
C MET A 374 -20.79 33.59 -3.83
N ALA A 375 -19.90 33.42 -4.79
CA ALA A 375 -19.08 34.53 -5.23
C ALA A 375 -19.91 35.54 -6.03
N PRO A 376 -19.76 36.84 -5.78
CA PRO A 376 -20.16 37.83 -6.78
C PRO A 376 -18.99 38.12 -7.71
N GLU A 377 -19.27 38.91 -8.74
CA GLU A 377 -18.34 39.12 -9.84
C GLU A 377 -17.93 40.57 -9.93
N LYS A 378 -16.68 40.80 -10.33
CA LYS A 378 -16.22 42.15 -10.59
C LYS A 378 -17.00 42.77 -11.74
N VAL A 379 -17.20 44.09 -11.66
CA VAL A 379 -17.89 44.86 -12.69
C VAL A 379 -17.36 46.28 -12.63
N ASP A 380 -17.65 47.06 -13.67
CA ASP A 380 -17.25 48.45 -13.70
C ASP A 380 -18.21 49.30 -12.86
N PHE A 381 -17.79 50.54 -12.59
CA PHE A 381 -18.58 51.40 -11.71
C PHE A 381 -19.80 51.95 -12.41
N ASP A 382 -19.64 52.37 -13.67
CA ASP A 382 -20.70 53.12 -14.35
C ASP A 382 -21.96 52.29 -14.49
N ASN A 383 -21.82 50.97 -14.63
CA ASN A 383 -22.98 50.12 -14.90
C ASN A 383 -23.79 49.88 -13.63
N CYS A 384 -23.16 50.01 -12.46
CA CYS A 384 -23.80 49.71 -11.18
C CYS A 384 -24.07 50.94 -10.33
N ARG A 385 -23.48 52.09 -10.67
CA ARG A 385 -23.73 53.31 -9.93
C ARG A 385 -25.22 53.66 -9.94
N ASP A 386 -25.92 53.29 -11.01
CA ASP A 386 -27.36 53.48 -11.07
C ASP A 386 -28.06 52.72 -9.94
N VAL A 387 -27.48 51.61 -9.49
CA VAL A 387 -28.09 50.83 -8.42
C VAL A 387 -27.90 51.55 -7.10
N SER A 388 -28.91 51.47 -6.23
CA SER A 388 -28.85 52.04 -4.90
C SER A 388 -28.69 51.00 -3.80
N ASP A 389 -28.75 49.70 -4.14
CA ASP A 389 -28.56 48.66 -3.14
C ASP A 389 -27.13 48.63 -2.62
N LEU A 390 -26.19 49.22 -3.37
CA LEU A 390 -24.78 49.06 -3.06
C LEU A 390 -24.40 49.73 -1.77
N LYS A 391 -23.45 49.13 -1.07
CA LYS A 391 -22.81 49.70 0.10
C LYS A 391 -21.32 49.43 0.00
N GLN A 392 -20.52 50.30 0.62
CA GLN A 392 -19.07 50.11 0.64
C GLN A 392 -18.72 48.75 1.21
N TYR A 393 -19.03 48.54 2.49
CA TYR A 393 -19.04 47.22 3.10
C TYR A 393 -19.59 47.39 4.51
N ASP A 394 -20.09 46.28 5.05
CA ASP A 394 -20.42 46.18 6.47
C ASP A 394 -19.13 46.10 7.29
N SER A 395 -18.41 47.21 7.29
CA SER A 395 -17.14 47.35 8.00
C SER A 395 -17.43 47.99 9.36
N ASP A 396 -17.59 47.14 10.37
CA ASP A 396 -17.98 47.61 11.69
C ASP A 396 -17.48 46.62 12.72
N GLU A 397 -17.57 47.00 13.99
CA GLU A 397 -17.16 46.09 15.04
C GLU A 397 -18.08 44.87 15.06
N PRO A 398 -17.60 43.71 15.48
CA PRO A 398 -18.46 42.54 15.55
C PRO A 398 -19.15 42.44 16.90
N GLU A 399 -19.89 41.34 17.06
CA GLU A 399 -20.64 41.12 18.28
C GLU A 399 -19.72 40.88 19.46
N LEU A 400 -20.05 41.49 20.59
CA LEU A 400 -19.37 41.22 21.84
C LEU A 400 -19.51 39.75 22.21
N ARG A 401 -18.63 39.29 23.09
CA ARG A 401 -18.74 37.96 23.68
C ARG A 401 -18.36 38.02 25.15
N SER A 402 -18.91 37.08 25.90
CA SER A 402 -18.64 36.94 27.32
C SER A 402 -17.76 35.72 27.55
N LEU A 403 -16.92 35.81 28.57
CA LEU A 403 -16.12 34.67 28.98
C LEU A 403 -17.03 33.58 29.52
N SER A 404 -16.61 32.33 29.29
CA SER A 404 -17.28 31.18 29.84
C SER A 404 -16.22 30.20 30.31
N SER A 405 -16.67 29.04 30.80
CA SER A 405 -15.78 28.07 31.42
C SER A 405 -15.16 27.11 30.43
N TRP A 406 -15.70 27.00 29.20
CA TRP A 406 -15.29 25.93 28.30
C TRP A 406 -13.82 26.03 27.93
N ILE A 407 -13.37 27.23 27.57
CA ILE A 407 -11.99 27.40 27.12
C ILE A 407 -11.03 27.09 28.25
N GLN A 408 -11.42 27.38 29.48
CA GLN A 408 -10.57 27.05 30.61
C GLN A 408 -10.39 25.54 30.72
N ASN A 409 -11.47 24.79 30.49
CA ASN A 409 -11.37 23.35 30.54
C ASN A 409 -10.52 22.83 29.41
N GLU A 410 -10.69 23.40 28.21
CA GLU A 410 -9.87 23.00 27.07
C GLU A 410 -8.39 23.23 27.37
N PHE A 411 -8.07 24.35 28.00
CA PHE A 411 -6.69 24.63 28.31
C PHE A 411 -6.14 23.67 29.34
N ASN A 412 -6.89 23.47 30.43
CA ASN A 412 -6.48 22.52 31.46
C ASN A 412 -6.20 21.15 30.87
N LYS A 413 -7.08 20.66 30.00
CA LYS A 413 -6.81 19.39 29.33
C LYS A 413 -5.59 19.49 28.43
N ALA A 414 -5.33 20.67 27.89
CA ALA A 414 -4.30 20.80 26.86
C ALA A 414 -2.92 20.99 27.46
N CYS A 415 -2.84 21.36 28.73
CA CYS A 415 -1.56 21.33 29.43
C CYS A 415 -1.22 19.93 29.91
N GLU A 416 -2.22 19.07 30.07
CA GLU A 416 -2.04 17.78 30.70
C GLU A 416 -1.15 16.86 29.87
N LEU A 417 -0.53 15.91 30.56
CA LEU A 417 0.35 14.94 29.91
C LEU A 417 -0.47 13.89 29.17
N THR A 418 -0.20 13.74 27.89
CA THR A 418 -0.60 12.54 27.19
C THR A 418 0.48 11.48 27.42
N ASP A 419 0.22 10.26 26.94
CA ASP A 419 1.06 9.13 27.31
C ASP A 419 2.25 8.96 26.36
N SER A 420 2.05 9.17 25.06
CA SER A 420 3.08 8.87 24.09
C SER A 420 4.23 9.88 24.19
N THR A 421 5.19 9.73 23.27
CA THR A 421 6.41 10.53 23.23
C THR A 421 6.30 11.70 22.27
N TRP A 422 5.71 11.49 21.09
CA TRP A 422 5.26 12.56 20.20
C TRP A 422 6.37 13.32 19.48
N ILE A 423 7.63 13.10 19.83
CA ILE A 423 8.71 13.76 19.12
C ILE A 423 10.02 13.07 19.45
N GLU A 424 10.83 12.87 18.42
CA GLU A 424 12.18 12.37 18.55
C GLU A 424 13.17 13.51 18.39
N LEU A 425 14.44 13.21 18.59
CA LEU A 425 15.47 14.23 18.39
C LEU A 425 16.81 13.54 18.18
N ASP A 426 17.54 13.99 17.16
CA ASP A 426 18.71 13.31 16.66
C ASP A 426 19.97 13.84 17.34
N GLU A 427 21.13 13.48 16.79
CA GLU A 427 22.43 13.81 17.35
C GLU A 427 23.08 14.97 16.59
N ILE A 428 24.03 15.59 17.27
CA ILE A 428 24.76 16.75 16.78
C ILE A 428 26.20 16.56 17.25
N GLY A 429 27.12 17.32 16.65
CA GLY A 429 28.53 17.30 16.99
C GLY A 429 28.81 17.29 18.47
N GLU A 430 29.94 16.73 18.84
CA GLU A 430 30.24 16.45 20.24
C GLU A 430 30.39 17.76 21.02
N ASP A 431 30.63 17.61 22.31
CA ASP A 431 30.65 18.72 23.26
C ASP A 431 32.00 18.75 23.97
N VAL A 432 32.74 19.83 23.75
CA VAL A 432 34.06 20.02 24.34
C VAL A 432 34.09 21.28 25.22
N ALA A 433 33.73 22.42 24.65
CA ALA A 433 33.72 23.66 25.38
C ALA A 433 32.64 23.64 26.46
N PRO A 434 32.72 24.52 27.46
CA PRO A 434 31.73 24.46 28.55
C PRO A 434 30.31 24.78 28.10
N ILE A 435 30.17 25.93 27.43
CA ILE A 435 28.86 26.44 27.01
C ILE A 435 28.12 25.40 26.19
N GLU A 436 28.86 24.55 25.47
CA GLU A 436 28.25 23.44 24.77
C GLU A 436 27.55 22.49 25.74
N TYR A 437 28.21 22.13 26.83
CA TYR A 437 27.61 21.22 27.80
C TYR A 437 26.36 21.84 28.42
N ILE A 438 26.44 23.12 28.76
CA ILE A 438 25.29 23.78 29.38
C ILE A 438 24.10 23.79 28.40
N ALA A 439 24.37 24.13 27.13
CA ALA A 439 23.31 24.10 26.13
C ALA A 439 22.72 22.70 26.01
N SER A 440 23.59 21.68 25.98
CA SER A 440 23.14 20.31 25.82
C SER A 440 22.21 19.90 26.95
N MET A 441 22.61 20.16 28.19
CA MET A 441 21.80 19.72 29.31
C MET A 441 20.48 20.47 29.35
N ARG A 442 20.51 21.77 29.04
CA ARG A 442 19.27 22.54 29.06
C ARG A 442 18.30 22.02 28.01
N ARG A 443 18.77 21.79 26.78
CA ARG A 443 17.85 21.34 25.74
C ARG A 443 17.35 19.93 26.01
N ASN A 444 18.20 19.08 26.59
CA ASN A 444 17.76 17.71 26.89
C ASN A 444 16.66 17.72 27.92
N TYR A 445 16.88 18.41 29.05
CA TYR A 445 15.83 18.62 30.04
C TYR A 445 14.55 19.11 29.37
N PHE A 446 14.69 20.11 28.50
CA PHE A 446 13.54 20.76 27.91
C PHE A 446 12.72 19.80 27.06
N THR A 447 13.37 19.17 26.09
CA THR A 447 12.64 18.34 25.15
C THR A 447 12.07 17.11 25.84
N ALA A 448 12.79 16.57 26.83
CA ALA A 448 12.27 15.42 27.55
C ALA A 448 11.03 15.79 28.32
N GLU A 449 11.00 17.00 28.88
CA GLU A 449 9.82 17.44 29.61
C GLU A 449 8.66 17.74 28.66
N VAL A 450 8.97 18.24 27.47
CA VAL A 450 7.92 18.74 26.59
C VAL A 450 7.27 17.60 25.82
N SER A 451 8.05 16.58 25.49
CA SER A 451 7.64 15.63 24.47
C SER A 451 6.36 14.91 24.84
N HIS A 452 6.12 14.71 26.14
CA HIS A 452 4.93 13.99 26.57
C HIS A 452 3.73 14.92 26.73
N CYS A 453 3.78 16.12 26.17
CA CYS A 453 2.65 17.04 26.22
C CYS A 453 1.54 16.60 25.27
N ARG A 454 0.36 17.18 25.49
CA ARG A 454 -0.68 17.21 24.47
C ARG A 454 -0.56 18.46 23.61
N ALA A 455 0.14 19.47 24.12
CA ALA A 455 0.46 20.62 23.30
C ALA A 455 1.31 20.21 22.11
N THR A 456 2.34 19.43 22.37
CA THR A 456 3.19 18.98 21.27
C THR A 456 2.41 18.10 20.31
N GLU A 457 1.42 17.39 20.83
CA GLU A 457 0.52 16.65 19.96
C GLU A 457 -0.21 17.61 19.02
N TYR A 458 -0.78 18.68 19.58
CA TYR A 458 -1.40 19.69 18.74
C TYR A 458 -0.41 20.27 17.76
N ILE A 459 0.85 20.36 18.17
CA ILE A 459 1.87 20.97 17.32
C ILE A 459 2.08 20.15 16.07
N MET A 460 2.42 18.87 16.25
CA MET A 460 2.69 18.04 15.09
C MET A 460 1.45 17.86 14.26
N LYS A 461 0.29 17.78 14.91
CA LYS A 461 -0.97 17.68 14.19
C LYS A 461 -1.17 18.90 13.30
N GLY A 462 -0.98 20.08 13.88
CA GLY A 462 -1.17 21.29 13.11
C GLY A 462 -0.18 21.40 11.98
N VAL A 463 1.07 21.03 12.24
CA VAL A 463 2.10 21.16 11.22
C VAL A 463 1.77 20.26 10.04
N TYR A 464 1.37 19.01 10.32
CA TYR A 464 1.09 18.10 9.23
C TYR A 464 -0.15 18.54 8.48
N ILE A 465 -1.15 19.03 9.20
CA ILE A 465 -2.37 19.51 8.58
C ILE A 465 -2.08 20.67 7.64
N ASN A 466 -1.29 21.64 8.11
CA ASN A 466 -1.05 22.83 7.32
C ASN A 466 -0.13 22.53 6.15
N THR A 467 0.87 21.68 6.35
CA THR A 467 1.73 21.28 5.24
C THR A 467 0.92 20.59 4.16
N ALA A 468 0.02 19.69 4.57
CA ALA A 468 -0.79 18.98 3.60
C ALA A 468 -1.67 19.95 2.84
N LEU A 469 -2.28 20.90 3.55
CA LEU A 469 -3.18 21.84 2.90
C LEU A 469 -2.42 22.76 1.96
N LEU A 470 -1.21 23.16 2.33
CA LEU A 470 -0.47 24.07 1.48
C LEU A 470 0.07 23.35 0.25
N ASN A 471 0.55 22.12 0.43
CA ASN A 471 0.90 21.29 -0.70
C ASN A 471 -0.27 21.17 -1.66
N ALA A 472 -1.45 20.88 -1.13
CA ALA A 472 -2.63 20.74 -1.98
C ALA A 472 -2.96 22.04 -2.69
N SER A 473 -3.08 23.13 -1.94
CA SER A 473 -3.56 24.38 -2.52
C SER A 473 -2.59 24.93 -3.55
N CYS A 474 -1.28 24.89 -3.27
CA CYS A 474 -0.31 25.30 -4.27
C CYS A 474 -0.31 24.34 -5.45
N ALA A 475 -0.64 23.07 -5.20
CA ALA A 475 -0.63 22.03 -6.23
C ALA A 475 -2.00 21.68 -6.77
N ALA A 476 -3.08 22.15 -6.15
CA ALA A 476 -4.41 21.72 -6.55
C ALA A 476 -5.43 22.71 -5.99
N MET A 477 -6.20 23.33 -6.90
CA MET A 477 -7.13 24.38 -6.55
C MET A 477 -8.56 24.03 -6.92
N ASP A 478 -8.78 23.46 -8.11
CA ASP A 478 -10.13 23.38 -8.66
C ASP A 478 -10.88 22.16 -8.16
N ASP A 479 -10.33 21.45 -7.18
CA ASP A 479 -10.82 20.13 -6.83
C ASP A 479 -11.00 19.96 -5.32
N PHE A 480 -12.21 19.61 -4.91
CA PHE A 480 -12.44 19.22 -3.53
C PHE A 480 -11.58 18.02 -3.20
N GLN A 481 -10.65 18.21 -2.28
CA GLN A 481 -9.70 17.18 -1.91
C GLN A 481 -10.07 16.58 -0.57
N LEU A 482 -9.86 15.28 -0.44
CA LEU A 482 -9.88 14.61 0.86
C LEU A 482 -8.45 14.59 1.35
N ILE A 483 -8.26 14.93 2.60
CA ILE A 483 -6.98 14.82 3.28
C ILE A 483 -7.27 14.35 4.70
N PRO A 484 -6.43 13.52 5.30
CA PRO A 484 -6.57 13.23 6.72
C PRO A 484 -5.83 14.23 7.58
N MET A 485 -6.24 14.30 8.85
CA MET A 485 -5.49 15.04 9.86
C MET A 485 -4.42 14.14 10.45
N ILE A 486 -3.62 13.57 9.57
CA ILE A 486 -2.74 12.46 9.89
C ILE A 486 -1.47 12.99 10.51
N SER A 487 -0.95 12.27 11.50
CA SER A 487 0.25 12.64 12.22
C SER A 487 1.05 11.39 12.56
N LYS A 488 2.37 11.52 12.51
CA LYS A 488 3.28 10.41 12.78
C LYS A 488 3.80 10.53 14.20
N CYS A 489 3.55 9.51 15.01
CA CYS A 489 4.00 9.47 16.39
C CYS A 489 4.64 8.13 16.68
N ARG A 490 5.81 8.15 17.31
CA ARG A 490 6.43 6.92 17.76
C ARG A 490 5.91 6.55 19.14
N THR A 491 5.44 5.32 19.27
CA THR A 491 5.04 4.81 20.56
C THR A 491 6.26 4.74 21.48
N LYS A 492 6.01 4.97 22.76
CA LYS A 492 7.09 4.92 23.75
C LYS A 492 7.75 3.55 23.80
N GLU A 493 7.04 2.50 23.39
CA GLU A 493 7.47 1.12 23.58
C GLU A 493 7.33 0.27 22.31
N GLY A 494 6.88 0.84 21.20
CA GLY A 494 6.70 0.10 19.96
C GLY A 494 7.32 0.77 18.74
N ARG A 495 6.58 0.76 17.64
CA ARG A 495 7.03 1.30 16.37
C ARG A 495 6.36 2.64 16.11
N ARG A 496 6.79 3.27 15.02
CA ARG A 496 6.12 4.46 14.51
C ARG A 496 4.65 4.19 14.26
N LYS A 497 3.80 5.13 14.67
CA LYS A 497 2.36 5.03 14.56
C LYS A 497 1.81 6.24 13.85
N THR A 498 1.15 6.00 12.72
CA THR A 498 0.39 7.01 12.00
C THR A 498 -1.02 7.05 12.57
N ASN A 499 -1.30 8.10 13.34
CA ASN A 499 -2.64 8.28 13.88
C ASN A 499 -3.52 9.02 12.88
N LEU A 500 -4.78 8.58 12.79
CA LEU A 500 -5.81 9.25 12.01
C LEU A 500 -6.69 9.99 12.99
N TYR A 501 -6.48 11.30 13.06
CA TYR A 501 -7.34 12.15 13.87
C TYR A 501 -8.69 12.34 13.20
N GLY A 502 -8.70 12.85 11.99
CA GLY A 502 -9.95 13.14 11.32
C GLY A 502 -9.72 13.47 9.88
N PHE A 503 -10.78 13.29 9.11
CA PHE A 503 -10.78 13.58 7.69
C PHE A 503 -10.92 15.07 7.47
N ILE A 504 -10.55 15.52 6.28
CA ILE A 504 -10.74 16.88 5.84
C ILE A 504 -11.33 16.82 4.44
N ILE A 505 -12.21 17.76 4.12
CA ILE A 505 -12.65 18.01 2.77
C ILE A 505 -12.27 19.42 2.41
N LYS A 506 -11.13 19.56 1.76
CA LYS A 506 -10.59 20.86 1.40
C LYS A 506 -11.43 21.49 0.32
N GLY A 507 -11.69 22.78 0.45
CA GLY A 507 -12.43 23.51 -0.55
C GLY A 507 -11.50 24.24 -1.50
N ARG A 508 -12.04 24.58 -2.66
CA ARG A 508 -11.21 25.05 -3.77
C ARG A 508 -10.49 26.34 -3.40
N SER A 509 -9.27 26.47 -3.90
CA SER A 509 -8.30 27.41 -3.37
C SER A 509 -7.43 27.97 -4.48
N HIS A 510 -7.80 29.15 -4.99
CA HIS A 510 -6.95 29.93 -5.88
C HIS A 510 -6.53 31.17 -5.11
N LEU A 511 -5.25 31.25 -4.77
CA LEU A 511 -4.72 32.27 -3.90
C LEU A 511 -3.99 33.32 -4.72
N ARG A 512 -4.74 34.32 -5.18
CA ARG A 512 -4.12 35.43 -5.90
C ARG A 512 -3.24 36.24 -4.97
N ASN A 513 -3.59 36.26 -3.69
CA ASN A 513 -2.73 36.82 -2.64
C ASN A 513 -2.68 35.85 -1.48
N ASP A 514 -1.61 35.95 -0.71
CA ASP A 514 -1.45 35.08 0.45
C ASP A 514 -2.50 35.36 1.51
N THR A 515 -2.98 36.60 1.59
CA THR A 515 -3.91 36.97 2.64
C THR A 515 -5.24 36.26 2.50
N ASP A 516 -5.60 35.87 1.28
CA ASP A 516 -6.93 35.35 0.97
C ASP A 516 -7.31 34.17 1.84
N VAL A 517 -8.60 34.05 2.15
CA VAL A 517 -9.11 32.91 2.88
C VAL A 517 -9.39 31.77 1.92
N VAL A 518 -9.19 30.57 2.41
CA VAL A 518 -9.66 29.34 1.76
C VAL A 518 -10.60 28.68 2.74
N ASN A 519 -11.73 28.21 2.24
CA ASN A 519 -12.75 27.58 3.08
C ASN A 519 -12.75 26.08 2.86
N PHE A 520 -13.25 25.36 3.84
CA PHE A 520 -13.30 23.91 3.75
C PHE A 520 -14.23 23.36 4.82
N VAL A 521 -14.26 22.03 4.87
CA VAL A 521 -15.02 21.28 5.87
C VAL A 521 -14.07 20.33 6.56
N SER A 522 -14.35 20.06 7.83
CA SER A 522 -13.46 19.31 8.68
C SER A 522 -14.25 18.32 9.51
N MET A 523 -13.83 17.06 9.47
CA MET A 523 -14.45 15.98 10.21
C MET A 523 -13.42 15.39 11.15
N GLU A 524 -13.67 15.57 12.45
CA GLU A 524 -12.81 15.02 13.48
C GLU A 524 -13.70 14.30 14.48
N PHE A 525 -13.38 13.03 14.71
CA PHE A 525 -14.24 12.16 15.50
C PHE A 525 -14.26 12.63 16.94
N SER A 526 -15.22 12.13 17.70
CA SER A 526 -15.43 12.60 19.06
C SER A 526 -16.24 11.61 19.88
N LEU A 527 -15.78 11.38 21.11
CA LEU A 527 -16.49 10.53 22.05
C LEU A 527 -17.47 11.34 22.89
N THR A 528 -16.98 12.38 23.54
CA THR A 528 -17.78 13.15 24.48
C THR A 528 -18.99 13.76 23.79
N ASP A 529 -20.11 13.65 24.45
CA ASP A 529 -21.33 14.11 23.80
C ASP A 529 -21.37 15.63 23.76
N PRO A 530 -22.11 16.20 22.82
CA PRO A 530 -22.54 17.59 22.99
C PRO A 530 -23.61 17.69 24.05
N ARG A 531 -24.23 18.87 24.11
CA ARG A 531 -25.35 19.27 24.99
C ARG A 531 -24.94 19.31 26.46
N LEU A 532 -23.72 18.90 26.81
CA LEU A 532 -23.13 19.20 28.10
C LEU A 532 -22.64 20.63 28.13
N GLU A 533 -22.20 21.15 26.99
CA GLU A 533 -21.63 22.48 26.86
C GLU A 533 -22.02 23.01 25.49
N PRO A 534 -23.32 23.22 25.24
CA PRO A 534 -23.74 23.65 23.90
C PRO A 534 -23.31 25.07 23.56
N HIS A 535 -22.81 25.81 24.54
CA HIS A 535 -22.29 27.14 24.28
C HIS A 535 -20.94 27.06 23.57
N LYS A 536 -20.17 26.00 23.83
CA LYS A 536 -18.82 25.88 23.28
C LYS A 536 -18.83 25.89 21.76
N TRP A 537 -19.86 25.32 21.16
CA TRP A 537 -20.05 25.33 19.72
C TRP A 537 -21.47 25.85 19.45
N GLU A 538 -21.53 26.97 18.75
CA GLU A 538 -22.74 27.33 18.03
C GLU A 538 -22.56 27.04 16.55
N LYS A 539 -21.47 26.36 16.21
CA LYS A 539 -20.99 26.33 14.84
C LYS A 539 -20.89 24.91 14.32
N TYR A 540 -20.63 23.96 15.20
CA TYR A 540 -20.51 22.56 14.81
C TYR A 540 -21.82 22.05 14.23
N CYS A 541 -21.78 20.85 13.65
CA CYS A 541 -22.97 20.14 13.19
C CYS A 541 -22.79 18.68 13.54
N VAL A 542 -23.24 18.29 14.72
CA VAL A 542 -22.84 17.00 15.24
C VAL A 542 -23.73 15.89 14.69
N LEU A 543 -23.09 14.82 14.23
CA LEU A 543 -23.73 13.61 13.79
C LEU A 543 -23.55 12.55 14.87
N GLU A 544 -24.35 11.50 14.79
CA GLU A 544 -24.11 10.28 15.54
C GLU A 544 -23.55 9.23 14.60
N ILE A 545 -22.53 8.52 15.06
CA ILE A 545 -21.90 7.47 14.27
C ILE A 545 -21.75 6.21 15.11
N GLY A 546 -22.60 6.06 16.10
CA GLY A 546 -22.70 4.79 16.79
C GLY A 546 -21.74 4.69 17.94
N ASP A 547 -21.40 3.46 18.29
CA ASP A 547 -20.70 3.16 19.52
C ASP A 547 -19.24 2.87 19.22
N MET A 548 -18.41 3.13 20.22
CA MET A 548 -17.06 2.60 20.27
C MET A 548 -16.92 1.93 21.60
N LEU A 549 -16.36 0.73 21.59
CA LEU A 549 -16.37 -0.13 22.76
C LEU A 549 -15.06 0.07 23.49
N LEU A 550 -15.00 1.15 24.26
CA LEU A 550 -13.84 1.40 25.11
C LEU A 550 -13.78 0.36 26.22
N ARG A 551 -12.55 0.05 26.65
CA ARG A 551 -12.28 -0.92 27.70
C ARG A 551 -11.68 -0.20 28.90
N SER A 552 -12.43 -0.15 29.99
CA SER A 552 -11.95 0.36 31.26
C SER A 552 -11.49 -0.82 32.12
N ALA A 553 -11.02 -0.51 33.34
CA ALA A 553 -10.48 -1.56 34.21
C ALA A 553 -11.53 -2.61 34.54
N ILE A 554 -12.78 -2.19 34.68
CA ILE A 554 -13.91 -3.09 34.93
C ILE A 554 -14.91 -2.92 33.80
N GLY A 555 -15.37 -4.03 33.25
CA GLY A 555 -16.40 -4.01 32.24
C GLY A 555 -15.97 -3.37 30.93
N GLN A 556 -16.95 -2.74 30.29
CA GLN A 556 -16.77 -2.11 28.99
C GLN A 556 -17.70 -0.91 28.92
N MET A 557 -17.19 0.20 28.38
CA MET A 557 -17.91 1.46 28.48
C MET A 557 -19.03 1.54 27.45
N SER A 558 -18.71 1.26 26.18
CA SER A 558 -19.71 1.27 25.11
C SER A 558 -20.39 2.63 25.00
N ARG A 559 -19.59 3.69 25.01
CA ARG A 559 -20.14 5.02 24.84
C ARG A 559 -20.44 5.26 23.36
N PRO A 560 -21.39 6.12 23.05
CA PRO A 560 -21.64 6.42 21.64
C PRO A 560 -20.49 7.19 21.05
N MET A 561 -20.58 7.40 19.75
CA MET A 561 -19.56 8.10 18.99
C MET A 561 -20.28 9.15 18.18
N PHE A 562 -19.83 10.39 18.29
CA PHE A 562 -20.37 11.49 17.51
C PHE A 562 -19.24 12.10 16.69
N LEU A 563 -19.64 12.85 15.69
CA LEU A 563 -18.72 13.44 14.73
C LEU A 563 -19.07 14.91 14.65
N TYR A 564 -18.05 15.76 14.53
CA TYR A 564 -18.24 17.21 14.48
C TYR A 564 -17.83 17.68 13.10
N VAL A 565 -18.76 17.59 12.15
CA VAL A 565 -18.52 18.08 10.82
C VAL A 565 -18.87 19.55 10.81
N ARG A 566 -17.94 20.34 11.30
CA ARG A 566 -18.02 21.78 11.14
C ARG A 566 -17.43 22.17 9.80
N THR A 567 -17.63 23.43 9.44
CA THR A 567 -16.96 24.04 8.30
C THR A 567 -15.99 25.08 8.83
N ASN A 568 -15.23 25.67 7.92
CA ASN A 568 -14.18 26.60 8.31
C ASN A 568 -13.59 27.30 7.11
N GLY A 569 -12.61 28.15 7.40
CA GLY A 569 -11.68 28.61 6.41
C GLY A 569 -10.49 29.31 7.02
N THR A 570 -9.27 28.89 6.66
CA THR A 570 -8.11 29.38 7.38
C THR A 570 -7.38 30.53 6.70
N SER A 571 -6.54 30.25 5.70
CA SER A 571 -5.74 31.26 5.00
C SER A 571 -4.66 30.54 4.19
N LYS A 572 -3.81 31.33 3.51
CA LYS A 572 -2.46 30.87 3.22
C LYS A 572 -1.52 31.17 4.39
N ILE A 573 -1.67 32.37 4.96
CA ILE A 573 -0.72 32.87 5.94
C ILE A 573 -0.77 32.04 7.21
N LYS A 574 -1.98 31.84 7.72
CA LYS A 574 -2.14 31.09 8.95
C LYS A 574 -1.67 29.66 8.76
N MET A 575 -1.79 29.14 7.54
CA MET A 575 -1.25 27.82 7.25
C MET A 575 0.26 27.81 7.36
N LYS A 576 0.92 28.84 6.82
CA LYS A 576 2.37 28.93 6.95
C LYS A 576 2.77 28.99 8.42
N TRP A 577 2.09 29.82 9.19
CA TRP A 577 2.55 30.05 10.55
C TRP A 577 2.12 28.92 11.47
N GLY A 578 1.18 28.09 11.01
CA GLY A 578 0.91 26.84 11.71
C GLY A 578 1.85 25.75 11.29
N MET A 579 2.47 25.90 10.12
CA MET A 579 3.55 25.00 9.75
C MET A 579 4.76 25.26 10.63
N GLU A 580 5.01 26.51 10.96
CA GLU A 580 6.18 26.90 11.73
C GLU A 580 5.85 27.03 13.21
N MET A 581 5.30 25.99 13.82
CA MET A 581 5.14 25.95 15.27
C MET A 581 6.30 25.27 15.97
N ARG A 582 7.19 24.62 15.25
CA ARG A 582 8.41 24.15 15.88
C ARG A 582 9.20 25.35 16.40
N ARG A 583 9.10 26.47 15.69
CA ARG A 583 9.61 27.73 16.18
C ARG A 583 8.97 28.11 17.51
N CYS A 584 7.69 27.78 17.68
CA CYS A 584 6.99 28.18 18.89
C CYS A 584 7.49 27.38 20.09
N LEU A 585 7.69 26.08 19.89
CA LEU A 585 8.39 25.26 20.87
C LEU A 585 9.75 25.85 21.24
N LEU A 586 10.55 26.15 20.22
CA LEU A 586 11.84 26.80 20.39
C LEU A 586 11.71 28.09 21.21
N GLN A 587 10.66 28.84 20.97
CA GLN A 587 10.48 30.12 21.64
C GLN A 587 10.18 29.91 23.11
N SER A 588 9.44 28.85 23.43
CA SER A 588 9.24 28.51 24.85
C SER A 588 10.58 28.23 25.51
N LEU A 589 11.45 27.48 24.81
CA LEU A 589 12.79 27.24 25.35
C LEU A 589 13.54 28.53 25.55
N GLN A 590 13.48 29.43 24.57
CA GLN A 590 14.13 30.73 24.69
C GLN A 590 13.68 31.46 25.94
N GLN A 591 12.38 31.40 26.23
CA GLN A 591 11.86 32.12 27.39
C GLN A 591 12.39 31.52 28.68
N ILE A 592 12.34 30.20 28.80
CA ILE A 592 12.83 29.55 30.01
C ILE A 592 14.31 29.84 30.21
N GLU A 593 15.08 29.76 29.13
CA GLU A 593 16.50 30.05 29.21
C GLU A 593 16.74 31.49 29.62
N SER A 594 15.88 32.41 29.19
CA SER A 594 16.01 33.79 29.60
C SER A 594 15.77 33.94 31.10
N MET A 595 14.74 33.27 31.60
CA MET A 595 14.50 33.25 33.04
C MET A 595 15.74 32.76 33.79
N ILE A 596 16.34 31.70 33.31
CA ILE A 596 17.43 31.09 34.06
C ILE A 596 18.68 31.94 33.96
N GLU A 597 18.90 32.60 32.82
CA GLU A 597 20.04 33.49 32.72
C GLU A 597 19.86 34.72 33.60
N ALA A 598 18.61 35.15 33.78
CA ALA A 598 18.36 36.23 34.73
C ALA A 598 18.71 35.79 36.15
N GLU A 599 18.22 34.61 36.54
CA GLU A 599 18.54 34.10 37.87
C GLU A 599 20.04 33.84 38.03
N SER A 600 20.74 33.64 36.90
CA SER A 600 22.18 33.45 36.93
C SER A 600 22.90 34.80 37.05
N SER A 601 22.28 35.87 36.58
CA SER A 601 22.88 37.19 36.73
C SER A 601 22.66 37.75 38.13
N VAL A 602 21.49 37.48 38.72
CA VAL A 602 21.23 37.97 40.08
C VAL A 602 21.98 37.13 41.10
N LYS A 603 22.25 35.87 40.77
CA LYS A 603 23.05 34.98 41.60
C LYS A 603 24.08 34.29 40.74
N GLU A 604 25.35 34.42 41.13
CA GLU A 604 26.47 33.90 40.36
C GLU A 604 26.60 32.38 40.41
N LYS A 605 25.68 31.68 41.07
CA LYS A 605 25.70 30.22 41.05
C LYS A 605 25.62 29.70 39.63
N ASP A 606 24.79 30.35 38.80
CA ASP A 606 24.69 30.02 37.37
C ASP A 606 24.23 28.59 37.17
N MET A 607 23.39 28.11 38.09
CA MET A 607 23.05 26.70 38.20
C MET A 607 21.72 26.43 37.52
N THR A 608 21.77 25.88 36.30
CA THR A 608 20.60 25.33 35.66
C THR A 608 20.00 24.19 36.48
N LYS A 609 20.87 23.25 36.89
CA LYS A 609 20.44 22.10 37.67
C LYS A 609 19.75 22.51 38.98
N GLU A 610 19.95 23.75 39.42
CA GLU A 610 19.30 24.23 40.64
C GLU A 610 17.79 24.19 40.51
N PHE A 611 17.27 24.30 39.29
CA PHE A 611 15.82 24.35 39.05
C PHE A 611 15.30 23.22 38.19
N PHE A 612 16.11 22.72 37.24
CA PHE A 612 15.57 21.87 36.17
C PHE A 612 14.97 20.57 36.72
N GLU A 613 15.55 20.03 37.79
CA GLU A 613 15.21 18.69 38.27
C GLU A 613 14.84 18.58 39.74
N ASN A 614 15.17 19.58 40.56
CA ASN A 614 14.95 19.45 42.00
C ASN A 614 13.47 19.39 42.31
N LYS A 615 13.13 18.63 43.35
CA LYS A 615 11.76 18.55 43.85
C LYS A 615 11.59 19.71 44.82
N SER A 616 11.15 20.85 44.29
CA SER A 616 11.03 22.07 45.07
C SER A 616 9.84 22.86 44.54
N GLU A 617 8.87 23.10 45.42
CA GLU A 617 7.68 23.87 45.06
C GLU A 617 8.09 25.34 45.02
N THR A 618 8.31 25.82 43.79
CA THR A 618 8.81 27.17 43.55
C THR A 618 8.03 27.92 42.49
N TRP A 619 7.06 27.30 41.84
CA TRP A 619 6.36 27.88 40.72
C TRP A 619 4.85 27.75 40.90
N PRO A 620 4.11 28.85 41.10
CA PRO A 620 2.64 28.76 41.13
C PRO A 620 2.02 28.97 39.76
N ILE A 621 1.17 28.04 39.33
CA ILE A 621 0.38 28.19 38.12
C ILE A 621 -1.08 27.84 38.31
N GLY A 622 -1.49 27.52 39.55
CA GLY A 622 -2.81 27.00 39.79
C GLY A 622 -3.55 27.82 40.84
N GLU A 623 -4.80 28.10 40.53
CA GLU A 623 -5.72 28.77 41.44
C GLU A 623 -6.87 27.80 41.76
N SER A 624 -7.05 27.55 43.05
CA SER A 624 -8.04 26.64 43.57
C SER A 624 -8.98 27.40 44.48
N PRO A 625 -10.14 26.84 44.82
CA PRO A 625 -11.01 27.49 45.81
C PRO A 625 -10.29 27.71 47.14
N LYS A 626 -10.08 28.98 47.47
CA LYS A 626 -9.43 29.38 48.70
C LYS A 626 -8.02 28.79 48.79
N GLY A 627 -7.35 28.69 47.65
CA GLY A 627 -6.00 28.13 47.64
C GLY A 627 -5.28 28.53 46.38
N VAL A 628 -3.96 28.38 46.44
CA VAL A 628 -3.08 28.52 45.28
C VAL A 628 -2.16 27.30 45.27
N GLU A 629 -2.07 26.66 44.11
CA GLU A 629 -1.23 25.49 43.98
C GLU A 629 0.14 25.91 43.46
N ASP A 630 1.14 25.10 43.80
CA ASP A 630 2.51 25.28 43.33
C ASP A 630 2.96 24.02 42.62
N GLY A 631 3.72 24.21 41.54
CA GLY A 631 4.20 23.10 40.75
C GLY A 631 5.68 23.27 40.47
N SER A 632 6.23 22.28 39.78
CA SER A 632 7.64 22.27 39.44
C SER A 632 7.84 22.80 38.03
N ILE A 633 9.10 22.78 37.58
CA ILE A 633 9.44 23.31 36.27
C ILE A 633 8.77 22.50 35.15
N GLY A 634 8.43 21.24 35.43
CA GLY A 634 7.80 20.43 34.41
C GLY A 634 6.47 20.99 33.95
N LYS A 635 5.55 21.14 34.88
CA LYS A 635 4.22 21.68 34.58
C LYS A 635 4.33 23.06 33.94
N VAL A 636 5.34 23.83 34.34
CA VAL A 636 5.44 25.21 33.89
C VAL A 636 5.98 25.29 32.48
N CYS A 637 6.97 24.45 32.16
CA CYS A 637 7.41 24.38 30.79
C CYS A 637 6.28 23.94 29.89
N ARG A 638 5.52 22.93 30.32
CA ARG A 638 4.32 22.51 29.60
C ARG A 638 3.38 23.67 29.37
N THR A 639 3.12 24.44 30.43
CA THR A 639 2.13 25.51 30.35
C THR A 639 2.58 26.64 29.44
N LEU A 640 3.83 27.08 29.60
CA LEU A 640 4.36 28.12 28.72
C LEU A 640 4.28 27.68 27.28
N LEU A 641 4.60 26.42 27.02
CA LEU A 641 4.46 25.92 25.67
C LEU A 641 3.03 26.05 25.18
N ALA A 642 2.08 25.51 25.94
CA ALA A 642 0.69 25.50 25.49
C ALA A 642 0.15 26.91 25.33
N LYS A 643 0.63 27.84 26.16
CA LYS A 643 0.26 29.23 25.98
C LYS A 643 0.73 29.72 24.63
N SER A 644 1.96 29.39 24.27
CA SER A 644 2.48 29.85 22.99
C SER A 644 1.76 29.16 21.83
N VAL A 645 1.38 27.90 22.04
CA VAL A 645 0.66 27.19 20.98
C VAL A 645 -0.71 27.83 20.76
N PHE A 646 -1.37 28.21 21.84
CA PHE A 646 -2.68 28.83 21.68
C PHE A 646 -2.55 30.22 21.11
N ASN A 647 -1.45 30.90 21.44
CA ASN A 647 -1.10 32.13 20.74
C ASN A 647 -1.00 31.87 19.25
N SER A 648 -0.48 30.70 18.88
CA SER A 648 -0.33 30.38 17.47
C SER A 648 -1.65 29.95 16.86
N LEU A 649 -2.61 29.55 17.70
CA LEU A 649 -3.89 29.06 17.19
C LEU A 649 -4.95 30.16 17.21
N TYR A 650 -5.03 30.90 18.31
CA TYR A 650 -5.95 32.01 18.47
C TYR A 650 -5.25 33.35 18.30
N ALA A 651 -4.27 33.42 17.41
CA ALA A 651 -3.65 34.69 17.11
C ALA A 651 -4.67 35.63 16.51
N SER A 652 -4.75 36.82 17.07
CA SER A 652 -5.76 37.77 16.67
C SER A 652 -5.39 39.12 17.25
N PRO A 653 -5.58 40.21 16.51
CA PRO A 653 -5.11 41.53 16.97
C PRO A 653 -5.54 41.89 18.38
N GLN A 654 -6.70 41.36 18.79
CA GLN A 654 -7.11 41.45 20.19
C GLN A 654 -6.00 40.98 21.12
N LEU A 655 -5.38 39.86 20.77
CA LEU A 655 -4.30 39.33 21.59
C LEU A 655 -3.13 40.30 21.66
N GLU A 656 -2.75 40.87 20.53
CA GLU A 656 -1.55 41.69 20.52
C GLU A 656 -1.77 42.99 21.29
N GLY A 657 -2.93 43.61 21.09
CA GLY A 657 -3.29 44.75 21.89
C GLY A 657 -3.26 44.45 23.38
N PHE A 658 -3.95 43.37 23.79
CA PHE A 658 -3.93 42.96 25.18
C PHE A 658 -2.51 42.75 25.65
N SER A 659 -1.68 42.15 24.81
CA SER A 659 -0.34 41.79 25.24
C SER A 659 0.45 43.04 25.58
N ALA A 660 0.42 44.03 24.69
CA ALA A 660 1.13 45.28 24.96
C ALA A 660 0.61 45.94 26.23
N GLU A 661 -0.70 45.97 26.39
CA GLU A 661 -1.29 46.80 27.44
C GLU A 661 -1.17 46.12 28.81
N SER A 662 -1.47 44.82 28.87
CA SER A 662 -1.19 44.05 30.06
C SER A 662 0.29 44.07 30.39
N ARG A 663 1.16 44.12 29.37
CA ARG A 663 2.60 44.17 29.63
C ARG A 663 2.95 45.43 30.37
N LYS A 664 2.48 46.58 29.86
CA LYS A 664 2.80 47.85 30.48
C LYS A 664 2.23 47.93 31.89
N LEU A 665 0.98 47.50 32.06
CA LEU A 665 0.37 47.61 33.38
C LEU A 665 1.01 46.65 34.38
N LEU A 666 1.34 45.43 33.95
CA LEU A 666 2.00 44.47 34.84
C LEU A 666 3.38 44.96 35.23
N LEU A 667 4.08 45.58 34.29
CA LEU A 667 5.36 46.17 34.60
C LEU A 667 5.20 47.24 35.67
N VAL A 668 4.18 48.08 35.52
CA VAL A 668 3.89 49.09 36.53
C VAL A 668 3.56 48.43 37.87
N VAL A 669 2.91 47.28 37.82
CA VAL A 669 2.47 46.63 39.06
C VAL A 669 3.65 45.97 39.76
N GLN A 670 4.61 45.46 39.00
CA GLN A 670 5.85 44.99 39.60
C GLN A 670 6.60 46.15 40.20
N ALA A 671 6.64 47.27 39.48
CA ALA A 671 7.28 48.47 40.00
C ALA A 671 6.62 48.91 41.31
N LEU A 672 5.31 48.70 41.41
CA LEU A 672 4.59 49.04 42.62
C LEU A 672 4.89 48.06 43.75
N ARG A 673 4.79 46.77 43.46
CA ARG A 673 4.87 45.76 44.50
C ARG A 673 6.27 45.70 45.11
N ASP A 674 7.30 46.13 44.38
CA ASP A 674 8.64 46.23 44.92
C ASP A 674 8.93 47.60 45.52
N ASN A 675 7.90 48.43 45.71
CA ASN A 675 8.03 49.70 46.42
C ASN A 675 8.93 50.67 45.67
N LEU A 676 8.74 50.75 44.36
CA LEU A 676 9.55 51.62 43.51
C LEU A 676 8.85 52.92 43.14
N GLU A 677 7.87 53.35 43.94
CA GLU A 677 7.16 54.61 43.80
C GLU A 677 6.71 54.91 42.38
N PRO A 678 6.00 53.99 41.72
CA PRO A 678 5.64 54.22 40.32
C PRO A 678 4.56 55.27 40.19
N GLY A 679 4.49 55.84 39.01
CA GLY A 679 3.45 56.80 38.67
C GLY A 679 2.93 56.56 37.28
N THR A 680 1.68 56.94 37.06
CA THR A 680 1.06 56.89 35.75
C THR A 680 0.22 58.14 35.56
N PHE A 681 0.33 58.75 34.39
CA PHE A 681 -0.35 60.01 34.14
C PHE A 681 -1.82 59.78 33.83
N ASP A 682 -2.11 58.96 32.82
CA ASP A 682 -3.47 58.58 32.44
C ASP A 682 -3.61 57.07 32.46
N LEU A 683 -4.52 56.58 33.29
CA LEU A 683 -4.70 55.16 33.55
C LEU A 683 -5.96 54.60 32.95
N GLU A 684 -7.07 55.35 33.05
CA GLU A 684 -8.32 54.90 32.45
C GLU A 684 -8.18 54.78 30.94
N GLY A 685 -7.21 55.47 30.35
CA GLY A 685 -6.86 55.20 28.96
C GLY A 685 -6.40 53.78 28.75
N LEU A 686 -5.55 53.28 29.65
CA LEU A 686 -5.15 51.88 29.57
C LEU A 686 -6.35 50.98 29.70
N TYR A 687 -7.25 51.30 30.62
CA TYR A 687 -8.35 50.40 30.89
C TYR A 687 -9.33 50.38 29.72
N GLU A 688 -9.63 51.55 29.14
CA GLU A 688 -10.56 51.58 28.03
C GLU A 688 -9.93 50.94 26.80
N ALA A 689 -8.62 51.08 26.62
CA ALA A 689 -8.00 50.48 25.45
C ALA A 689 -7.96 48.96 25.58
N ILE A 690 -7.66 48.46 26.78
CA ILE A 690 -7.79 47.04 27.03
C ILE A 690 -9.21 46.58 26.71
N GLU A 691 -10.21 47.25 27.28
CA GLU A 691 -11.61 46.90 27.00
C GLU A 691 -11.92 47.01 25.52
N GLU A 692 -11.19 47.85 24.80
CA GLU A 692 -11.34 47.93 23.36
C GLU A 692 -10.83 46.66 22.70
N CYS A 693 -9.76 46.11 23.25
CA CYS A 693 -9.10 44.98 22.60
C CYS A 693 -9.66 43.64 23.06
N LEU A 694 -10.62 43.65 23.98
CA LEU A 694 -11.19 42.42 24.53
C LEU A 694 -12.43 41.97 23.78
N ILE A 695 -12.53 42.25 22.49
CA ILE A 695 -13.81 42.23 21.78
C ILE A 695 -14.54 40.91 21.94
N ASN A 696 -13.97 39.83 21.41
CA ASN A 696 -14.67 38.55 21.40
C ASN A 696 -13.79 37.33 21.64
N ASP A 697 -12.48 37.46 21.62
CA ASP A 697 -11.64 36.27 21.54
C ASP A 697 -11.58 35.58 22.89
N PRO A 698 -11.97 34.30 22.98
CA PRO A 698 -11.97 33.63 24.30
C PRO A 698 -10.61 33.56 24.95
N TRP A 699 -9.58 33.31 24.17
CA TRP A 699 -8.24 33.25 24.75
C TRP A 699 -7.84 34.58 25.33
N VAL A 700 -8.14 35.65 24.60
CA VAL A 700 -7.96 36.99 25.13
C VAL A 700 -8.74 37.15 26.41
N LEU A 701 -10.00 36.70 26.40
CA LEU A 701 -10.86 36.84 27.55
C LEU A 701 -10.30 36.11 28.76
N LEU A 702 -9.71 34.95 28.52
CA LEU A 702 -9.24 34.14 29.64
C LEU A 702 -7.95 34.71 30.18
N ASN A 703 -7.13 35.29 29.30
CA ASN A 703 -5.96 36.01 29.78
C ASN A 703 -6.39 37.20 30.60
N ALA A 704 -7.57 37.74 30.30
CA ALA A 704 -8.05 38.90 31.05
C ALA A 704 -8.61 38.49 32.40
N SER A 705 -9.38 37.41 32.46
CA SER A 705 -9.84 36.93 33.75
C SER A 705 -8.66 36.47 34.60
N TRP A 706 -7.62 35.96 33.95
CA TRP A 706 -6.42 35.58 34.66
C TRP A 706 -5.72 36.80 35.22
N PHE A 707 -5.61 37.85 34.42
CA PHE A 707 -5.13 39.13 34.90
C PHE A 707 -5.92 39.57 36.12
N ASN A 708 -7.24 39.47 36.05
CA ASN A 708 -8.10 39.92 37.14
C ASN A 708 -7.80 39.17 38.43
N SER A 709 -7.86 37.84 38.37
CA SER A 709 -7.63 37.05 39.57
C SER A 709 -6.19 37.20 40.04
N PHE A 710 -5.28 37.54 39.13
CA PHE A 710 -3.92 37.83 39.54
C PHE A 710 -3.86 39.09 40.37
N LEU A 711 -4.53 40.15 39.90
CA LEU A 711 -4.62 41.37 40.69
C LEU A 711 -5.17 41.08 42.07
N THR A 712 -6.19 40.23 42.12
CA THR A 712 -6.86 39.98 43.40
C THR A 712 -5.96 39.19 44.34
N HIS A 713 -5.30 38.15 43.85
CA HIS A 713 -4.51 37.30 44.73
C HIS A 713 -3.15 37.90 45.02
N ALA A 714 -2.58 38.61 44.06
CA ALA A 714 -1.42 39.45 44.35
C ALA A 714 -1.79 40.52 45.36
N LEU A 715 -3.01 41.05 45.26
CA LEU A 715 -3.41 42.30 45.89
C LEU A 715 -2.52 43.45 45.43
N ARG A 716 -1.87 43.30 44.27
CA ARG A 716 -0.91 44.25 43.75
C ARG A 716 0.21 44.50 44.75
N MET B 1 -9.89 21.84 39.33
CA MET B 1 -8.79 22.83 39.49
C MET B 1 -8.66 23.73 38.26
N ASP B 2 -8.40 25.00 38.51
CA ASP B 2 -8.11 25.98 37.47
C ASP B 2 -6.61 26.20 37.37
N VAL B 3 -6.20 26.85 36.29
CA VAL B 3 -4.79 27.04 35.97
C VAL B 3 -4.58 28.46 35.45
N ASN B 4 -3.36 28.96 35.63
CA ASN B 4 -3.02 30.32 35.23
C ASN B 4 -1.51 30.51 35.10
N PRO B 5 -1.00 31.04 33.98
CA PRO B 5 0.40 31.47 33.95
C PRO B 5 0.64 32.85 34.54
N THR B 6 -0.44 33.56 34.88
CA THR B 6 -0.26 34.89 35.40
C THR B 6 0.34 34.88 36.80
N LEU B 7 0.18 33.79 37.54
CA LEU B 7 0.68 33.74 38.91
C LEU B 7 2.15 33.32 38.99
N LEU B 8 2.65 32.53 38.03
CA LEU B 8 4.10 32.50 37.87
C LEU B 8 4.61 33.88 37.54
N PHE B 9 3.81 34.67 36.82
CA PHE B 9 4.24 36.04 36.58
C PHE B 9 4.05 36.92 37.80
N LEU B 10 3.23 36.51 38.76
CA LEU B 10 3.09 37.22 40.02
C LEU B 10 4.41 37.19 40.75
N LYS B 11 4.85 35.98 41.14
CA LYS B 11 6.06 35.87 41.93
C LYS B 11 7.28 36.34 41.14
N VAL B 12 7.43 35.84 39.94
CA VAL B 12 8.66 36.01 39.18
C VAL B 12 8.88 37.49 38.88
N PRO B 13 10.11 37.99 38.79
CA PRO B 13 10.29 39.39 38.39
C PRO B 13 9.77 39.60 36.98
N ALA B 14 9.18 40.78 36.78
CA ALA B 14 8.45 41.03 35.55
C ALA B 14 9.40 41.12 34.36
N GLN B 15 10.51 41.82 34.53
CA GLN B 15 11.39 42.08 33.40
C GLN B 15 12.06 40.81 32.91
N ASN B 16 12.37 39.89 33.83
CA ASN B 16 12.98 38.63 33.43
C ASN B 16 11.98 37.75 32.72
N ALA B 17 10.76 37.65 33.26
CA ALA B 17 9.69 36.86 32.69
C ALA B 17 8.88 37.65 31.66
N ILE B 18 9.40 38.79 31.22
CA ILE B 18 8.63 39.69 30.37
C ILE B 18 8.28 39.02 29.05
N SER B 19 9.09 38.06 28.62
CA SER B 19 8.86 37.42 27.34
C SER B 19 7.53 36.67 27.33
N THR B 20 7.02 36.32 28.51
CA THR B 20 5.70 35.70 28.58
C THR B 20 4.62 36.66 28.09
N THR B 21 4.88 37.96 28.13
CA THR B 21 4.00 38.93 27.47
C THR B 21 4.46 39.23 26.06
N PHE B 22 5.33 38.37 25.55
CA PHE B 22 5.76 38.51 24.18
C PHE B 22 4.91 37.44 23.53
N PRO B 23 3.85 37.85 22.83
CA PRO B 23 2.97 36.83 22.26
C PRO B 23 3.23 36.55 20.79
N TYR B 24 4.31 37.07 20.23
CA TYR B 24 4.54 36.86 18.81
C TYR B 24 5.24 35.56 18.35
N THR B 25 4.58 34.43 18.57
CA THR B 25 5.05 33.15 18.05
C THR B 25 4.05 32.63 16.99
N GLY B 26 3.12 33.48 16.55
CA GLY B 26 2.08 33.13 15.61
C GLY B 26 2.00 34.22 14.57
N ASP B 27 1.30 33.94 13.48
CA ASP B 27 1.20 34.89 12.39
C ASP B 27 0.64 36.24 12.84
N PRO B 28 1.20 37.35 12.33
CA PRO B 28 0.67 38.68 12.69
C PRO B 28 -0.71 38.91 12.08
N PRO B 29 -1.49 39.83 12.63
CA PRO B 29 -2.84 39.96 12.10
C PRO B 29 -2.97 40.34 10.62
N TYR B 30 -2.16 41.30 10.13
CA TYR B 30 -2.13 41.81 8.72
C TYR B 30 -3.33 42.74 8.40
N SER B 31 -3.36 43.27 7.18
CA SER B 31 -4.47 44.10 6.76
C SER B 31 -5.10 43.48 5.52
N HIS B 32 -6.14 42.67 5.69
CA HIS B 32 -6.78 42.02 4.55
C HIS B 32 -7.38 43.07 3.65
N GLY B 33 -8.04 44.04 4.27
CA GLY B 33 -8.68 45.14 3.57
C GLY B 33 -7.66 46.19 3.16
N THR B 34 -8.02 47.00 2.17
CA THR B 34 -7.14 48.06 1.72
C THR B 34 -6.99 49.07 2.86
N GLY B 35 -5.81 49.65 2.98
CA GLY B 35 -5.09 50.58 3.82
C GLY B 35 -5.54 52.04 3.73
N THR B 36 -6.30 52.39 2.68
CA THR B 36 -6.74 53.75 2.48
C THR B 36 -7.55 54.28 3.66
N GLY B 37 -8.44 53.48 4.25
CA GLY B 37 -9.18 54.01 5.38
C GLY B 37 -8.27 54.41 6.53
N TYR B 38 -7.30 53.56 6.86
CA TYR B 38 -6.34 53.89 7.91
C TYR B 38 -5.50 55.10 7.51
N THR B 39 -5.18 55.21 6.22
CA THR B 39 -4.44 56.37 5.72
C THR B 39 -5.24 57.64 5.95
N MET B 40 -6.50 57.62 5.53
CA MET B 40 -7.38 58.77 5.71
C MET B 40 -7.48 59.13 7.18
N ASP B 41 -7.53 58.14 8.06
CA ASP B 41 -7.65 58.43 9.48
C ASP B 41 -6.38 59.05 10.01
N THR B 42 -5.23 58.57 9.56
CA THR B 42 -3.96 59.16 10.00
C THR B 42 -3.84 60.60 9.54
N VAL B 43 -4.23 60.86 8.29
CA VAL B 43 -4.14 62.22 7.77
C VAL B 43 -5.13 63.13 8.50
N ASN B 44 -6.33 62.63 8.74
CA ASN B 44 -7.31 63.35 9.53
C ASN B 44 -6.75 63.68 10.90
N ARG B 45 -6.05 62.73 11.51
CA ARG B 45 -5.56 62.92 12.86
C ARG B 45 -4.47 63.97 12.89
N THR B 46 -3.51 63.89 11.98
CA THR B 46 -2.41 64.86 11.99
C THR B 46 -2.91 66.26 11.63
N HIS B 47 -3.83 66.37 10.67
CA HIS B 47 -4.35 67.68 10.32
C HIS B 47 -5.23 68.23 11.44
N GLN B 48 -5.82 67.36 12.24
CA GLN B 48 -6.50 67.80 13.45
C GLN B 48 -5.49 68.22 14.50
N TYR B 49 -4.31 67.61 14.51
CA TYR B 49 -3.29 67.95 15.50
C TYR B 49 -2.76 69.35 15.26
N SER B 50 -2.78 69.81 14.02
CA SER B 50 -2.26 71.11 13.62
C SER B 50 -3.34 72.05 13.14
N GLU B 51 -4.59 71.87 13.59
CA GLU B 51 -5.69 72.68 13.09
C GLU B 51 -5.52 74.15 13.44
N LYS B 52 -4.88 74.43 14.57
CA LYS B 52 -4.58 75.82 14.92
C LYS B 52 -3.63 76.43 13.91
N GLY B 53 -2.72 75.62 13.37
CA GLY B 53 -1.78 76.12 12.39
C GLY B 53 -2.48 76.56 11.12
N LYS B 54 -2.06 77.71 10.60
CA LYS B 54 -2.54 78.19 9.32
C LYS B 54 -1.92 77.36 8.19
N TRP B 55 -2.59 77.39 7.05
CA TRP B 55 -2.07 76.80 5.82
C TRP B 55 -2.22 77.79 4.69
N THR B 56 -1.32 77.71 3.72
CA THR B 56 -1.42 78.46 2.47
C THR B 56 -1.14 77.51 1.31
N THR B 57 -1.81 77.72 0.20
CA THR B 57 -1.67 76.82 -0.93
C THR B 57 -0.28 76.96 -1.54
N ASN B 58 0.27 75.84 -1.98
CA ASN B 58 1.54 75.84 -2.66
C ASN B 58 1.38 76.23 -4.12
N THR B 59 2.40 76.87 -4.66
CA THR B 59 2.36 77.29 -6.06
C THR B 59 2.48 76.08 -6.97
N GLU B 60 1.67 76.06 -8.03
CA GLU B 60 1.70 75.07 -9.10
C GLU B 60 1.12 73.71 -8.69
N THR B 61 0.76 73.53 -7.43
CA THR B 61 0.23 72.27 -6.94
C THR B 61 -1.28 72.28 -6.79
N GLY B 62 -1.84 73.40 -6.34
CA GLY B 62 -3.24 73.47 -6.01
C GLY B 62 -3.58 72.94 -4.64
N ALA B 63 -2.57 72.67 -3.81
CA ALA B 63 -2.72 71.85 -2.63
C ALA B 63 -2.54 72.69 -1.37
N PRO B 64 -3.44 72.61 -0.39
CA PRO B 64 -3.16 73.23 0.90
C PRO B 64 -2.02 72.52 1.61
N GLN B 65 -1.04 73.30 2.06
CA GLN B 65 0.04 72.81 2.91
C GLN B 65 0.04 73.61 4.20
N LEU B 66 0.07 72.91 5.33
CA LEU B 66 0.01 73.52 6.64
C LEU B 66 1.40 73.61 7.24
N ASN B 67 1.72 74.77 7.84
CA ASN B 67 2.99 75.01 8.48
C ASN B 67 2.73 75.22 9.97
N PRO B 68 2.87 74.23 10.82
CA PRO B 68 2.50 74.42 12.22
C PRO B 68 3.44 75.36 12.96
N ILE B 69 4.69 75.45 12.50
CA ILE B 69 5.70 76.18 13.25
C ILE B 69 5.36 77.65 13.24
N ASP B 70 5.70 78.34 14.34
CA ASP B 70 5.23 79.67 14.69
C ASP B 70 3.73 79.70 14.93
N GLY B 71 3.07 78.56 15.07
CA GLY B 71 1.73 78.52 15.55
C GLY B 71 1.67 78.91 17.00
N PRO B 72 0.46 78.95 17.55
CA PRO B 72 0.30 79.32 18.95
C PRO B 72 0.87 78.23 19.86
N LEU B 73 0.90 78.57 21.14
CA LEU B 73 1.17 77.56 22.14
C LEU B 73 -0.10 76.71 22.33
N PRO B 74 0.03 75.40 22.53
CA PRO B 74 -1.16 74.56 22.65
C PRO B 74 -2.00 74.95 23.85
N GLU B 75 -3.27 74.54 23.82
CA GLU B 75 -4.20 74.94 24.88
C GLU B 75 -4.29 73.86 25.95
N ASP B 76 -4.36 72.60 25.53
CA ASP B 76 -4.68 71.48 26.40
C ASP B 76 -3.60 70.42 26.28
N ASN B 77 -3.55 69.56 27.29
CA ASN B 77 -2.56 68.50 27.34
C ASN B 77 -2.72 67.48 26.23
N GLU B 78 -3.87 67.45 25.56
CA GLU B 78 -4.03 66.63 24.38
C GLU B 78 -2.93 67.00 23.38
N PRO B 79 -2.28 66.04 22.72
CA PRO B 79 -1.06 66.36 21.97
C PRO B 79 -1.36 67.26 20.78
N SER B 80 -0.32 67.94 20.30
CA SER B 80 -0.42 68.83 19.15
C SER B 80 0.98 69.21 18.71
N GLY B 81 1.22 69.17 17.41
CA GLY B 81 2.55 69.41 16.88
C GLY B 81 2.87 70.87 16.72
N TYR B 82 2.80 71.64 17.80
CA TYR B 82 3.13 73.05 17.80
C TYR B 82 4.53 73.25 18.38
N ALA B 83 5.37 73.95 17.62
CA ALA B 83 6.75 74.17 18.03
C ALA B 83 7.20 75.55 17.56
N GLN B 84 8.42 75.91 17.95
CA GLN B 84 9.03 77.17 17.62
C GLN B 84 10.46 76.90 17.20
N THR B 85 10.85 77.41 16.03
CA THR B 85 12.16 77.11 15.47
C THR B 85 13.29 77.56 16.39
N ASP B 86 13.07 78.63 17.15
CA ASP B 86 14.11 79.16 18.01
C ASP B 86 14.53 78.13 19.04
N CYS B 87 13.58 77.34 19.54
CA CYS B 87 13.91 76.26 20.45
C CYS B 87 14.87 75.30 19.80
N VAL B 88 14.62 74.97 18.54
CA VAL B 88 15.46 74.01 17.83
C VAL B 88 16.85 74.57 17.67
N LEU B 89 16.95 75.86 17.32
CA LEU B 89 18.26 76.43 17.06
C LEU B 89 19.07 76.55 18.34
N GLU B 90 18.45 77.01 19.43
CA GLU B 90 19.20 77.09 20.67
C GLU B 90 19.57 75.71 21.18
N ALA B 91 18.73 74.71 20.91
CA ALA B 91 19.08 73.34 21.26
C ALA B 91 20.34 72.91 20.54
N MET B 92 20.38 73.08 19.22
CA MET B 92 21.55 72.68 18.47
C MET B 92 22.78 73.49 18.88
N ALA B 93 22.56 74.75 19.26
CA ALA B 93 23.69 75.58 19.68
C ALA B 93 24.29 75.03 20.97
N PHE B 94 23.43 74.72 21.95
CA PHE B 94 23.92 74.10 23.17
C PHE B 94 24.58 72.77 22.88
N LEU B 95 24.08 72.05 21.88
CA LEU B 95 24.67 70.77 21.52
C LEU B 95 26.10 70.93 21.03
N GLU B 96 26.29 71.80 20.03
CA GLU B 96 27.63 72.02 19.50
C GLU B 96 28.56 72.59 20.54
N GLU B 97 28.02 73.44 21.43
CA GLU B 97 28.83 73.94 22.53
C GLU B 97 29.26 72.79 23.44
N SER B 98 28.38 71.81 23.63
CA SER B 98 28.72 70.66 24.45
C SER B 98 29.72 69.76 23.73
N HIS B 99 29.49 69.52 22.44
CA HIS B 99 30.28 68.58 21.64
C HIS B 99 31.01 69.41 20.57
N PRO B 100 32.12 70.04 20.91
CA PRO B 100 32.80 70.88 19.93
C PRO B 100 33.54 70.05 18.89
N GLY B 101 33.56 70.57 17.66
CA GLY B 101 34.25 69.93 16.56
C GLY B 101 33.54 68.75 15.96
N ILE B 102 32.49 68.25 16.60
CA ILE B 102 31.79 67.07 16.10
C ILE B 102 31.08 67.38 14.78
N PHE B 103 30.50 68.59 14.68
CA PHE B 103 29.75 68.96 13.49
C PHE B 103 30.66 69.02 12.27
N GLU B 104 31.79 69.71 12.39
CA GLU B 104 32.68 69.88 11.25
C GLU B 104 33.27 68.53 10.83
N ASN B 105 33.58 67.67 11.77
CA ASN B 105 34.16 66.37 11.43
C ASN B 105 33.14 65.52 10.69
N SER B 106 31.90 65.47 11.18
CA SER B 106 30.88 64.73 10.46
C SER B 106 30.62 65.35 9.10
N CYS B 107 30.73 66.67 9.01
CA CYS B 107 30.54 67.35 7.74
C CYS B 107 31.62 66.94 6.74
N LEU B 108 32.87 66.85 7.19
CA LEU B 108 33.96 66.44 6.31
C LEU B 108 33.79 64.99 5.89
N GLU B 109 33.30 64.15 6.80
CA GLU B 109 33.00 62.77 6.41
C GLU B 109 31.92 62.74 5.35
N THR B 110 30.96 63.65 5.44
CA THR B 110 29.93 63.72 4.41
C THR B 110 30.53 64.19 3.09
N MET B 111 31.48 65.12 3.15
CA MET B 111 32.13 65.59 1.93
C MET B 111 32.86 64.46 1.24
N GLU B 112 33.68 63.72 1.99
CA GLU B 112 34.46 62.66 1.36
C GLU B 112 33.57 61.55 0.85
N VAL B 113 32.48 61.24 1.55
CA VAL B 113 31.61 60.17 1.06
C VAL B 113 30.88 60.61 -0.20
N VAL B 114 30.39 61.84 -0.24
CA VAL B 114 29.68 62.28 -1.45
C VAL B 114 30.65 62.34 -2.62
N GLN B 115 31.93 62.63 -2.34
CA GLN B 115 32.90 62.63 -3.43
C GLN B 115 33.22 61.21 -3.88
N GLN B 116 33.21 60.26 -2.95
CA GLN B 116 33.58 58.88 -3.31
C GLN B 116 32.37 58.05 -3.70
N THR B 117 31.16 58.45 -3.28
CA THR B 117 29.97 57.63 -3.48
C THR B 117 29.71 57.36 -4.95
N ARG B 118 28.84 56.38 -5.21
CA ARG B 118 28.49 56.04 -6.58
C ARG B 118 27.05 55.52 -6.60
N VAL B 119 26.40 55.72 -7.74
CA VAL B 119 25.01 55.34 -7.93
C VAL B 119 24.77 53.85 -7.69
N ASP B 120 25.80 53.03 -7.83
CA ASP B 120 25.65 51.58 -7.78
C ASP B 120 25.10 51.07 -6.45
N ARG B 121 25.19 51.87 -5.38
CA ARG B 121 24.82 51.37 -4.06
C ARG B 121 23.31 51.46 -3.81
N LEU B 122 22.67 52.54 -4.26
CA LEU B 122 21.28 52.79 -3.89
C LEU B 122 20.36 51.72 -4.43
N THR B 123 20.66 51.17 -5.61
CA THR B 123 19.73 50.26 -6.29
C THR B 123 19.51 48.96 -5.52
N GLN B 124 20.36 48.64 -4.54
CA GLN B 124 20.15 47.47 -3.69
C GLN B 124 19.23 47.85 -2.53
N GLY B 125 18.01 48.22 -2.90
CA GLY B 125 16.95 48.49 -1.94
C GLY B 125 15.80 47.52 -2.14
N ARG B 126 14.72 47.80 -1.43
CA ARG B 126 13.51 46.98 -1.48
C ARG B 126 12.32 47.90 -1.66
N GLN B 127 11.62 47.73 -2.78
CA GLN B 127 10.34 48.37 -3.03
C GLN B 127 10.42 49.88 -2.90
N THR B 128 11.26 50.47 -3.75
CA THR B 128 11.14 51.88 -4.05
C THR B 128 9.97 52.09 -5.01
N TYR B 129 9.31 53.24 -4.88
CA TYR B 129 8.12 53.51 -5.67
C TYR B 129 8.51 54.04 -7.05
N ASP B 130 8.09 53.33 -8.09
CA ASP B 130 8.21 53.81 -9.46
C ASP B 130 7.02 54.68 -9.81
N TRP B 131 7.24 55.59 -10.76
CA TRP B 131 6.22 56.56 -11.16
C TRP B 131 5.54 56.20 -12.47
N THR B 132 6.19 55.40 -13.32
CA THR B 132 5.59 55.01 -14.60
C THR B 132 4.32 54.20 -14.38
N LEU B 133 4.47 53.00 -13.82
CA LEU B 133 3.30 52.16 -13.56
C LEU B 133 2.44 52.68 -12.43
N ASN B 134 2.92 53.64 -11.66
CA ASN B 134 2.19 54.19 -10.52
C ASN B 134 1.89 53.08 -9.51
N ARG B 135 2.95 52.45 -9.04
CA ARG B 135 2.86 51.30 -8.14
C ARG B 135 4.26 51.00 -7.65
N ASN B 136 4.34 50.48 -6.43
CA ASN B 136 5.63 50.15 -5.86
C ASN B 136 6.22 48.92 -6.54
N GLN B 137 7.49 49.03 -6.94
CA GLN B 137 8.19 47.99 -7.67
C GLN B 137 9.62 47.85 -7.15
N PRO B 138 10.37 46.84 -7.58
CA PRO B 138 11.77 46.72 -7.13
C PRO B 138 12.64 47.91 -7.49
N ALA B 139 13.88 47.90 -7.00
CA ALA B 139 14.80 49.02 -7.15
C ALA B 139 15.67 48.93 -8.39
N ALA B 140 16.02 47.72 -8.82
CA ALA B 140 16.83 47.58 -10.04
C ALA B 140 16.04 48.05 -11.25
N THR B 141 14.81 47.56 -11.40
CA THR B 141 13.92 48.07 -12.42
C THR B 141 13.71 49.56 -12.28
N ALA B 142 13.69 50.07 -11.04
CA ALA B 142 13.53 51.50 -10.82
C ALA B 142 14.70 52.27 -11.40
N LEU B 143 15.93 51.81 -11.11
CA LEU B 143 17.11 52.50 -11.62
C LEU B 143 17.14 52.44 -13.14
N ALA B 144 16.85 51.28 -13.71
CA ALA B 144 16.77 51.17 -15.17
C ALA B 144 15.74 52.16 -15.73
N ASN B 145 14.59 52.26 -15.08
CA ASN B 145 13.54 53.16 -15.52
C ASN B 145 14.02 54.60 -15.54
N THR B 146 14.60 55.05 -14.43
CA THR B 146 14.97 56.46 -14.36
C THR B 146 16.12 56.78 -15.29
N ILE B 147 17.10 55.87 -15.45
CA ILE B 147 18.22 56.18 -16.33
C ILE B 147 17.76 56.19 -17.78
N GLU B 148 16.82 55.33 -18.16
CA GLU B 148 16.33 55.37 -19.53
C GLU B 148 15.50 56.63 -19.80
N VAL B 149 14.62 57.00 -18.86
CA VAL B 149 13.86 58.23 -19.03
C VAL B 149 14.79 59.43 -19.07
N PHE B 150 15.92 59.35 -18.36
CA PHE B 150 16.89 60.43 -18.38
C PHE B 150 17.65 60.48 -19.68
N ARG B 151 17.97 59.30 -20.23
CA ARG B 151 18.53 59.24 -21.58
C ARG B 151 17.58 59.89 -22.57
N SER B 152 16.27 59.72 -22.38
CA SER B 152 15.31 60.46 -23.18
C SER B 152 15.36 61.95 -22.87
N ASN B 153 15.59 62.30 -21.61
CA ASN B 153 15.71 63.70 -21.24
C ASN B 153 17.01 64.29 -21.79
N GLY B 154 17.11 65.61 -21.72
CA GLY B 154 18.29 66.30 -22.19
C GLY B 154 19.52 66.14 -21.32
N LEU B 155 19.40 65.49 -20.16
CA LEU B 155 20.52 65.33 -19.25
C LEU B 155 21.29 64.05 -19.56
N THR B 156 22.50 63.97 -18.99
CA THR B 156 23.45 62.92 -19.36
C THR B 156 24.18 62.37 -18.14
N ALA B 157 23.57 62.44 -16.96
CA ALA B 157 24.28 62.05 -15.75
C ALA B 157 24.29 60.54 -15.54
N ASN B 158 23.29 59.83 -16.06
CA ASN B 158 23.30 58.38 -15.97
C ASN B 158 24.54 57.78 -16.63
N GLU B 159 25.11 58.46 -17.62
CA GLU B 159 26.36 58.02 -18.22
C GLU B 159 27.55 58.39 -17.35
N SER B 160 27.40 59.41 -16.49
CA SER B 160 28.52 59.88 -15.69
C SER B 160 29.01 58.81 -14.72
N GLY B 161 28.08 58.07 -14.11
CA GLY B 161 28.40 57.09 -13.10
C GLY B 161 28.45 57.64 -11.69
N ARG B 162 28.77 58.92 -11.53
CA ARG B 162 28.70 59.57 -10.24
C ARG B 162 27.24 59.79 -9.84
N LEU B 163 27.03 60.36 -8.67
CA LEU B 163 25.73 60.36 -8.00
C LEU B 163 25.16 61.74 -7.73
N ILE B 164 26.00 62.71 -7.35
CA ILE B 164 25.46 64.00 -6.98
C ILE B 164 25.10 64.79 -8.24
N ASP B 165 25.92 64.66 -9.28
CA ASP B 165 25.52 65.13 -10.60
C ASP B 165 24.23 64.46 -11.05
N PHE B 166 24.06 63.18 -10.71
CA PHE B 166 22.83 62.48 -11.05
C PHE B 166 21.65 63.12 -10.34
N LEU B 167 21.77 63.35 -9.04
CA LEU B 167 20.70 64.03 -8.30
C LEU B 167 20.43 65.42 -8.87
N LYS B 168 21.50 66.12 -9.24
CA LYS B 168 21.37 67.48 -9.77
C LYS B 168 20.60 67.48 -11.08
N ASP B 169 20.89 66.52 -11.95
CA ASP B 169 20.21 66.48 -13.25
C ASP B 169 18.80 65.92 -13.11
N VAL B 170 18.58 65.03 -12.12
CA VAL B 170 17.23 64.69 -11.72
C VAL B 170 16.47 65.96 -11.43
N MET B 171 17.09 66.85 -10.65
CA MET B 171 16.45 68.10 -10.28
C MET B 171 16.21 68.99 -11.51
N GLU B 172 17.19 69.04 -12.40
CA GLU B 172 17.07 69.91 -13.58
C GLU B 172 15.90 69.48 -14.45
N SER B 173 15.88 68.22 -14.88
CA SER B 173 14.76 67.75 -15.68
C SER B 173 13.47 67.70 -14.88
N MET B 174 13.57 67.59 -13.55
CA MET B 174 12.38 67.69 -12.70
C MET B 174 11.78 69.08 -12.81
N ASP B 175 12.61 70.09 -13.04
CA ASP B 175 12.11 71.44 -13.29
C ASP B 175 11.59 71.63 -14.71
N LYS B 176 11.79 70.66 -15.60
CA LYS B 176 11.27 70.75 -16.95
C LYS B 176 9.74 70.69 -16.93
N GLU B 177 9.13 71.26 -17.97
CA GLU B 177 7.68 71.33 -18.08
C GLU B 177 7.07 70.15 -18.83
N GLU B 178 7.88 69.18 -19.25
CA GLU B 178 7.39 68.06 -20.03
C GLU B 178 8.50 67.01 -20.10
N MET B 179 8.09 65.75 -20.18
CA MET B 179 9.04 64.63 -20.21
C MET B 179 8.89 63.85 -21.51
N ARG B 211 6.03 62.77 -21.07
CA ARG B 211 4.81 63.25 -21.70
C ARG B 211 3.86 63.80 -20.64
N VAL B 212 4.42 64.47 -19.64
CA VAL B 212 3.70 64.83 -18.42
C VAL B 212 4.04 66.27 -18.07
N ASN B 213 3.01 67.11 -17.96
CA ASN B 213 3.21 68.53 -17.72
C ASN B 213 3.84 68.77 -16.34
N LYS B 214 4.22 70.02 -16.12
CA LYS B 214 5.02 70.37 -14.94
C LYS B 214 4.26 70.12 -13.65
N ARG B 215 3.02 70.60 -13.57
CA ARG B 215 2.24 70.43 -12.33
C ARG B 215 1.96 68.96 -12.07
N SER B 216 1.45 68.26 -13.07
CA SER B 216 1.22 66.83 -12.91
C SER B 216 2.52 66.09 -12.60
N TYR B 217 3.64 66.54 -13.16
CA TYR B 217 4.89 65.83 -12.93
C TYR B 217 5.42 66.07 -11.53
N LEU B 218 5.27 67.29 -10.99
CA LEU B 218 5.72 67.53 -9.63
C LEU B 218 4.82 66.86 -8.62
N ILE B 219 3.54 66.69 -8.95
CA ILE B 219 2.69 65.89 -8.08
C ILE B 219 3.05 64.41 -8.19
N ARG B 220 3.52 63.97 -9.36
CA ARG B 220 3.86 62.56 -9.56
C ARG B 220 5.21 62.21 -8.96
N ALA B 221 6.12 63.16 -8.88
CA ALA B 221 7.44 62.89 -8.33
C ALA B 221 7.40 62.89 -6.81
N LEU B 222 6.66 63.82 -6.22
CA LEU B 222 6.49 63.89 -4.78
C LEU B 222 5.56 62.82 -4.25
N THR B 223 4.94 62.03 -5.11
CA THR B 223 3.93 61.08 -4.67
C THR B 223 4.58 59.95 -3.87
N LEU B 224 3.84 59.46 -2.87
CA LEU B 224 4.33 58.44 -1.95
C LEU B 224 3.22 57.44 -1.69
N ASN B 225 3.47 56.19 -2.07
CA ASN B 225 2.50 55.12 -1.91
C ASN B 225 2.07 54.99 -0.45
N THR B 226 0.86 54.44 -0.25
CA THR B 226 0.28 54.35 1.09
C THR B 226 0.61 53.01 1.74
N MET B 227 0.20 51.89 1.14
CA MET B 227 0.81 50.58 1.37
C MET B 227 0.76 50.18 2.86
N THR B 228 -0.46 49.80 3.28
CA THR B 228 -0.76 49.45 4.68
C THR B 228 0.34 48.66 5.37
N LYS B 229 0.54 48.89 6.65
CA LYS B 229 1.60 48.19 7.36
C LYS B 229 1.22 46.73 7.49
N ASP B 230 2.22 45.88 7.35
CA ASP B 230 2.10 44.45 7.57
C ASP B 230 3.11 44.05 8.63
N ALA B 231 2.72 43.08 9.45
CA ALA B 231 3.54 42.55 10.53
C ALA B 231 3.71 43.53 11.69
N GLU B 232 2.80 44.49 11.85
CA GLU B 232 2.85 45.37 13.00
C GLU B 232 2.47 44.57 14.22
N ARG B 233 3.47 44.22 15.01
CA ARG B 233 3.29 43.40 16.20
C ARG B 233 3.09 44.32 17.40
N GLY B 234 1.94 44.21 18.04
CA GLY B 234 1.70 44.84 19.31
C GLY B 234 0.69 45.95 19.27
N LYS B 235 -0.30 45.84 18.38
CA LYS B 235 -1.35 46.83 18.24
C LYS B 235 -2.67 46.12 17.97
N LEU B 236 -3.69 46.90 17.66
CA LEU B 236 -5.01 46.43 17.25
C LEU B 236 -5.42 46.98 15.90
N LYS B 237 -5.17 48.25 15.65
CA LYS B 237 -5.37 48.90 14.36
C LYS B 237 -4.00 49.19 13.76
N ARG B 238 -4.00 49.63 12.51
CA ARG B 238 -2.82 49.59 11.68
C ARG B 238 -2.30 50.99 11.39
N ARG B 239 -0.98 51.09 11.33
CA ARG B 239 -0.28 52.36 11.21
C ARG B 239 -0.24 52.88 9.78
N ALA B 240 -0.33 51.99 8.80
CA ALA B 240 -0.28 52.37 7.39
C ALA B 240 1.05 53.07 7.05
N ILE B 241 2.12 52.29 7.12
CA ILE B 241 3.43 52.79 6.75
C ILE B 241 3.42 53.16 5.28
N ALA B 242 3.75 54.41 4.99
CA ALA B 242 3.93 54.87 3.62
C ALA B 242 5.40 55.00 3.32
N THR B 243 5.76 54.74 2.06
CA THR B 243 7.13 54.58 1.64
C THR B 243 7.48 55.58 0.54
N PRO B 244 8.74 56.04 0.45
CA PRO B 244 9.09 57.02 -0.57
C PRO B 244 9.54 56.40 -1.87
N GLY B 245 9.87 57.26 -2.84
CA GLY B 245 10.40 56.82 -4.11
C GLY B 245 11.92 56.99 -4.17
N MET B 246 12.48 56.46 -5.26
CA MET B 246 13.93 56.44 -5.43
C MET B 246 14.52 57.85 -5.49
N GLN B 247 13.78 58.80 -6.04
CA GLN B 247 14.39 60.10 -6.36
C GLN B 247 14.74 60.87 -5.10
N ILE B 248 13.92 60.75 -4.06
CA ILE B 248 14.23 61.31 -2.76
C ILE B 248 15.14 60.39 -1.96
N ARG B 249 15.30 59.14 -2.41
CA ARG B 249 16.02 58.15 -1.61
C ARG B 249 17.48 58.52 -1.44
N GLY B 250 18.09 59.09 -2.48
CA GLY B 250 19.49 59.45 -2.37
C GLY B 250 19.70 60.65 -1.47
N PHE B 251 18.76 61.59 -1.47
CA PHE B 251 18.86 62.74 -0.58
C PHE B 251 18.76 62.29 0.86
N VAL B 252 17.79 61.42 1.15
CA VAL B 252 17.69 60.91 2.51
C VAL B 252 18.90 60.03 2.82
N TYR B 253 19.50 59.41 1.81
CA TYR B 253 20.69 58.60 2.04
C TYR B 253 21.84 59.48 2.50
N PHE B 254 22.06 60.59 1.82
CA PHE B 254 23.13 61.51 2.21
C PHE B 254 22.89 62.07 3.60
N VAL B 255 21.67 62.55 3.87
CA VAL B 255 21.43 63.18 5.15
C VAL B 255 21.46 62.14 6.27
N GLU B 256 21.06 60.90 5.98
CA GLU B 256 21.14 59.85 6.98
C GLU B 256 22.58 59.40 7.17
N THR B 257 23.42 59.56 6.15
CA THR B 257 24.83 59.29 6.34
C THR B 257 25.45 60.32 7.27
N LEU B 258 25.08 61.59 7.09
CA LEU B 258 25.47 62.62 8.05
C LEU B 258 24.98 62.26 9.44
N ALA B 259 23.72 61.84 9.54
CA ALA B 259 23.15 61.51 10.83
C ALA B 259 23.86 60.32 11.46
N ARG B 260 24.26 59.36 10.62
CA ARG B 260 24.98 58.20 11.13
C ARG B 260 26.34 58.62 11.65
N SER B 261 27.01 59.52 10.95
CA SER B 261 28.30 60.00 11.41
C SER B 261 28.17 60.76 12.72
N ILE B 262 27.25 61.71 12.77
CA ILE B 262 27.12 62.57 13.94
C ILE B 262 26.62 61.76 15.13
N CYS B 263 25.78 60.76 14.90
CA CYS B 263 25.32 59.92 15.99
C CYS B 263 26.37 58.92 16.43
N GLU B 264 27.24 58.51 15.51
CA GLU B 264 28.37 57.67 15.89
C GLU B 264 29.31 58.43 16.81
N LYS B 265 29.58 59.70 16.49
CA LYS B 265 30.37 60.53 17.38
C LYS B 265 29.58 60.95 18.62
N LEU B 266 28.27 60.79 18.62
CA LEU B 266 27.48 61.01 19.82
C LEU B 266 27.55 59.80 20.72
N GLU B 267 27.10 60.01 21.96
CA GLU B 267 27.07 58.99 22.99
C GLU B 267 25.65 58.69 23.46
N GLN B 268 24.66 59.45 23.00
CA GLN B 268 23.30 59.33 23.45
C GLN B 268 22.38 58.69 22.41
N SER B 269 22.84 58.50 21.18
CA SER B 269 22.03 57.83 20.20
C SER B 269 21.86 56.36 20.56
N GLY B 270 20.82 55.75 20.00
CA GLY B 270 20.52 54.35 20.22
C GLY B 270 20.42 53.54 18.94
N LEU B 271 20.09 54.21 17.83
CA LEU B 271 19.85 53.49 16.58
C LEU B 271 21.14 53.00 15.95
N PRO B 272 22.10 53.86 15.57
CA PRO B 272 23.28 53.33 14.86
C PRO B 272 24.16 52.50 15.75
N VAL B 273 24.31 52.91 17.02
CA VAL B 273 24.93 52.04 18.01
C VAL B 273 24.04 50.82 18.14
N GLY B 274 24.65 49.63 18.21
CA GLY B 274 23.89 48.41 18.14
C GLY B 274 24.64 47.25 18.74
N GLY B 275 23.96 46.11 18.78
CA GLY B 275 24.51 44.92 19.36
C GLY B 275 24.83 45.11 20.83
N ASN B 276 25.84 44.37 21.29
CA ASN B 276 26.21 44.44 22.69
C ASN B 276 26.87 45.77 23.05
N GLU B 277 27.39 46.50 22.06
CA GLU B 277 27.87 47.85 22.33
C GLU B 277 26.71 48.76 22.73
N LYS B 278 25.59 48.70 21.99
CA LYS B 278 24.38 49.40 22.40
C LYS B 278 23.91 48.93 23.76
N LYS B 279 23.92 47.61 23.97
CA LYS B 279 23.54 47.04 25.25
C LYS B 279 24.35 47.63 26.39
N ALA B 280 25.64 47.86 26.14
CA ALA B 280 26.51 48.48 27.12
C ALA B 280 26.28 49.97 27.23
N LYS B 281 25.87 50.61 26.14
CA LYS B 281 25.65 52.06 26.16
C LYS B 281 24.50 52.41 27.07
N LEU B 282 23.43 51.63 26.99
CA LEU B 282 22.31 51.77 27.92
C LEU B 282 22.79 51.75 29.36
N ALA B 283 23.47 50.66 29.73
CA ALA B 283 23.98 50.51 31.09
C ALA B 283 24.94 51.62 31.46
N ASN B 284 25.69 52.13 30.48
CA ASN B 284 26.69 53.15 30.76
C ASN B 284 26.05 54.50 31.07
N VAL B 285 25.00 54.86 30.33
CA VAL B 285 24.36 56.14 30.62
C VAL B 285 23.65 56.08 31.96
N VAL B 286 23.01 54.95 32.26
CA VAL B 286 22.38 54.86 33.58
C VAL B 286 23.44 54.84 34.67
N ARG B 287 24.61 54.26 34.40
CA ARG B 287 25.71 54.36 35.35
C ARG B 287 26.09 55.82 35.58
N LYS B 288 26.31 56.54 34.48
CA LYS B 288 26.80 57.91 34.55
C LYS B 288 25.86 58.83 35.30
N MET B 289 24.55 58.58 35.20
CA MET B 289 23.56 59.46 35.82
C MET B 289 23.01 58.93 37.14
N MET B 290 23.15 57.64 37.42
CA MET B 290 22.62 57.07 38.65
C MET B 290 23.57 57.25 39.81
N THR B 291 24.88 57.38 39.53
CA THR B 291 25.84 57.76 40.54
C THR B 291 25.39 59.03 41.23
N ASN B 292 25.10 58.92 42.52
CA ASN B 292 24.42 59.98 43.27
C ASN B 292 25.38 60.48 44.34
N SER B 293 26.24 61.41 43.93
CA SER B 293 27.09 62.12 44.87
C SER B 293 26.24 63.12 45.62
N GLN B 294 26.42 63.17 46.94
CA GLN B 294 25.60 64.01 47.80
C GLN B 294 24.13 63.66 47.63
N ASP B 295 23.81 62.38 47.81
CA ASP B 295 22.47 61.88 47.55
C ASP B 295 21.49 62.32 48.64
N THR B 296 21.24 63.62 48.71
CA THR B 296 20.15 64.16 49.51
C THR B 296 18.88 64.35 48.70
N GLU B 297 18.83 63.82 47.48
CA GLU B 297 17.76 64.07 46.54
C GLU B 297 17.23 62.75 46.03
N LEU B 298 15.90 62.64 45.98
CA LEU B 298 15.29 61.46 45.39
C LEU B 298 15.37 61.55 43.87
N SER B 299 15.21 60.41 43.22
CA SER B 299 15.46 60.30 41.79
C SER B 299 14.49 59.32 41.18
N PHE B 300 13.87 59.72 40.07
CA PHE B 300 13.03 58.86 39.25
C PHE B 300 13.57 58.89 37.82
N THR B 301 13.22 57.86 37.05
CA THR B 301 13.82 57.63 35.74
C THR B 301 12.72 57.15 34.78
N ILE B 302 12.18 58.08 34.01
CA ILE B 302 11.06 57.77 33.14
C ILE B 302 11.50 56.82 32.03
N THR B 303 10.54 56.05 31.53
CA THR B 303 10.62 55.42 30.22
C THR B 303 9.31 55.71 29.48
N GLY B 304 9.18 55.14 28.31
CA GLY B 304 7.90 55.17 27.62
C GLY B 304 8.06 55.15 26.12
N ASP B 305 7.07 55.77 25.47
CA ASP B 305 6.98 55.80 24.02
C ASP B 305 6.31 57.12 23.67
N ASN B 306 6.97 57.90 22.84
CA ASN B 306 6.48 59.22 22.47
C ASN B 306 5.50 59.05 21.34
N THR B 307 4.21 59.13 21.66
CA THR B 307 3.18 58.89 20.66
C THR B 307 3.28 59.90 19.53
N LYS B 308 2.75 59.51 18.38
CA LYS B 308 2.56 60.41 17.25
C LYS B 308 3.89 60.99 16.79
N TRP B 309 4.94 60.18 16.90
CA TRP B 309 6.26 60.63 16.49
C TRP B 309 6.30 60.99 15.02
N ASN B 310 5.72 60.15 14.19
CA ASN B 310 5.73 60.40 12.76
C ASN B 310 4.74 61.46 12.34
N GLU B 311 3.92 61.96 13.27
CA GLU B 311 2.90 62.96 12.97
C GLU B 311 3.26 64.34 13.47
N ASN B 312 3.53 64.47 14.76
CA ASN B 312 3.71 65.78 15.36
C ASN B 312 5.03 66.44 14.99
N GLN B 313 6.00 65.67 14.50
CA GLN B 313 7.23 66.27 14.01
C GLN B 313 6.96 66.93 12.66
N ASN B 314 8.01 67.50 12.06
CA ASN B 314 7.83 68.36 10.91
C ASN B 314 9.14 68.47 10.16
N PRO B 315 9.12 68.69 8.84
CA PRO B 315 10.39 68.88 8.12
C PRO B 315 10.97 70.26 8.25
N ARG B 316 10.18 71.25 8.66
CA ARG B 316 10.71 72.60 8.82
C ARG B 316 11.80 72.62 9.88
N MET B 317 11.56 71.97 11.01
CA MET B 317 12.57 71.87 12.03
C MET B 317 13.79 71.14 11.51
N PHE B 318 13.59 70.13 10.66
CA PHE B 318 14.71 69.41 10.09
C PHE B 318 15.55 70.30 9.20
N LEU B 319 14.90 71.12 8.37
CA LEU B 319 15.62 72.02 7.49
C LEU B 319 16.41 73.03 8.31
N ALA B 320 15.80 73.54 9.38
CA ALA B 320 16.49 74.48 10.24
C ALA B 320 17.71 73.85 10.88
N MET B 321 17.53 72.65 11.42
CA MET B 321 18.65 71.88 11.96
C MET B 321 19.75 71.72 10.94
N ILE B 322 19.38 71.35 9.71
CA ILE B 322 20.35 71.10 8.65
C ILE B 322 21.15 72.36 8.38
N THR B 323 20.45 73.49 8.25
CA THR B 323 21.12 74.75 8.01
C THR B 323 22.09 75.08 9.13
N TYR B 324 21.72 74.76 10.37
CA TYR B 324 22.63 75.05 11.48
C TYR B 324 23.77 74.06 11.58
N ILE B 325 23.60 72.86 11.04
CA ILE B 325 24.54 71.79 11.30
C ILE B 325 25.78 71.94 10.42
N THR B 326 25.58 72.34 9.17
CA THR B 326 26.67 72.50 8.22
C THR B 326 27.12 73.96 8.11
N LYS B 327 27.15 74.65 9.25
CA LYS B 327 27.74 75.98 9.33
C LYS B 327 29.17 75.98 8.81
N ASN B 328 29.51 77.02 8.05
CA ASN B 328 30.89 77.25 7.60
C ASN B 328 31.37 76.11 6.70
N GLN B 329 30.63 75.90 5.60
CA GLN B 329 30.87 74.77 4.72
C GLN B 329 30.63 75.17 3.26
N PRO B 330 30.95 74.32 2.30
CA PRO B 330 30.63 74.63 0.90
C PRO B 330 29.14 74.81 0.70
N GLU B 331 28.77 75.94 0.08
CA GLU B 331 27.36 76.30 -0.06
C GLU B 331 26.58 75.25 -0.83
N TRP B 332 27.20 74.70 -1.87
CA TRP B 332 26.54 73.65 -2.66
C TRP B 332 26.20 72.44 -1.80
N PHE B 333 27.07 72.10 -0.85
CA PHE B 333 26.75 70.99 0.05
C PHE B 333 25.54 71.34 0.92
N ARG B 334 25.49 72.58 1.40
CA ARG B 334 24.33 73.05 2.18
C ARG B 334 23.05 72.82 1.38
N ASN B 335 23.08 73.16 0.10
CA ASN B 335 21.87 73.07 -0.71
C ASN B 335 21.50 71.60 -0.97
N VAL B 336 22.47 70.81 -1.41
CA VAL B 336 22.19 69.44 -1.79
C VAL B 336 21.84 68.58 -0.58
N LEU B 337 22.07 69.07 0.64
CA LEU B 337 21.58 68.39 1.84
C LEU B 337 20.35 69.05 2.44
N SER B 338 20.02 70.28 2.05
CA SER B 338 18.75 70.87 2.45
C SER B 338 17.60 70.44 1.55
N ILE B 339 17.88 69.84 0.40
CA ILE B 339 16.79 69.52 -0.52
C ILE B 339 15.86 68.42 0.02
N ALA B 340 16.26 67.66 1.04
CA ALA B 340 15.35 66.60 1.48
C ALA B 340 14.21 67.16 2.31
N PRO B 341 14.47 67.92 3.38
CA PRO B 341 13.36 68.44 4.19
C PRO B 341 12.37 69.31 3.44
N ILE B 342 12.75 69.94 2.33
CA ILE B 342 11.80 70.79 1.62
C ILE B 342 10.75 69.95 0.90
N MET B 343 11.19 68.88 0.23
CA MET B 343 10.23 68.01 -0.43
C MET B 343 9.52 67.12 0.58
N PHE B 344 10.11 66.92 1.76
CA PHE B 344 9.28 66.49 2.89
C PHE B 344 8.21 67.52 3.19
N SER B 345 8.58 68.79 3.15
CA SER B 345 7.71 69.91 3.50
C SER B 345 6.56 70.09 2.52
N ASN B 346 6.60 69.42 1.38
CA ASN B 346 5.42 69.36 0.53
C ASN B 346 5.38 68.01 -0.13
N LYS B 347 4.38 67.21 0.21
CA LYS B 347 4.24 65.87 -0.32
C LYS B 347 2.76 65.54 -0.46
N MET B 348 2.42 64.89 -1.56
CA MET B 348 1.07 64.44 -1.84
C MET B 348 1.09 62.92 -1.97
N ALA B 349 0.94 62.24 -0.83
CA ALA B 349 0.81 60.79 -0.88
C ALA B 349 -0.52 60.40 -1.47
N ARG B 350 -0.56 59.19 -2.01
CA ARG B 350 -1.80 58.64 -2.57
C ARG B 350 -2.70 58.25 -1.41
N LEU B 351 -3.80 57.56 -1.73
CA LEU B 351 -4.69 56.98 -0.76
C LEU B 351 -4.71 55.46 -0.79
N GLY B 352 -4.41 54.86 -1.93
CA GLY B 352 -4.29 53.43 -2.05
C GLY B 352 -5.10 52.93 -3.23
N LYS B 353 -5.73 51.77 -3.06
CA LYS B 353 -6.57 51.21 -4.11
C LYS B 353 -7.88 51.95 -4.20
N GLY B 354 -8.63 52.00 -3.10
CA GLY B 354 -10.00 52.45 -3.09
C GLY B 354 -10.82 51.50 -2.25
N TYR B 355 -12.08 51.29 -2.62
CA TYR B 355 -12.99 50.42 -1.89
C TYR B 355 -13.55 49.37 -2.84
N MET B 356 -14.40 48.49 -2.29
CA MET B 356 -15.09 47.46 -3.06
C MET B 356 -16.53 47.44 -2.58
N PHE B 357 -17.40 48.17 -3.26
CA PHE B 357 -18.79 48.21 -2.87
C PHE B 357 -19.47 46.90 -3.25
N GLU B 358 -20.65 46.65 -2.67
CA GLU B 358 -21.33 45.40 -2.89
C GLU B 358 -22.84 45.58 -2.77
N SER B 359 -23.57 44.89 -3.64
CA SER B 359 -25.02 44.85 -3.54
C SER B 359 -25.43 43.76 -2.56
N LYS B 360 -26.44 44.04 -1.74
CA LYS B 360 -26.93 43.05 -0.80
C LYS B 360 -27.95 42.13 -1.44
N SER B 361 -28.99 42.72 -2.04
CA SER B 361 -30.05 41.92 -2.65
C SER B 361 -29.56 41.26 -3.93
N MET B 362 -29.14 42.06 -4.91
CA MET B 362 -28.71 41.49 -6.18
C MET B 362 -27.38 40.77 -6.06
N LYS B 363 -26.61 41.02 -5.01
CA LYS B 363 -25.38 40.30 -4.71
C LYS B 363 -24.36 40.44 -5.85
N LEU B 364 -23.88 41.68 -6.00
CA LEU B 364 -22.86 41.99 -6.98
C LEU B 364 -21.94 43.07 -6.43
N ARG B 365 -20.66 43.00 -6.78
CA ARG B 365 -19.63 43.85 -6.20
C ARG B 365 -18.71 44.40 -7.27
N THR B 366 -18.04 45.50 -6.94
CA THR B 366 -17.04 46.09 -7.80
C THR B 366 -16.05 46.90 -6.98
N GLN B 367 -14.82 46.98 -7.47
CA GLN B 367 -13.83 47.88 -6.89
C GLN B 367 -14.02 49.28 -7.45
N ILE B 368 -13.89 50.27 -6.58
CA ILE B 368 -14.00 51.68 -6.93
C ILE B 368 -12.66 52.34 -6.65
N PRO B 369 -11.84 52.56 -7.67
CA PRO B 369 -10.63 53.37 -7.45
C PRO B 369 -10.99 54.74 -6.91
N ALA B 370 -10.31 55.12 -5.81
CA ALA B 370 -10.63 56.35 -5.12
C ALA B 370 -10.17 57.60 -5.85
N GLU B 371 -9.58 57.49 -7.05
CA GLU B 371 -9.25 58.67 -7.82
C GLU B 371 -10.49 59.49 -8.14
N MET B 372 -11.65 58.85 -8.23
CA MET B 372 -12.93 59.54 -8.40
C MET B 372 -13.59 59.91 -7.08
N LEU B 373 -12.94 59.65 -5.94
CA LEU B 373 -13.58 59.86 -4.65
C LEU B 373 -13.95 61.31 -4.41
N ALA B 374 -13.28 62.26 -5.07
CA ALA B 374 -13.65 63.66 -4.98
C ALA B 374 -14.85 64.02 -5.86
N SER B 375 -15.56 63.03 -6.41
CA SER B 375 -16.76 63.24 -7.20
C SER B 375 -17.97 62.49 -6.69
N ILE B 376 -17.78 61.36 -6.01
CA ILE B 376 -18.88 60.46 -5.69
C ILE B 376 -19.75 61.07 -4.59
N ASP B 377 -21.03 60.71 -4.63
CA ASP B 377 -21.95 61.04 -3.55
C ASP B 377 -21.49 60.45 -2.23
N LEU B 378 -22.13 60.90 -1.15
CA LEU B 378 -21.78 60.55 0.21
C LEU B 378 -22.90 59.73 0.86
N LYS B 379 -23.41 58.75 0.12
CA LYS B 379 -24.51 57.90 0.56
C LYS B 379 -24.22 56.42 0.47
N TYR B 380 -23.47 55.98 -0.54
CA TYR B 380 -23.09 54.57 -0.65
C TYR B 380 -22.21 54.11 0.51
N PHE B 381 -21.57 55.03 1.21
CA PHE B 381 -20.50 54.70 2.14
C PHE B 381 -21.02 54.42 3.55
N ASN B 382 -20.11 53.97 4.40
CA ASN B 382 -20.36 53.84 5.83
C ASN B 382 -20.22 55.20 6.50
N GLU B 383 -20.95 55.38 7.61
CA GLU B 383 -21.09 56.71 8.21
C GLU B 383 -19.76 57.24 8.74
N SER B 384 -18.99 56.41 9.45
CA SER B 384 -17.66 56.82 9.87
C SER B 384 -16.82 57.15 8.66
N THR B 385 -16.90 56.29 7.64
CA THR B 385 -16.23 56.54 6.39
C THR B 385 -16.70 57.86 5.78
N ARG B 386 -18.02 58.09 5.79
CA ARG B 386 -18.58 59.31 5.22
C ARG B 386 -17.97 60.55 5.85
N LYS B 387 -18.00 60.62 7.18
CA LYS B 387 -17.47 61.78 7.86
C LYS B 387 -15.99 61.95 7.58
N LYS B 388 -15.25 60.84 7.49
CA LYS B 388 -13.86 60.93 7.08
C LYS B 388 -13.72 61.55 5.69
N ILE B 389 -14.57 61.13 4.74
CA ILE B 389 -14.45 61.66 3.37
C ILE B 389 -14.67 63.16 3.37
N GLU B 390 -15.75 63.62 4.01
CA GLU B 390 -16.00 65.06 4.00
C GLU B 390 -14.88 65.82 4.72
N LYS B 391 -14.19 65.18 5.65
CA LYS B 391 -13.03 65.83 6.25
C LYS B 391 -11.88 65.94 5.26
N ILE B 392 -11.69 64.93 4.42
CA ILE B 392 -10.56 64.91 3.50
C ILE B 392 -10.91 65.47 2.12
N ARG B 393 -12.15 65.29 1.68
CA ARG B 393 -12.61 65.68 0.35
C ARG B 393 -12.23 67.11 -0.02
N PRO B 394 -12.21 68.07 0.93
CA PRO B 394 -11.57 69.36 0.61
C PRO B 394 -10.10 69.21 0.31
N LEU B 395 -9.41 68.30 0.98
CA LEU B 395 -7.97 68.13 0.85
C LEU B 395 -7.64 67.03 -0.15
N LEU B 396 -8.12 67.20 -1.38
CA LEU B 396 -7.88 66.22 -2.43
C LEU B 396 -7.67 66.93 -3.75
N ILE B 397 -6.49 66.71 -4.33
CA ILE B 397 -6.04 67.40 -5.54
C ILE B 397 -5.39 66.34 -6.42
N ASP B 398 -5.98 66.08 -7.58
CA ASP B 398 -5.67 64.91 -8.39
C ASP B 398 -6.01 63.61 -7.67
N GLY B 399 -6.85 63.67 -6.63
CA GLY B 399 -7.25 62.52 -5.87
C GLY B 399 -6.30 62.13 -4.76
N THR B 400 -5.01 62.42 -4.91
CA THR B 400 -4.02 62.06 -3.92
C THR B 400 -3.97 63.12 -2.83
N ALA B 401 -3.96 62.67 -1.59
CA ALA B 401 -4.06 63.58 -0.47
C ALA B 401 -2.77 64.34 -0.28
N SER B 402 -2.89 65.64 -0.02
CA SER B 402 -1.74 66.49 0.24
C SER B 402 -1.66 66.83 1.71
N LEU B 403 -0.43 66.87 2.22
CA LEU B 403 -0.18 67.19 3.62
C LEU B 403 1.31 67.41 3.83
N SER B 404 1.67 68.40 4.61
CA SER B 404 3.01 68.42 5.16
C SER B 404 3.07 69.19 6.48
N PRO B 405 2.28 68.81 7.50
CA PRO B 405 2.61 69.22 8.86
C PRO B 405 3.37 68.13 9.59
N GLY B 406 3.48 66.96 8.98
CA GLY B 406 3.89 65.75 9.68
C GLY B 406 4.81 64.90 8.86
N MET B 407 5.66 64.16 9.56
CA MET B 407 6.64 63.29 8.96
C MET B 407 5.96 62.13 8.25
N MET B 408 6.68 61.55 7.29
CA MET B 408 6.18 60.37 6.60
C MET B 408 6.27 59.15 7.50
N MET B 409 5.20 58.36 7.51
CA MET B 409 5.10 57.24 8.43
C MET B 409 6.17 56.20 8.15
N GLY B 410 7.01 55.95 9.14
CA GLY B 410 7.85 54.78 9.15
C GLY B 410 9.16 54.87 8.42
N MET B 411 9.74 56.07 8.30
CA MET B 411 11.07 56.23 7.73
C MET B 411 12.10 56.11 8.84
N PHE B 412 13.30 55.67 8.48
CA PHE B 412 14.40 55.48 9.43
C PHE B 412 15.21 56.77 9.51
N ASN B 413 14.50 57.84 9.90
CA ASN B 413 15.08 59.18 9.78
C ASN B 413 16.29 59.36 10.67
N MET B 414 16.10 59.26 11.99
CA MET B 414 17.15 59.27 13.00
C MET B 414 17.78 60.64 13.22
N LEU B 415 17.54 61.58 12.32
CA LEU B 415 17.77 62.97 12.61
C LEU B 415 16.72 63.48 13.59
N SER B 416 15.58 62.81 13.66
CA SER B 416 14.64 63.06 14.73
C SER B 416 15.23 62.68 16.07
N THR B 417 16.07 61.65 16.11
CA THR B 417 16.77 61.35 17.33
C THR B 417 17.81 62.42 17.63
N VAL B 418 18.47 62.92 16.58
CA VAL B 418 19.39 64.03 16.77
C VAL B 418 18.67 65.24 17.35
N LEU B 419 17.40 65.40 16.99
CA LEU B 419 16.59 66.46 17.56
C LEU B 419 16.31 66.17 19.04
N GLY B 420 15.63 65.06 19.30
CA GLY B 420 15.10 64.81 20.62
C GLY B 420 16.19 64.62 21.67
N VAL B 421 17.37 64.19 21.24
CA VAL B 421 18.46 64.00 22.17
C VAL B 421 18.96 65.33 22.67
N SER B 422 18.79 66.39 21.88
CA SER B 422 19.15 67.72 22.33
C SER B 422 18.36 68.12 23.55
N ILE B 423 17.11 67.68 23.63
CA ILE B 423 16.29 67.93 24.80
C ILE B 423 16.95 67.33 26.03
N LEU B 424 17.41 66.08 25.89
CA LEU B 424 18.09 65.41 26.97
C LEU B 424 19.39 66.12 27.30
N ASN B 425 20.00 66.75 26.30
CA ASN B 425 21.24 67.48 26.53
C ASN B 425 20.97 68.77 27.30
N LEU B 426 19.77 69.33 27.16
CA LEU B 426 19.44 70.55 27.91
C LEU B 426 19.53 70.32 29.40
N GLY B 427 19.32 69.10 29.86
CA GLY B 427 19.41 68.80 31.27
C GLY B 427 20.81 68.59 31.78
N GLN B 428 21.78 69.26 31.16
CA GLN B 428 23.05 69.49 31.83
C GLN B 428 22.87 70.64 32.80
N LYS B 429 23.38 70.47 34.02
CA LYS B 429 23.10 71.40 35.10
C LYS B 429 23.59 72.81 34.80
N ARG B 430 24.49 72.97 33.84
CA ARG B 430 24.90 74.31 33.41
C ARG B 430 23.75 75.06 32.76
N TYR B 431 22.78 74.35 32.19
CA TYR B 431 21.90 74.91 31.17
C TYR B 431 20.42 74.82 31.52
N THR B 432 20.01 73.78 32.24
CA THR B 432 18.74 73.86 32.95
C THR B 432 18.75 74.97 33.99
N LYS B 433 19.95 75.33 34.47
CA LYS B 433 20.19 76.44 35.39
C LYS B 433 19.23 76.40 36.57
N THR B 434 19.15 75.23 37.19
CA THR B 434 18.38 75.03 38.40
C THR B 434 18.91 73.80 39.12
N THR B 435 18.19 73.37 40.16
CA THR B 435 18.67 72.25 40.96
C THR B 435 18.47 70.92 40.25
N TYR B 436 17.36 70.76 39.53
CA TYR B 436 17.03 69.50 38.88
C TYR B 436 17.53 69.50 37.45
N TRP B 437 17.58 68.30 36.87
CA TRP B 437 18.21 68.15 35.57
C TRP B 437 18.00 66.74 35.06
N TRP B 438 17.85 66.63 33.73
CA TRP B 438 17.56 65.37 33.06
C TRP B 438 18.71 64.95 32.15
N ASP B 439 18.67 63.69 31.73
CA ASP B 439 19.61 63.12 30.77
C ASP B 439 19.18 61.68 30.51
N GLY B 440 19.65 61.13 29.39
CA GLY B 440 19.36 59.75 29.06
C GLY B 440 19.74 59.36 27.65
N LEU B 441 18.80 58.73 26.94
CA LEU B 441 18.98 58.38 25.55
C LEU B 441 17.61 58.31 24.89
N GLN B 442 17.61 58.29 23.57
CA GLN B 442 16.36 58.37 22.83
C GLN B 442 16.55 57.87 21.41
N SER B 443 15.94 56.72 21.10
CA SER B 443 15.83 56.24 19.74
C SER B 443 14.60 56.86 19.09
N SER B 444 14.20 56.35 17.92
CA SER B 444 13.27 57.06 17.06
C SER B 444 11.90 57.27 17.70
N ASP B 445 11.47 56.39 18.60
CA ASP B 445 10.18 56.52 19.26
C ASP B 445 10.23 56.32 20.76
N ASP B 446 11.19 55.57 21.26
CA ASP B 446 11.34 55.34 22.69
C ASP B 446 12.23 56.41 23.29
N PHE B 447 12.21 56.49 24.61
CA PHE B 447 12.94 57.53 25.33
C PHE B 447 12.99 57.16 26.79
N ALA B 448 14.08 57.54 27.44
CA ALA B 448 14.31 57.15 28.83
C ALA B 448 15.09 58.27 29.52
N LEU B 449 14.37 59.15 30.19
CA LEU B 449 15.01 60.20 30.97
C LEU B 449 15.50 59.68 32.31
N ILE B 450 16.41 60.44 32.90
CA ILE B 450 16.93 60.20 34.24
C ILE B 450 17.08 61.55 34.91
N VAL B 451 16.36 61.77 36.00
CA VAL B 451 16.27 63.09 36.63
C VAL B 451 16.74 63.01 38.07
N ASN B 452 16.86 64.18 38.68
CA ASN B 452 17.15 64.31 40.10
C ASN B 452 16.53 65.60 40.60
N ALA B 453 16.02 65.56 41.82
CA ALA B 453 15.55 66.77 42.51
C ALA B 453 15.32 66.41 43.96
N PRO B 454 15.30 67.40 44.85
CA PRO B 454 15.38 67.10 46.29
C PRO B 454 14.12 66.47 46.88
N ASN B 455 13.09 66.23 46.09
CA ASN B 455 11.83 65.78 46.64
C ASN B 455 10.91 65.38 45.50
N HIS B 456 9.80 64.72 45.86
CA HIS B 456 8.77 64.40 44.87
C HIS B 456 8.25 65.67 44.22
N GLU B 457 8.16 66.75 45.00
CA GLU B 457 7.67 68.02 44.47
C GLU B 457 8.65 68.59 43.44
N GLY B 458 9.95 68.53 43.74
CA GLY B 458 10.92 69.07 42.82
C GLY B 458 11.02 68.25 41.55
N ILE B 459 10.90 66.93 41.69
CA ILE B 459 10.94 66.07 40.50
C ILE B 459 9.70 66.30 39.66
N GLN B 460 8.54 66.46 40.30
CA GLN B 460 7.34 66.80 39.56
C GLN B 460 7.50 68.13 38.85
N ALA B 461 8.14 69.10 39.52
CA ALA B 461 8.38 70.39 38.90
C ALA B 461 9.24 70.24 37.65
N GLY B 462 10.36 69.54 37.79
CA GLY B 462 11.29 69.43 36.68
C GLY B 462 10.76 68.58 35.55
N VAL B 463 9.97 67.56 35.86
CA VAL B 463 9.44 66.72 34.80
C VAL B 463 8.29 67.42 34.08
N ASP B 464 7.50 68.21 34.80
CA ASP B 464 6.51 69.03 34.11
C ASP B 464 7.20 70.05 33.22
N ARG B 465 8.32 70.61 33.70
CA ARG B 465 9.11 71.50 32.87
C ARG B 465 9.60 70.78 31.62
N PHE B 466 10.08 69.55 31.77
CA PHE B 466 10.57 68.80 30.62
C PHE B 466 9.46 68.54 29.62
N TYR B 467 8.34 68.02 30.11
CA TYR B 467 7.21 67.71 29.23
C TYR B 467 6.76 68.95 28.48
N ARG B 468 6.72 70.08 29.17
CA ARG B 468 6.40 71.34 28.52
C ARG B 468 7.42 71.66 27.44
N THR B 469 8.70 71.63 27.79
CA THR B 469 9.77 71.92 26.83
C THR B 469 9.67 71.02 25.61
N CYS B 470 9.48 69.73 25.86
CA CYS B 470 9.42 68.73 24.81
C CYS B 470 8.24 68.98 23.90
N LYS B 471 7.18 69.59 24.44
CA LYS B 471 6.08 70.02 23.58
C LYS B 471 6.39 71.33 22.87
N LEU B 472 7.19 72.19 23.50
CA LEU B 472 7.55 73.45 22.85
C LEU B 472 8.43 73.22 21.63
N VAL B 473 9.09 72.06 21.55
CA VAL B 473 9.78 71.66 20.33
C VAL B 473 8.91 70.84 19.40
N GLY B 474 7.69 70.52 19.79
CA GLY B 474 6.80 69.75 18.95
C GLY B 474 7.05 68.26 19.04
N ILE B 475 7.20 67.77 20.27
CA ILE B 475 7.38 66.34 20.53
C ILE B 475 6.44 66.02 21.68
N ASN B 476 5.58 65.02 21.48
CA ASN B 476 4.42 64.82 22.33
C ASN B 476 4.53 63.50 23.09
N MET B 477 4.98 63.60 24.33
CA MET B 477 5.03 62.45 25.22
C MET B 477 3.64 62.06 25.67
N SER B 478 3.23 60.85 25.31
CA SER B 478 1.91 60.37 25.69
C SER B 478 1.79 60.19 27.19
N LYS B 479 0.58 60.42 27.68
CA LYS B 479 0.24 60.27 29.08
C LYS B 479 -0.52 58.99 29.37
N LYS B 480 -0.76 58.16 28.35
CA LYS B 480 -1.54 56.95 28.51
C LYS B 480 -0.65 55.75 28.75
N LYS B 481 0.21 55.43 27.78
CA LYS B 481 0.98 54.19 27.78
C LYS B 481 2.43 54.43 28.20
N SER B 482 2.66 55.40 29.07
CA SER B 482 3.97 55.68 29.62
C SER B 482 3.88 55.66 31.12
N TYR B 483 5.04 55.72 31.76
CA TYR B 483 5.07 55.61 33.21
C TYR B 483 6.43 56.10 33.69
N ILE B 484 6.70 55.87 34.98
CA ILE B 484 7.79 56.53 35.67
C ILE B 484 8.05 55.74 36.93
N ASN B 485 9.30 55.77 37.40
CA ASN B 485 9.66 54.93 38.53
C ASN B 485 11.00 55.38 39.09
N ARG B 486 11.31 54.85 40.27
CA ARG B 486 12.63 54.99 40.83
C ARG B 486 13.67 54.39 39.89
N THR B 487 14.91 54.76 40.11
CA THR B 487 15.99 54.25 39.29
C THR B 487 16.13 52.75 39.50
N GLY B 488 16.72 52.09 38.51
CA GLY B 488 17.00 50.67 38.55
C GLY B 488 16.26 49.90 37.48
N THR B 489 14.98 50.21 37.28
CA THR B 489 14.15 49.55 36.29
C THR B 489 13.62 50.56 35.30
N PHE B 490 13.90 50.35 34.03
CA PHE B 490 13.33 51.19 32.99
C PHE B 490 13.43 50.49 31.64
N GLU B 491 12.33 50.53 30.90
CA GLU B 491 12.28 50.00 29.55
C GLU B 491 12.90 50.99 28.57
N PHE B 492 13.45 50.44 27.49
CA PHE B 492 13.83 51.25 26.34
C PHE B 492 14.10 50.37 25.14
N THR B 493 13.34 50.58 24.06
CA THR B 493 13.52 49.86 22.80
C THR B 493 13.44 48.36 23.00
N SER B 494 12.71 47.93 24.03
CA SER B 494 12.54 46.55 24.46
C SER B 494 13.81 45.95 25.07
N PHE B 495 14.91 46.69 25.13
CA PHE B 495 16.09 46.26 25.88
C PHE B 495 15.84 46.57 27.35
N PHE B 496 14.97 45.76 27.96
CA PHE B 496 14.57 46.00 29.34
C PHE B 496 15.77 45.97 30.27
N TYR B 497 15.89 47.01 31.08
CA TYR B 497 17.00 47.15 32.03
C TYR B 497 16.41 47.18 33.44
N ARG B 498 16.39 46.03 34.08
CA ARG B 498 16.33 45.97 35.53
C ARG B 498 17.70 46.39 36.07
N TYR B 499 17.84 46.43 37.40
CA TYR B 499 18.95 47.07 38.13
C TYR B 499 20.30 46.96 37.43
N GLY B 500 20.69 45.74 37.08
CA GLY B 500 21.87 45.51 36.26
C GLY B 500 21.62 44.57 35.09
N PHE B 501 20.47 43.90 35.09
CA PHE B 501 20.15 42.94 34.06
C PHE B 501 19.54 43.64 32.84
N VAL B 502 19.92 43.16 31.67
CA VAL B 502 19.77 43.89 30.41
C VAL B 502 19.10 43.01 29.36
N ALA B 503 18.14 42.19 29.78
CA ALA B 503 17.41 41.33 28.85
C ALA B 503 16.85 42.14 27.69
N ASN B 504 16.76 41.47 26.52
CA ASN B 504 16.41 42.11 25.27
C ASN B 504 15.52 41.19 24.45
N PHE B 505 14.49 41.79 23.83
CA PHE B 505 13.55 41.08 22.97
C PHE B 505 13.24 41.93 21.74
N SER B 506 14.31 42.46 21.13
CA SER B 506 14.17 43.40 20.03
C SER B 506 13.43 42.78 18.85
N MET B 507 13.99 41.71 18.28
CA MET B 507 13.46 41.04 17.11
C MET B 507 13.06 39.63 17.48
N GLU B 508 12.66 38.83 16.50
CA GLU B 508 12.23 37.48 16.80
C GLU B 508 12.98 36.45 15.97
N LEU B 509 13.09 35.23 16.49
CA LEU B 509 13.79 34.18 15.79
C LEU B 509 13.06 33.97 14.47
N PRO B 510 13.78 33.91 13.34
CA PRO B 510 12.99 33.73 12.13
C PRO B 510 13.16 32.40 11.38
N SER B 511 12.08 31.62 11.25
CA SER B 511 12.03 30.37 10.45
C SER B 511 12.86 29.15 10.87
N PHE B 512 14.19 29.28 10.87
CA PHE B 512 15.12 28.18 11.16
C PHE B 512 14.86 26.99 10.24
N GLY B 513 14.73 27.32 8.96
CA GLY B 513 14.45 26.38 7.89
C GLY B 513 15.38 26.67 6.74
N VAL B 514 15.43 25.76 5.78
CA VAL B 514 16.32 25.90 4.64
C VAL B 514 15.98 27.09 3.74
N SER B 515 17.00 27.57 3.05
CA SER B 515 16.88 28.69 2.13
C SER B 515 16.42 28.24 0.74
N GLY B 516 16.60 26.97 0.42
CA GLY B 516 16.00 26.42 -0.78
C GLY B 516 16.77 26.64 -2.06
N ILE B 517 18.06 26.34 -2.07
CA ILE B 517 18.92 26.56 -3.22
C ILE B 517 19.63 25.28 -3.65
N ASN B 518 20.26 24.58 -2.70
CA ASN B 518 21.05 23.40 -3.00
C ASN B 518 21.56 22.83 -1.69
N GLU B 519 21.96 21.57 -1.74
CA GLU B 519 22.46 20.91 -0.54
C GLU B 519 23.84 21.40 -0.12
N SER B 520 24.50 22.22 -0.93
CA SER B 520 25.84 22.68 -0.61
C SER B 520 25.84 23.95 0.21
N ALA B 521 24.98 24.91 -0.15
CA ALA B 521 24.97 26.22 0.46
C ALA B 521 23.79 26.47 1.38
N ASP B 522 22.73 25.69 1.25
CA ASP B 522 21.57 25.87 2.11
C ASP B 522 22.01 25.61 3.54
N MET B 523 22.81 24.58 3.72
CA MET B 523 23.31 24.26 5.05
C MET B 523 24.18 25.40 5.54
N SER B 524 25.04 25.89 4.65
CA SER B 524 25.94 26.97 4.99
C SER B 524 25.14 28.21 5.33
N ILE B 525 24.12 28.49 4.53
CA ILE B 525 23.31 29.67 4.78
C ILE B 525 22.64 29.55 6.13
N GLY B 526 22.10 28.38 6.45
CA GLY B 526 21.44 28.23 7.72
C GLY B 526 22.39 28.42 8.89
N VAL B 527 23.58 27.82 8.80
CA VAL B 527 24.51 27.99 9.91
C VAL B 527 24.93 29.44 10.05
N THR B 528 25.15 30.13 8.93
CA THR B 528 25.56 31.53 9.00
C THR B 528 24.45 32.38 9.61
N VAL B 529 23.19 32.07 9.29
CA VAL B 529 22.06 32.81 9.83
C VAL B 529 22.00 32.61 11.34
N ILE B 530 22.25 31.39 11.78
CA ILE B 530 22.23 31.13 13.22
C ILE B 530 23.32 31.92 13.93
N LYS B 531 24.48 32.02 13.29
CA LYS B 531 25.65 32.69 13.84
C LYS B 531 25.37 34.18 14.01
N ASN B 532 24.78 34.79 12.99
CA ASN B 532 24.45 36.20 13.06
C ASN B 532 23.43 36.49 14.15
N ASN B 533 22.52 35.56 14.39
CA ASN B 533 21.43 35.80 15.34
C ASN B 533 21.76 35.34 16.75
N MET B 534 22.85 34.62 16.95
CA MET B 534 23.38 34.39 18.28
C MET B 534 24.41 35.43 18.66
N ILE B 535 25.12 35.97 17.67
CA ILE B 535 26.16 36.95 17.95
C ILE B 535 25.56 38.34 18.11
N ASN B 536 24.54 38.66 17.30
CA ASN B 536 23.88 39.96 17.40
C ASN B 536 22.81 39.94 18.49
N ASN B 537 21.78 39.14 18.29
CA ASN B 537 20.62 39.13 19.16
C ASN B 537 20.87 38.14 20.30
N ASP B 538 19.82 37.86 21.08
CA ASP B 538 19.94 37.06 22.29
C ASP B 538 19.50 35.62 22.07
N LEU B 539 19.81 35.05 20.91
CA LEU B 539 19.63 33.61 20.72
C LEU B 539 20.65 32.93 21.61
N GLY B 540 20.19 32.41 22.74
CA GLY B 540 21.05 31.66 23.61
C GLY B 540 21.53 30.41 22.91
N PRO B 541 22.71 29.89 23.26
CA PRO B 541 23.14 28.64 22.64
C PRO B 541 22.22 27.49 22.94
N ALA B 542 21.57 27.50 24.10
CA ALA B 542 20.67 26.42 24.48
C ALA B 542 19.55 26.25 23.49
N THR B 543 19.09 27.33 22.89
CA THR B 543 18.08 27.27 21.85
C THR B 543 18.71 27.14 20.47
N ALA B 544 19.95 27.54 20.31
CA ALA B 544 20.59 27.52 19.00
C ALA B 544 21.03 26.13 18.59
N GLN B 545 21.48 25.31 19.54
CA GLN B 545 21.70 23.91 19.23
C GLN B 545 20.41 23.25 18.79
N MET B 546 19.32 23.52 19.50
CA MET B 546 18.01 23.00 19.13
C MET B 546 17.57 23.56 17.78
N ALA B 547 17.97 24.78 17.46
CA ALA B 547 17.62 25.36 16.18
C ALA B 547 18.34 24.64 15.05
N LEU B 548 19.64 24.42 15.24
CA LEU B 548 20.42 23.64 14.28
C LEU B 548 19.85 22.24 14.16
N GLN B 549 19.33 21.70 15.25
CA GLN B 549 18.73 20.37 15.26
C GLN B 549 17.49 20.33 14.39
N LEU B 550 16.58 21.29 14.58
CA LEU B 550 15.43 21.40 13.71
C LEU B 550 15.86 21.66 12.28
N PHE B 551 16.95 22.41 12.10
CA PHE B 551 17.37 22.75 10.76
C PHE B 551 17.85 21.53 10.01
N ILE B 552 18.63 20.69 10.68
CA ILE B 552 19.15 19.52 10.00
C ILE B 552 18.05 18.51 9.79
N LYS B 553 17.09 18.43 10.71
CA LYS B 553 15.90 17.62 10.50
C LYS B 553 15.20 18.04 9.22
N ASP B 554 15.00 19.35 9.06
CA ASP B 554 14.32 19.85 7.87
C ASP B 554 15.16 19.62 6.63
N TYR B 555 16.48 19.76 6.76
CA TYR B 555 17.39 19.54 5.64
C TYR B 555 17.24 18.13 5.11
N ARG B 556 17.24 17.17 6.02
CA ARG B 556 17.19 15.78 5.62
C ARG B 556 15.81 15.41 5.10
N TYR B 557 14.77 15.85 5.79
CA TYR B 557 13.42 15.54 5.33
C TYR B 557 13.11 16.19 4.01
N THR B 558 13.80 17.27 3.65
CA THR B 558 13.56 17.90 2.37
C THR B 558 14.34 17.20 1.27
N TYR B 559 15.64 17.01 1.48
CA TYR B 559 16.47 16.30 0.52
C TYR B 559 16.51 14.80 0.79
N ARG B 560 15.61 14.28 1.61
CA ARG B 560 15.39 12.85 1.79
C ARG B 560 16.56 12.11 2.43
N CYS B 561 17.66 12.82 2.67
CA CYS B 561 18.96 12.19 2.90
C CYS B 561 19.21 12.08 4.39
N HIS B 562 18.62 11.06 4.98
CA HIS B 562 18.82 10.79 6.39
C HIS B 562 20.19 10.15 6.54
N ARG B 563 20.50 9.67 7.74
CA ARG B 563 21.79 9.03 7.96
C ARG B 563 21.88 7.76 7.12
N GLY B 564 23.11 7.41 6.77
CA GLY B 564 23.34 6.09 6.24
C GLY B 564 22.85 5.07 7.24
N ASP B 565 23.51 4.99 8.39
CA ASP B 565 23.18 3.98 9.39
C ASP B 565 21.84 4.30 10.05
N THR B 566 20.76 4.04 9.31
CA THR B 566 19.41 4.28 9.78
C THR B 566 18.47 3.13 9.41
N GLN B 567 17.17 3.36 9.56
CA GLN B 567 16.15 2.42 9.13
C GLN B 567 15.03 3.09 8.34
N ILE B 568 15.12 4.39 8.06
CA ILE B 568 14.07 5.10 7.34
C ILE B 568 14.28 4.91 5.85
N GLN B 569 13.17 4.85 5.13
CA GLN B 569 13.14 4.56 3.71
C GLN B 569 12.80 5.83 2.94
N THR B 570 13.26 5.85 1.70
CA THR B 570 12.95 6.90 0.74
C THR B 570 13.47 6.44 -0.62
N ARG B 571 13.40 7.34 -1.60
CA ARG B 571 14.02 7.11 -2.89
C ARG B 571 15.51 6.86 -2.74
N ARG B 572 16.20 7.77 -2.08
CA ARG B 572 17.65 7.86 -2.18
C ARG B 572 18.36 6.77 -1.39
N SER B 573 17.77 6.30 -0.30
CA SER B 573 18.48 5.58 0.76
C SER B 573 19.29 4.38 0.30
N PHE B 574 19.00 3.87 -0.90
CA PHE B 574 19.84 2.87 -1.54
C PHE B 574 21.29 3.32 -1.56
N GLU B 575 21.55 4.44 -2.21
CA GLU B 575 22.93 4.83 -2.43
C GLU B 575 23.60 5.25 -1.14
N LEU B 576 22.83 5.75 -0.19
CA LEU B 576 23.42 6.11 1.09
C LEU B 576 23.84 4.88 1.86
N LYS B 577 22.98 3.86 1.90
CA LYS B 577 23.36 2.61 2.54
C LYS B 577 24.44 1.88 1.75
N LYS B 578 24.65 2.27 0.49
CA LYS B 578 25.73 1.72 -0.32
C LYS B 578 27.05 2.41 0.01
N LEU B 579 27.09 3.73 -0.14
CA LEU B 579 28.29 4.49 0.14
C LEU B 579 28.70 4.34 1.60
N TRP B 580 27.73 4.21 2.50
CA TRP B 580 28.03 4.21 3.92
C TRP B 580 28.90 3.03 4.31
N GLU B 581 28.75 1.90 3.63
CA GLU B 581 29.68 0.78 3.80
C GLU B 581 30.87 0.92 2.87
N GLN B 582 30.69 1.59 1.73
CA GLN B 582 31.78 1.80 0.78
C GLN B 582 32.95 2.57 1.37
N THR B 583 32.72 3.35 2.43
CA THR B 583 33.71 4.29 2.93
C THR B 583 34.87 3.56 3.60
N ARG B 584 35.83 4.36 4.08
CA ARG B 584 36.85 3.93 5.01
C ARG B 584 36.72 4.64 6.36
N SER B 585 36.53 5.96 6.32
CA SER B 585 36.21 6.75 7.50
C SER B 585 34.72 7.06 7.46
N LYS B 586 33.98 6.60 8.47
CA LYS B 586 32.52 6.59 8.39
C LYS B 586 31.92 7.93 8.83
N ALA B 587 32.29 8.42 10.00
CA ALA B 587 31.71 9.65 10.49
C ALA B 587 32.21 10.87 9.71
N GLY B 588 33.34 10.75 9.02
CA GLY B 588 33.85 11.85 8.24
C GLY B 588 33.19 11.92 6.88
N LEU B 589 31.91 12.24 6.86
CA LEU B 589 31.14 12.37 5.63
C LEU B 589 30.24 13.59 5.69
N LEU B 590 30.08 14.25 4.54
CA LEU B 590 29.17 15.36 4.45
C LEU B 590 27.74 14.87 4.65
N VAL B 591 26.89 15.74 5.22
CA VAL B 591 25.60 15.27 5.74
C VAL B 591 24.64 14.94 4.62
N SER B 592 24.62 15.74 3.56
CA SER B 592 23.70 15.53 2.46
C SER B 592 23.87 14.17 1.79
N ASP B 593 25.00 13.51 1.99
CA ASP B 593 25.19 12.11 1.62
C ASP B 593 25.53 11.34 2.88
N GLY B 594 24.49 10.99 3.63
CA GLY B 594 24.60 10.04 4.72
C GLY B 594 25.39 10.48 5.93
N GLY B 595 25.94 11.68 5.90
CA GLY B 595 26.94 12.05 6.87
C GLY B 595 26.35 12.58 8.16
N PRO B 596 27.15 12.58 9.22
CA PRO B 596 26.71 13.16 10.49
C PRO B 596 27.08 14.63 10.57
N ASN B 597 26.39 15.34 11.45
CA ASN B 597 26.51 16.78 11.57
C ASN B 597 27.37 17.08 12.80
N LEU B 598 28.65 17.37 12.57
CA LEU B 598 29.56 17.65 13.66
C LEU B 598 29.49 19.10 14.13
N TYR B 599 28.61 19.91 13.55
CA TYR B 599 28.46 21.28 14.00
C TYR B 599 27.99 21.32 15.45
N ASN B 600 28.32 22.42 16.10
CA ASN B 600 27.74 22.82 17.36
C ASN B 600 28.19 24.25 17.59
N ILE B 601 27.87 24.82 18.75
CA ILE B 601 28.02 26.26 18.93
C ILE B 601 29.47 26.72 18.91
N ARG B 602 30.43 25.80 18.94
CA ARG B 602 31.83 26.19 18.91
C ARG B 602 32.28 26.58 17.50
N ASN B 603 31.77 25.90 16.48
CA ASN B 603 32.41 25.82 15.17
C ASN B 603 31.42 26.09 14.05
N LEU B 604 30.67 27.17 14.18
CA LEU B 604 29.59 27.46 13.26
C LEU B 604 30.01 28.33 12.09
N HIS B 605 30.96 29.24 12.30
CA HIS B 605 31.36 30.14 11.22
C HIS B 605 32.05 29.40 10.11
N ILE B 606 32.80 28.35 10.45
CA ILE B 606 33.55 27.57 9.47
C ILE B 606 32.56 26.86 8.54
N PRO B 607 32.95 26.47 7.34
CA PRO B 607 32.08 25.59 6.56
C PRO B 607 32.19 24.16 7.06
N GLU B 608 31.55 23.24 6.34
CA GLU B 608 31.40 21.87 6.80
C GLU B 608 32.57 21.00 6.36
N VAL B 609 32.98 21.14 5.10
CA VAL B 609 33.96 20.21 4.59
C VAL B 609 35.34 20.56 5.11
N CYS B 610 35.54 21.79 5.59
CA CYS B 610 36.77 22.06 6.31
C CYS B 610 36.83 21.27 7.59
N LEU B 611 35.69 21.10 8.26
CA LEU B 611 35.65 20.33 9.48
C LEU B 611 35.77 18.83 9.21
N LYS B 612 35.48 18.40 7.98
CA LYS B 612 35.52 16.98 7.65
C LYS B 612 36.75 16.56 6.85
N TRP B 613 37.47 17.50 6.23
CA TRP B 613 38.38 17.22 5.13
C TRP B 613 39.38 16.13 5.45
N GLU B 614 40.26 16.39 6.40
CA GLU B 614 41.30 15.44 6.73
C GLU B 614 40.77 14.27 7.56
N LEU B 615 39.50 14.28 7.93
CA LEU B 615 38.80 13.10 8.42
C LEU B 615 38.23 12.25 7.29
N MET B 616 38.55 12.57 6.03
CA MET B 616 38.08 11.83 4.87
C MET B 616 39.25 11.20 4.14
N ASP B 617 38.96 10.10 3.46
CA ASP B 617 39.95 9.35 2.71
C ASP B 617 39.99 9.83 1.26
N GLU B 618 41.13 9.56 0.60
CA GLU B 618 41.44 10.24 -0.66
C GLU B 618 40.46 9.88 -1.76
N ASP B 619 39.83 8.71 -1.69
CA ASP B 619 38.83 8.36 -2.69
C ASP B 619 37.68 9.36 -2.67
N TYR B 620 37.09 9.57 -1.50
CA TYR B 620 35.97 10.50 -1.37
C TYR B 620 36.42 11.92 -1.67
N GLN B 621 37.55 12.32 -1.09
CA GLN B 621 38.02 13.69 -1.26
C GLN B 621 38.36 13.98 -2.72
N GLY B 622 38.86 12.98 -3.44
CA GLY B 622 39.21 13.12 -4.83
C GLY B 622 37.96 13.20 -5.68
N ARG B 623 36.95 12.40 -5.32
CA ARG B 623 35.67 12.51 -6.00
C ARG B 623 35.00 13.85 -5.75
N LEU B 624 35.31 14.49 -4.62
CA LEU B 624 34.61 15.72 -4.28
C LEU B 624 35.17 16.91 -5.04
N CYS B 625 36.43 17.25 -4.81
CA CYS B 625 37.06 18.40 -5.42
C CYS B 625 37.70 17.95 -6.73
N ASN B 626 37.01 18.21 -7.83
CA ASN B 626 37.44 17.74 -9.14
C ASN B 626 36.77 18.58 -10.22
N PRO B 627 37.50 19.20 -11.15
CA PRO B 627 36.83 20.03 -12.16
C PRO B 627 35.97 19.23 -13.12
N LEU B 628 36.13 17.90 -13.17
CA LEU B 628 35.35 17.08 -14.08
C LEU B 628 33.87 17.11 -13.73
N ASN B 629 33.52 17.48 -12.51
CA ASN B 629 32.13 17.57 -12.12
C ASN B 629 31.43 18.64 -12.96
N PRO B 630 30.21 18.38 -13.45
CA PRO B 630 29.40 19.49 -13.97
C PRO B 630 28.90 20.40 -12.87
N PHE B 631 29.00 19.96 -11.62
CA PHE B 631 28.45 20.70 -10.50
C PHE B 631 29.22 21.98 -10.26
N VAL B 632 30.51 21.98 -10.59
CA VAL B 632 31.31 23.19 -10.66
C VAL B 632 32.23 23.09 -11.87
N THR B 662 32.92 21.40 -4.03
CA THR B 662 31.73 22.14 -4.45
C THR B 662 30.81 21.30 -5.34
N THR B 663 31.04 19.99 -5.38
CA THR B 663 30.28 19.13 -6.28
C THR B 663 28.82 19.04 -5.86
N HIS B 664 28.52 19.28 -4.58
CA HIS B 664 27.13 19.27 -4.11
C HIS B 664 26.36 20.46 -4.65
N SER B 665 27.06 21.49 -5.14
CA SER B 665 26.39 22.70 -5.59
C SER B 665 25.80 22.51 -6.98
N TRP B 666 24.73 23.23 -7.29
CA TRP B 666 24.15 23.16 -8.61
C TRP B 666 23.06 24.21 -8.76
N ILE B 667 22.49 24.27 -9.97
CA ILE B 667 21.37 25.15 -10.29
C ILE B 667 20.13 24.27 -10.48
N PRO B 668 19.01 24.55 -9.81
CA PRO B 668 17.79 23.80 -10.11
C PRO B 668 17.09 24.34 -11.35
N LYS B 669 16.31 23.46 -11.98
CA LYS B 669 15.52 23.87 -13.12
C LYS B 669 14.43 24.83 -12.69
N ARG B 670 14.31 25.94 -13.41
CA ARG B 670 13.27 26.92 -13.11
C ARG B 670 11.89 26.28 -13.27
N ASN B 671 10.90 26.91 -12.62
CA ASN B 671 9.52 26.43 -12.67
C ASN B 671 8.56 27.61 -12.78
N LYS C 54 10.56 14.78 -9.18
CA LYS C 54 11.94 14.32 -9.29
C LYS C 54 12.73 15.24 -10.19
N TYR C 55 14.01 14.93 -10.36
CA TYR C 55 14.93 15.73 -11.16
C TYR C 55 14.95 17.20 -10.73
N PRO C 56 15.39 17.50 -9.50
CA PRO C 56 15.58 18.91 -9.13
C PRO C 56 16.79 19.54 -9.80
N ILE C 57 17.84 18.76 -10.03
CA ILE C 57 19.13 19.31 -10.40
C ILE C 57 19.24 19.42 -11.91
N THR C 58 19.93 20.47 -12.37
CA THR C 58 20.25 20.69 -13.77
C THR C 58 21.76 20.59 -13.93
N ALA C 59 22.20 20.09 -15.08
CA ALA C 59 23.63 20.01 -15.38
C ALA C 59 23.80 19.67 -16.85
N ASP C 60 25.05 19.73 -17.30
CA ASP C 60 25.35 19.73 -18.72
C ASP C 60 25.19 18.33 -19.33
N LYS C 61 25.52 18.24 -20.62
CA LYS C 61 25.53 16.95 -21.32
C LYS C 61 26.82 16.18 -21.08
N ARG C 62 27.87 16.83 -20.57
CA ARG C 62 29.16 16.16 -20.40
C ARG C 62 29.06 15.01 -19.40
N ILE C 63 28.16 15.12 -18.43
CA ILE C 63 28.00 14.08 -17.42
C ILE C 63 27.50 12.78 -18.05
N THR C 64 26.81 12.88 -19.18
CA THR C 64 26.18 11.72 -19.78
C THR C 64 27.18 10.63 -20.11
N GLU C 65 28.41 11.01 -20.45
CA GLU C 65 29.41 10.02 -20.80
C GLU C 65 29.91 9.28 -19.57
N MET C 66 30.09 10.00 -18.46
CA MET C 66 30.82 9.45 -17.33
C MET C 66 30.01 8.41 -16.59
N VAL C 67 28.69 8.59 -16.53
CA VAL C 67 27.84 7.82 -15.63
C VAL C 67 26.62 7.30 -16.38
N PRO C 68 25.99 6.23 -15.93
CA PRO C 68 24.92 5.62 -16.72
C PRO C 68 23.60 6.35 -16.55
N GLU C 69 22.61 5.89 -17.31
CA GLU C 69 21.27 6.45 -17.20
C GLU C 69 20.52 5.84 -16.02
N ARG C 70 20.93 4.67 -15.57
CA ARG C 70 20.30 3.99 -14.45
C ARG C 70 21.35 3.32 -13.60
N ASN C 71 21.01 3.11 -12.34
CA ASN C 71 21.91 2.46 -11.39
C ASN C 71 21.55 0.99 -11.30
N GLU C 72 22.14 0.30 -10.33
CA GLU C 72 21.94 -1.14 -10.19
C GLU C 72 20.47 -1.46 -9.93
N GLN C 73 19.81 -0.67 -9.11
CA GLN C 73 18.39 -0.86 -8.88
C GLN C 73 17.57 -0.46 -10.09
N GLY C 74 18.13 0.38 -10.95
CA GLY C 74 17.47 0.82 -12.17
C GLY C 74 16.90 2.21 -12.10
N GLN C 75 16.75 2.78 -10.91
CA GLN C 75 16.21 4.13 -10.82
C GLN C 75 17.18 5.13 -11.42
N THR C 76 16.60 6.11 -12.12
CA THR C 76 17.34 6.87 -13.13
C THR C 76 18.11 8.03 -12.52
N LEU C 77 19.25 8.34 -13.13
CA LEU C 77 20.07 9.45 -12.69
C LEU C 77 19.87 10.67 -13.58
N TRP C 78 19.63 10.47 -14.87
CA TRP C 78 19.46 11.59 -15.79
C TRP C 78 18.56 11.18 -16.94
N SER C 79 17.80 12.15 -17.44
CA SER C 79 16.87 11.93 -18.53
C SER C 79 16.69 13.21 -19.33
N LYS C 80 16.42 13.05 -20.62
CA LYS C 80 16.14 14.16 -21.50
C LYS C 80 14.64 14.44 -21.55
N MET C 81 14.28 15.53 -22.21
CA MET C 81 12.90 15.99 -22.27
C MET C 81 11.99 14.95 -22.90
N ARG C 88 21.61 20.19 -22.40
CA ARG C 88 21.69 19.68 -21.04
C ARG C 88 20.68 18.57 -20.80
N VAL C 89 20.81 17.92 -19.65
CA VAL C 89 19.91 16.87 -19.21
C VAL C 89 19.60 17.09 -17.74
N MET C 90 18.36 16.83 -17.35
CA MET C 90 18.02 16.84 -15.92
C MET C 90 18.72 15.68 -15.24
N VAL C 91 19.27 15.95 -14.06
CA VAL C 91 20.01 14.97 -13.29
C VAL C 91 19.32 14.82 -11.94
N SER C 92 19.45 13.65 -11.35
CA SER C 92 18.74 13.32 -10.12
C SER C 92 19.72 13.40 -8.96
N PRO C 93 19.23 13.59 -7.74
CA PRO C 93 20.16 13.67 -6.61
C PRO C 93 20.86 12.35 -6.37
N LEU C 94 20.22 11.24 -6.75
CA LEU C 94 20.89 9.95 -6.73
C LEU C 94 22.17 9.98 -7.54
N ALA C 95 22.17 10.77 -8.63
CA ALA C 95 23.35 10.86 -9.48
C ALA C 95 24.56 11.33 -8.69
N VAL C 96 24.33 12.23 -7.74
CA VAL C 96 25.42 12.71 -6.89
C VAL C 96 25.99 11.58 -6.08
N THR C 97 25.12 10.88 -5.35
CA THR C 97 25.57 9.83 -4.45
C THR C 97 26.12 8.63 -5.23
N TRP C 98 25.92 8.60 -6.55
CA TRP C 98 26.60 7.61 -7.37
C TRP C 98 28.02 8.06 -7.68
N TRP C 99 28.23 9.36 -7.88
CA TRP C 99 29.58 9.87 -8.02
C TRP C 99 30.42 9.51 -6.81
N ASN C 100 29.89 9.81 -5.63
CA ASN C 100 30.71 9.75 -4.43
C ASN C 100 31.01 8.33 -4.00
N ARG C 101 30.28 7.34 -4.54
CA ARG C 101 30.65 5.95 -4.31
C ARG C 101 31.76 5.51 -5.24
N ASN C 102 31.65 5.86 -6.52
CA ASN C 102 32.64 5.50 -7.53
C ASN C 102 32.88 6.68 -8.43
N GLY C 103 34.14 7.09 -8.53
CA GLY C 103 34.56 8.21 -9.32
C GLY C 103 36.07 8.29 -9.31
N PRO C 104 36.64 9.19 -10.12
CA PRO C 104 38.10 9.29 -10.18
C PRO C 104 38.68 9.79 -8.87
N MET C 105 39.65 9.05 -8.35
CA MET C 105 40.35 9.39 -7.12
C MET C 105 41.69 10.02 -7.47
N THR C 106 41.95 11.22 -6.97
CA THR C 106 43.14 11.98 -7.30
C THR C 106 43.60 12.75 -6.07
N SER C 107 44.89 12.61 -5.76
CA SER C 107 45.46 13.12 -4.52
C SER C 107 45.91 14.57 -4.63
N THR C 108 45.33 15.35 -5.54
CA THR C 108 45.73 16.75 -5.70
C THR C 108 45.22 17.59 -4.54
N VAL C 109 46.02 18.59 -4.19
CA VAL C 109 45.75 19.52 -3.10
C VAL C 109 45.69 20.95 -3.63
N HIS C 110 45.17 21.13 -4.84
CA HIS C 110 45.01 22.48 -5.38
C HIS C 110 43.80 23.18 -4.77
N TYR C 111 42.74 22.45 -4.47
CA TYR C 111 41.51 23.07 -4.01
C TYR C 111 41.66 23.72 -2.63
N PRO C 112 42.59 23.26 -1.78
CA PRO C 112 42.95 24.08 -0.60
C PRO C 112 43.85 25.27 -0.91
N LYS C 113 43.95 25.68 -2.18
CA LYS C 113 44.46 26.98 -2.57
C LYS C 113 43.97 28.09 -1.62
N VAL C 114 42.66 28.17 -1.43
CA VAL C 114 42.06 29.13 -0.52
C VAL C 114 41.27 28.46 0.59
N TYR C 115 40.86 27.20 0.43
CA TYR C 115 40.15 26.51 1.49
C TYR C 115 41.05 26.12 2.64
N LYS C 116 42.37 26.12 2.45
CA LYS C 116 43.28 25.90 3.57
C LYS C 116 43.27 27.06 4.56
N THR C 117 42.66 28.20 4.21
CA THR C 117 42.56 29.32 5.13
C THR C 117 41.73 28.93 6.35
N TYR C 118 40.59 28.25 6.12
CA TYR C 118 39.70 27.92 7.21
C TYR C 118 40.34 26.95 8.19
N PHE C 119 41.28 26.13 7.72
CA PHE C 119 42.01 25.23 8.61
C PHE C 119 42.83 26.02 9.62
N GLU C 120 43.42 27.13 9.18
CA GLU C 120 44.17 27.98 10.09
C GLU C 120 43.29 28.51 11.21
N LYS C 121 42.06 28.88 10.88
CA LYS C 121 41.13 29.37 11.89
C LYS C 121 40.75 28.27 12.88
N VAL C 122 40.76 27.02 12.44
CA VAL C 122 40.43 25.91 13.32
C VAL C 122 41.62 25.55 14.21
N GLU C 123 42.84 25.75 13.71
CA GLU C 123 44.02 25.52 14.55
C GLU C 123 44.03 26.48 15.73
N ARG C 124 43.47 27.67 15.56
CA ARG C 124 43.33 28.59 16.69
C ARG C 124 42.39 28.04 17.75
N LEU C 125 41.34 27.32 17.32
CA LEU C 125 40.40 26.74 18.27
C LEU C 125 41.03 25.57 19.01
N LYS C 126 41.39 24.53 18.27
CA LYS C 126 41.93 23.31 18.86
C LYS C 126 43.40 23.48 19.24
N GLU E 203 -45.49 -59.55 -30.80
CA GLU E 203 -44.46 -59.47 -31.82
C GLU E 203 -43.70 -58.15 -31.71
N ARG E 204 -42.37 -58.25 -31.60
CA ARG E 204 -41.49 -57.09 -31.46
C ARG E 204 -40.37 -57.06 -32.49
N PHE E 205 -39.82 -58.22 -32.86
CA PHE E 205 -38.64 -58.26 -33.70
C PHE E 205 -38.94 -57.68 -35.09
N GLU E 206 -38.08 -56.77 -35.52
CA GLU E 206 -38.22 -56.01 -36.77
C GLU E 206 -36.90 -56.02 -37.54
N ILE E 207 -36.36 -57.23 -37.73
CA ILE E 207 -34.96 -57.39 -38.05
C ILE E 207 -34.64 -56.87 -39.45
N THR E 208 -35.60 -56.93 -40.38
CA THR E 208 -35.48 -56.45 -41.74
C THR E 208 -34.55 -57.31 -42.61
N GLY E 209 -34.06 -58.45 -42.12
CA GLY E 209 -33.28 -59.35 -42.95
C GLY E 209 -31.86 -58.93 -43.24
N THR E 210 -31.65 -57.69 -43.68
CA THR E 210 -30.29 -57.17 -43.84
C THR E 210 -29.49 -57.31 -42.57
N MET E 211 -30.13 -57.19 -41.41
CA MET E 211 -29.42 -57.52 -40.19
C MET E 211 -29.23 -59.02 -40.08
N ARG E 212 -30.15 -59.81 -40.61
CA ARG E 212 -29.89 -61.24 -40.68
C ARG E 212 -28.76 -61.51 -41.66
N ARG E 213 -28.61 -60.69 -42.70
CA ARG E 213 -27.47 -60.84 -43.59
C ARG E 213 -26.16 -60.58 -42.84
N LEU E 214 -26.08 -59.40 -42.19
CA LEU E 214 -24.89 -59.06 -41.42
C LEU E 214 -24.61 -60.09 -40.34
N ALA E 215 -25.67 -60.59 -39.70
CA ALA E 215 -25.51 -61.58 -38.66
C ALA E 215 -24.91 -62.85 -39.21
N ASP E 216 -25.51 -63.39 -40.26
CA ASP E 216 -24.99 -64.61 -40.88
C ASP E 216 -23.56 -64.42 -41.36
N GLN E 217 -23.17 -63.19 -41.68
CA GLN E 217 -21.78 -62.92 -42.01
C GLN E 217 -20.90 -62.75 -40.78
N SER E 218 -21.48 -62.48 -39.62
CA SER E 218 -20.72 -62.30 -38.39
C SER E 218 -20.33 -63.61 -37.73
N LEU E 219 -20.94 -64.72 -38.10
CA LEU E 219 -20.80 -65.96 -37.36
C LEU E 219 -19.47 -66.62 -37.68
N PRO E 220 -19.12 -67.70 -36.99
CA PRO E 220 -17.91 -68.44 -37.34
C PRO E 220 -18.06 -69.09 -38.70
N PRO E 221 -16.95 -69.54 -39.29
CA PRO E 221 -17.03 -70.10 -40.65
C PRO E 221 -17.86 -71.37 -40.76
N ASN E 222 -17.86 -72.21 -39.71
CA ASN E 222 -18.53 -73.51 -39.80
C ASN E 222 -20.01 -73.35 -40.09
N PHE E 223 -20.66 -72.37 -39.45
CA PHE E 223 -22.09 -72.14 -39.58
C PHE E 223 -22.29 -70.91 -40.44
N SER E 224 -23.20 -71.01 -41.40
CA SER E 224 -23.39 -69.99 -42.42
C SER E 224 -24.68 -69.19 -42.23
N CYS E 225 -25.49 -69.51 -41.24
CA CYS E 225 -26.77 -68.85 -41.03
C CYS E 225 -27.01 -68.60 -39.55
N LEU E 226 -27.87 -67.64 -39.27
CA LEU E 226 -28.26 -67.39 -37.88
C LEU E 226 -29.13 -68.53 -37.36
N GLU E 227 -30.02 -69.04 -38.21
CA GLU E 227 -30.99 -70.01 -37.75
C GLU E 227 -30.34 -71.34 -37.43
N ASN E 228 -29.41 -71.80 -38.27
CA ASN E 228 -28.71 -73.03 -37.94
C ASN E 228 -27.88 -72.87 -36.68
N PHE E 229 -27.30 -71.69 -36.49
CA PHE E 229 -26.58 -71.38 -35.26
C PHE E 229 -27.50 -71.49 -34.05
N ARG E 230 -28.67 -70.85 -34.12
CA ARG E 230 -29.60 -70.88 -33.00
C ARG E 230 -30.08 -72.29 -32.71
N ALA E 231 -30.34 -73.07 -33.76
CA ALA E 231 -30.79 -74.44 -33.56
C ALA E 231 -29.67 -75.28 -32.96
N TYR E 232 -28.43 -75.06 -33.39
CA TYR E 232 -27.30 -75.78 -32.81
C TYR E 232 -27.17 -75.48 -31.34
N VAL E 233 -27.23 -74.19 -30.99
CA VAL E 233 -27.06 -73.80 -29.58
C VAL E 233 -28.20 -74.33 -28.75
N ASP E 234 -29.43 -74.11 -29.19
CA ASP E 234 -30.59 -74.56 -28.42
C ASP E 234 -30.61 -76.08 -28.31
N GLY E 235 -30.13 -76.76 -29.35
CA GLY E 235 -30.03 -78.20 -29.32
C GLY E 235 -28.66 -78.69 -28.89
N PHE E 236 -27.90 -77.84 -28.19
CA PHE E 236 -26.54 -78.18 -27.83
C PHE E 236 -26.49 -78.98 -26.55
N GLU E 237 -25.42 -79.76 -26.42
CA GLU E 237 -25.08 -80.44 -25.19
C GLU E 237 -23.56 -80.55 -25.12
N PRO E 238 -22.99 -80.70 -23.93
CA PRO E 238 -21.54 -80.91 -23.83
C PRO E 238 -21.21 -82.39 -23.98
N ASN E 239 -20.14 -82.68 -24.73
CA ASN E 239 -19.70 -84.03 -25.00
C ASN E 239 -18.23 -84.24 -24.66
N GLY E 240 -17.67 -83.39 -23.80
CA GLY E 240 -16.27 -83.54 -23.45
C GLY E 240 -15.34 -83.18 -24.59
N TYR E 241 -15.65 -82.11 -25.32
CA TYR E 241 -14.79 -81.68 -26.42
C TYR E 241 -13.47 -81.15 -25.88
N ILE E 242 -13.50 -80.58 -24.67
CA ILE E 242 -12.37 -79.82 -24.15
C ILE E 242 -11.13 -80.70 -24.02
N GLU E 243 -11.31 -81.96 -23.64
CA GLU E 243 -10.17 -82.84 -23.47
C GLU E 243 -9.55 -83.17 -24.83
N GLY E 244 -10.39 -83.36 -25.84
CA GLY E 244 -9.86 -83.56 -27.18
C GLY E 244 -9.11 -82.34 -27.68
N LYS E 245 -9.61 -81.15 -27.36
CA LYS E 245 -8.91 -79.93 -27.74
C LYS E 245 -7.55 -79.85 -27.06
N LEU E 246 -7.51 -80.18 -25.77
CA LEU E 246 -6.25 -80.10 -25.02
C LEU E 246 -5.23 -81.08 -25.56
N SER E 247 -5.60 -82.36 -25.65
CA SER E 247 -4.70 -83.37 -26.19
C SER E 247 -4.30 -83.04 -27.63
N GLN E 248 -5.20 -82.40 -28.38
CA GLN E 248 -4.88 -81.99 -29.74
C GLN E 248 -3.78 -80.95 -29.78
N MET E 249 -3.65 -80.15 -28.73
CA MET E 249 -2.87 -78.92 -28.81
C MET E 249 -1.38 -79.21 -28.79
N SER E 250 -0.63 -78.30 -29.39
CA SER E 250 0.81 -78.28 -29.25
C SER E 250 1.19 -78.13 -27.79
N LYS E 251 2.21 -78.86 -27.37
CA LYS E 251 2.70 -78.73 -26.01
C LYS E 251 3.54 -77.47 -25.84
N GLU E 252 4.00 -76.88 -26.93
CA GLU E 252 4.73 -75.61 -26.86
C GLU E 252 3.88 -74.55 -26.17
N VAL E 253 2.58 -74.53 -26.44
CA VAL E 253 1.70 -73.51 -25.90
C VAL E 253 1.31 -73.89 -24.48
N ASN E 254 2.10 -73.45 -23.50
CA ASN E 254 1.86 -73.78 -22.12
C ASN E 254 2.76 -72.92 -21.24
N ALA E 255 2.21 -72.49 -20.12
CA ALA E 255 2.87 -71.55 -19.22
C ALA E 255 3.53 -72.31 -18.10
N LYS E 256 4.85 -72.32 -18.10
CA LYS E 256 5.64 -73.14 -17.20
C LYS E 256 6.13 -72.27 -16.05
N ILE E 257 5.88 -72.72 -14.82
CA ILE E 257 6.33 -71.98 -13.65
C ILE E 257 7.81 -72.23 -13.44
N GLU E 258 8.43 -71.37 -12.64
CA GLU E 258 9.83 -71.50 -12.28
C GLU E 258 10.02 -70.98 -10.87
N PRO E 259 11.11 -71.35 -10.20
CA PRO E 259 11.36 -70.81 -8.86
C PRO E 259 12.03 -69.45 -8.97
N PHE E 260 11.32 -68.41 -8.55
CA PHE E 260 11.86 -67.06 -8.54
C PHE E 260 12.87 -67.00 -7.40
N LEU E 261 14.08 -67.45 -7.71
CA LEU E 261 15.03 -67.77 -6.67
C LEU E 261 15.61 -66.51 -6.05
N LYS E 262 16.23 -66.71 -4.88
CA LYS E 262 16.83 -65.61 -4.14
C LYS E 262 17.88 -64.88 -4.96
N THR E 263 18.81 -65.63 -5.56
CA THR E 263 19.89 -65.03 -6.34
C THR E 263 19.48 -64.66 -7.77
N THR E 264 18.26 -64.97 -8.19
CA THR E 264 17.88 -64.71 -9.56
C THR E 264 17.84 -63.23 -9.91
N PRO E 265 17.12 -62.37 -9.20
CA PRO E 265 16.92 -61.00 -9.70
C PRO E 265 18.20 -60.18 -9.66
N ARG E 266 18.78 -59.97 -10.84
CA ARG E 266 19.98 -59.18 -10.97
C ARG E 266 19.68 -57.73 -10.58
N PRO E 267 20.70 -56.95 -10.22
CA PRO E 267 20.45 -55.52 -10.00
C PRO E 267 20.04 -54.86 -11.29
N ILE E 268 18.91 -54.17 -11.24
CA ILE E 268 18.43 -53.43 -12.40
C ILE E 268 19.48 -52.41 -12.78
N ARG E 269 19.86 -52.43 -14.06
CA ARG E 269 20.89 -51.53 -14.56
C ARG E 269 20.25 -50.22 -14.96
N LEU E 270 20.69 -49.15 -14.34
CA LEU E 270 20.22 -47.84 -14.69
C LEU E 270 20.76 -47.48 -16.07
N PRO E 271 20.05 -46.67 -16.85
CA PRO E 271 20.59 -46.26 -18.15
C PRO E 271 21.85 -45.44 -17.97
N ASP E 272 22.66 -45.43 -19.01
CA ASP E 272 23.90 -44.66 -19.04
C ASP E 272 23.83 -43.67 -20.20
N GLY E 273 24.59 -42.59 -20.07
CA GLY E 273 24.48 -41.47 -20.97
C GLY E 273 24.93 -40.21 -20.26
N PRO E 274 24.47 -39.05 -20.71
CA PRO E 274 24.85 -37.81 -20.03
C PRO E 274 24.33 -37.79 -18.60
N PRO E 275 24.79 -36.84 -17.78
CA PRO E 275 24.24 -36.73 -16.43
C PRO E 275 22.80 -36.25 -16.40
N CYS E 276 22.08 -36.66 -15.36
CA CYS E 276 20.71 -36.18 -15.16
C CYS E 276 20.73 -34.71 -14.80
N PHE E 277 19.74 -33.97 -15.29
CA PHE E 277 19.63 -32.53 -15.10
C PHE E 277 18.27 -32.15 -14.52
N GLN E 278 18.26 -31.13 -13.68
CA GLN E 278 17.04 -30.69 -13.03
C GLN E 278 16.09 -30.04 -14.02
N ARG E 279 14.80 -30.18 -13.76
CA ARG E 279 13.75 -29.59 -14.58
C ARG E 279 12.63 -28.98 -13.76
N SER E 280 12.83 -28.80 -12.46
CA SER E 280 11.77 -28.28 -11.62
C SER E 280 11.45 -26.85 -12.01
N LYS E 281 10.21 -26.46 -11.78
CA LYS E 281 9.78 -25.11 -12.17
C LYS E 281 10.34 -24.06 -11.23
N PHE E 282 10.90 -24.49 -10.10
CA PHE E 282 11.51 -23.60 -9.15
C PHE E 282 12.48 -24.41 -8.32
N LEU E 283 13.71 -23.94 -8.23
CA LEU E 283 14.69 -24.64 -7.42
C LEU E 283 14.24 -24.72 -5.98
N LEU E 284 14.87 -25.62 -5.24
CA LEU E 284 14.28 -26.22 -4.07
C LEU E 284 15.15 -26.11 -2.82
N MET E 285 16.46 -26.33 -2.95
CA MET E 285 17.35 -26.21 -1.79
C MET E 285 18.04 -24.88 -1.77
N ASP E 286 18.47 -24.39 -2.94
CA ASP E 286 19.38 -23.25 -2.99
C ASP E 286 18.63 -21.92 -2.92
N ALA E 287 17.31 -21.94 -3.06
CA ALA E 287 16.56 -20.70 -3.02
C ALA E 287 16.59 -20.10 -1.63
N LEU E 288 16.27 -18.81 -1.57
CA LEU E 288 16.14 -18.08 -0.32
C LEU E 288 15.02 -17.06 -0.47
N LYS E 289 14.61 -16.50 0.65
CA LYS E 289 13.42 -15.66 0.70
C LYS E 289 13.72 -14.36 1.42
N LEU E 290 13.44 -13.24 0.75
CA LEU E 290 13.53 -11.93 1.36
C LEU E 290 12.27 -11.65 2.18
N SER E 291 12.41 -11.76 3.50
CA SER E 291 11.28 -11.60 4.39
C SER E 291 10.69 -10.19 4.28
N ILE E 292 9.51 -10.03 4.87
CA ILE E 292 8.84 -8.74 4.98
C ILE E 292 8.97 -8.16 6.39
N GLU E 293 9.40 -8.97 7.36
CA GLU E 293 9.52 -8.57 8.76
C GLU E 293 8.16 -8.22 9.36
N ASP E 294 7.22 -9.14 9.25
CA ASP E 294 6.04 -9.21 10.11
C ASP E 294 5.16 -7.95 10.04
N PRO E 295 4.44 -7.75 8.94
CA PRO E 295 3.52 -6.63 8.85
C PRO E 295 2.33 -6.78 9.80
N SER E 296 1.45 -5.78 9.74
CA SER E 296 0.27 -5.76 10.59
C SER E 296 -0.73 -6.80 10.12
N HIS E 297 -1.86 -6.87 10.83
CA HIS E 297 -2.87 -7.89 10.57
C HIS E 297 -4.03 -7.37 9.75
N GLU E 298 -4.27 -6.06 9.72
CA GLU E 298 -5.36 -5.48 8.95
C GLU E 298 -4.93 -5.07 7.55
N GLY E 299 -3.64 -4.86 7.32
CA GLY E 299 -3.20 -4.37 6.04
C GLY E 299 -3.06 -5.47 5.01
N GLU E 300 -4.07 -5.57 4.14
CA GLU E 300 -3.97 -6.45 3.00
C GLU E 300 -2.96 -5.87 2.03
N GLY E 301 -2.49 -6.70 1.10
CA GLY E 301 -1.51 -6.27 0.14
C GLY E 301 -1.67 -6.92 -1.22
N ILE E 302 -1.83 -6.09 -2.23
CA ILE E 302 -1.67 -6.59 -3.60
C ILE E 302 -0.23 -7.05 -3.76
N PRO E 303 0.03 -8.29 -4.20
CA PRO E 303 1.32 -8.93 -3.86
C PRO E 303 2.54 -8.21 -4.37
N LEU E 304 2.42 -7.46 -5.47
CA LEU E 304 3.56 -6.75 -6.01
C LEU E 304 4.18 -5.84 -4.98
N TYR E 305 3.35 -5.16 -4.20
CA TYR E 305 3.88 -4.17 -3.27
C TYR E 305 4.57 -4.83 -2.10
N ASP E 306 4.07 -5.99 -1.66
CA ASP E 306 4.78 -6.74 -0.62
C ASP E 306 6.12 -7.22 -1.14
N ALA E 307 6.14 -7.75 -2.37
CA ALA E 307 7.40 -8.13 -2.98
C ALA E 307 8.36 -6.96 -3.06
N ILE E 308 7.91 -5.86 -3.63
CA ILE E 308 8.72 -4.66 -3.81
C ILE E 308 9.26 -4.19 -2.47
N LYS E 309 8.44 -4.24 -1.43
CA LYS E 309 8.90 -3.89 -0.10
C LYS E 309 10.04 -4.80 0.32
N CYS E 310 9.95 -6.09 -0.04
CA CYS E 310 10.99 -7.02 0.39
C CYS E 310 12.26 -6.87 -0.45
N MET E 311 12.11 -6.61 -1.74
CA MET E 311 13.26 -6.35 -2.58
C MET E 311 13.92 -5.04 -2.18
N ARG E 312 13.09 -4.08 -1.77
CA ARG E 312 13.58 -2.80 -1.26
C ARG E 312 14.34 -3.00 0.04
N THR E 313 14.05 -4.07 0.78
CA THR E 313 14.74 -4.31 2.04
C THR E 313 16.21 -4.65 1.83
N PHE E 314 16.53 -5.33 0.74
CA PHE E 314 17.87 -5.86 0.55
C PHE E 314 18.75 -4.89 -0.24
N PHE E 315 19.96 -4.69 0.27
CA PHE E 315 21.02 -3.98 -0.44
C PHE E 315 22.24 -4.87 -0.47
N GLY E 316 23.03 -4.73 -1.52
CA GLY E 316 24.00 -5.74 -1.89
C GLY E 316 23.94 -6.15 -3.34
N TRP E 317 23.51 -5.22 -4.18
CA TRP E 317 23.35 -5.44 -5.60
C TRP E 317 24.59 -4.95 -6.33
N LYS E 318 25.41 -5.87 -6.80
CA LYS E 318 26.52 -5.53 -7.67
C LYS E 318 26.03 -5.37 -9.11
N GLU E 319 26.95 -5.02 -9.98
CA GLU E 319 26.64 -5.00 -11.39
C GLU E 319 26.37 -6.42 -11.87
N PRO E 320 25.42 -6.63 -12.80
CA PRO E 320 25.19 -7.98 -13.31
C PRO E 320 26.23 -8.38 -14.35
N TYR E 321 26.93 -9.48 -14.08
CA TYR E 321 27.73 -10.16 -15.07
C TYR E 321 27.55 -11.67 -14.90
N ILE E 322 27.35 -12.36 -16.03
CA ILE E 322 27.03 -13.78 -16.00
C ILE E 322 28.16 -14.55 -15.35
N VAL E 323 27.78 -15.61 -14.64
CA VAL E 323 28.72 -16.47 -13.94
C VAL E 323 28.80 -17.86 -14.56
N LYS E 324 27.74 -18.31 -15.25
CA LYS E 324 27.68 -19.63 -15.85
C LYS E 324 27.48 -19.43 -17.34
N PRO E 325 28.33 -19.98 -18.21
CA PRO E 325 27.99 -19.98 -19.63
C PRO E 325 26.86 -20.95 -19.91
N HIS E 326 25.75 -20.42 -20.45
CA HIS E 326 24.63 -21.28 -20.82
C HIS E 326 25.07 -22.39 -21.76
N GLU E 327 26.01 -22.09 -22.66
CA GLU E 327 26.48 -22.97 -23.75
C GLU E 327 25.46 -23.08 -24.88
N LYS E 328 24.29 -22.47 -24.75
CA LYS E 328 23.28 -22.43 -25.79
C LYS E 328 22.47 -21.18 -25.55
N GLY E 329 21.72 -20.74 -26.56
CA GLY E 329 21.01 -19.50 -26.37
C GLY E 329 21.97 -18.33 -26.30
N ILE E 330 21.56 -17.28 -25.59
CA ILE E 330 22.32 -16.03 -25.48
C ILE E 330 22.22 -15.49 -24.06
N ASN E 331 23.28 -15.71 -23.28
CA ASN E 331 23.31 -15.24 -21.89
C ASN E 331 23.13 -13.73 -21.72
N PRO E 332 23.78 -12.86 -22.50
CA PRO E 332 23.56 -11.42 -22.31
C PRO E 332 22.12 -10.99 -22.37
N ASN E 333 21.32 -11.69 -23.19
CA ASN E 333 19.94 -11.28 -23.34
C ASN E 333 19.15 -11.49 -22.05
N TYR E 334 19.46 -12.56 -21.32
CA TYR E 334 18.79 -12.79 -20.04
C TYR E 334 19.27 -11.79 -18.99
N LEU E 335 20.55 -11.44 -19.05
CA LEU E 335 21.04 -10.35 -18.21
C LEU E 335 20.21 -9.08 -18.41
N LEU E 336 20.04 -8.68 -19.66
CA LEU E 336 19.31 -7.45 -19.93
C LEU E 336 17.83 -7.60 -19.60
N SER E 337 17.30 -8.83 -19.65
CA SER E 337 15.94 -9.06 -19.17
C SER E 337 15.81 -8.71 -17.69
N TRP E 338 16.71 -9.25 -16.87
CA TRP E 338 16.72 -8.93 -15.45
C TRP E 338 16.85 -7.43 -15.21
N LYS E 339 17.70 -6.78 -16.01
CA LYS E 339 17.82 -5.33 -15.93
C LYS E 339 16.49 -4.65 -16.18
N GLN E 340 15.79 -5.06 -17.23
CA GLN E 340 14.47 -4.51 -17.54
C GLN E 340 13.54 -4.69 -16.36
N VAL E 341 13.65 -5.82 -15.67
CA VAL E 341 12.77 -6.09 -14.54
C VAL E 341 12.98 -5.05 -13.45
N LEU E 342 14.22 -4.94 -12.98
CA LEU E 342 14.51 -4.00 -11.91
C LEU E 342 14.11 -2.58 -12.29
N ALA E 343 14.41 -2.19 -13.52
CA ALA E 343 14.11 -0.83 -13.96
C ALA E 343 12.61 -0.59 -13.98
N GLU E 344 11.85 -1.55 -14.53
CA GLU E 344 10.41 -1.42 -14.62
C GLU E 344 9.80 -1.29 -13.23
N LEU E 345 10.32 -2.07 -12.29
CA LEU E 345 9.74 -2.07 -10.95
C LEU E 345 9.99 -0.74 -10.24
N GLN E 346 11.23 -0.26 -10.27
CA GLN E 346 11.51 1.01 -9.63
C GLN E 346 10.71 2.13 -10.30
N ASP E 347 10.58 2.07 -11.62
CA ASP E 347 9.98 3.17 -12.36
C ASP E 347 8.47 3.21 -12.13
N ILE E 348 7.82 2.06 -12.12
CA ILE E 348 6.38 2.05 -11.88
C ILE E 348 6.10 2.57 -10.47
N GLU E 349 6.79 2.03 -9.47
CA GLU E 349 6.36 2.29 -8.10
C GLU E 349 6.69 3.71 -7.68
N ASN E 350 7.81 4.24 -8.14
CA ASN E 350 8.20 5.56 -7.67
C ASN E 350 7.29 6.64 -8.23
N GLU E 351 6.93 6.54 -9.52
CA GLU E 351 6.33 7.66 -10.24
C GLU E 351 5.14 7.25 -11.13
N GLU E 352 4.23 6.43 -10.59
CA GLU E 352 2.96 6.19 -11.25
C GLU E 352 1.88 6.00 -10.20
N LYS E 353 0.63 5.88 -10.65
CA LYS E 353 -0.52 5.83 -9.75
C LYS E 353 -0.79 4.42 -9.22
N ILE E 354 0.28 3.78 -8.75
CA ILE E 354 0.17 2.54 -7.97
C ILE E 354 -0.65 1.48 -8.70
N PRO E 355 -0.20 0.97 -9.85
CA PRO E 355 -1.01 -0.08 -10.52
C PRO E 355 -0.95 -1.38 -9.73
N ARG E 356 -2.12 -2.01 -9.59
CA ARG E 356 -2.22 -3.25 -8.83
C ARG E 356 -1.33 -4.33 -9.42
N THR E 357 -1.42 -4.54 -10.73
CA THR E 357 -0.64 -5.54 -11.44
C THR E 357 0.07 -4.87 -12.61
N LYS E 358 1.33 -5.23 -12.81
CA LYS E 358 2.18 -4.64 -13.83
C LYS E 358 2.55 -5.71 -14.83
N ASN E 359 2.41 -5.35 -16.10
CA ASN E 359 2.88 -6.18 -17.20
C ASN E 359 4.04 -5.48 -17.90
N MET E 360 5.09 -6.24 -18.18
CA MET E 360 6.33 -5.67 -18.65
C MET E 360 6.17 -5.00 -20.01
N LYS E 361 7.22 -4.34 -20.46
CA LYS E 361 7.27 -3.78 -21.80
C LYS E 361 7.95 -4.75 -22.75
N LYS E 362 7.44 -4.82 -23.98
CA LYS E 362 8.02 -5.70 -24.99
C LYS E 362 9.41 -5.23 -25.36
N THR E 363 10.34 -6.17 -25.43
CA THR E 363 11.74 -5.89 -25.71
C THR E 363 12.33 -7.01 -26.52
N SER E 364 13.57 -6.80 -26.95
CA SER E 364 14.32 -7.88 -27.59
C SER E 364 14.53 -9.02 -26.61
N GLN E 365 14.79 -8.70 -25.35
CA GLN E 365 15.21 -9.71 -24.39
C GLN E 365 14.10 -10.71 -24.12
N LEU E 366 12.99 -10.22 -23.58
CA LEU E 366 11.92 -11.11 -23.17
C LEU E 366 11.30 -11.78 -24.38
N LYS E 367 11.10 -11.00 -25.45
CA LYS E 367 10.50 -11.55 -26.66
C LYS E 367 11.38 -12.62 -27.28
N TRP E 368 12.70 -12.53 -27.06
CA TRP E 368 13.58 -13.63 -27.44
C TRP E 368 13.36 -14.82 -26.53
N ALA E 369 13.37 -14.58 -25.22
CA ALA E 369 13.31 -15.67 -24.26
C ALA E 369 11.95 -16.35 -24.20
N LEU E 370 10.94 -15.82 -24.91
CA LEU E 370 9.65 -16.46 -25.02
C LEU E 370 9.23 -16.74 -26.46
N GLY E 371 9.91 -16.15 -27.44
CA GLY E 371 9.73 -16.55 -28.82
C GLY E 371 8.34 -16.31 -29.36
N GLU E 372 7.90 -15.05 -29.28
CA GLU E 372 6.60 -14.72 -29.86
C GLU E 372 6.64 -14.80 -31.39
N ASN E 373 7.84 -14.82 -31.97
CA ASN E 373 7.98 -15.06 -33.40
C ASN E 373 8.20 -16.53 -33.71
N MET E 374 8.43 -17.38 -32.71
CA MET E 374 8.82 -18.75 -32.96
C MET E 374 7.68 -19.58 -33.55
N ALA E 375 6.46 -19.06 -33.51
CA ALA E 375 5.33 -19.83 -33.98
C ALA E 375 5.35 -19.97 -35.50
N PRO E 376 5.10 -21.15 -36.04
CA PRO E 376 4.66 -21.25 -37.44
C PRO E 376 3.15 -21.18 -37.51
N GLU E 377 2.64 -21.11 -38.73
CA GLU E 377 1.23 -20.81 -38.98
C GLU E 377 0.55 -21.98 -39.68
N LYS E 378 -0.73 -22.18 -39.36
CA LYS E 378 -1.54 -23.17 -40.05
C LYS E 378 -1.66 -22.80 -41.52
N VAL E 379 -1.73 -23.83 -42.37
CA VAL E 379 -1.90 -23.67 -43.81
C VAL E 379 -2.59 -24.93 -44.33
N ASP E 380 -3.09 -24.85 -45.55
CA ASP E 380 -3.72 -26.01 -46.18
C ASP E 380 -2.66 -26.96 -46.71
N PHE E 381 -3.10 -28.18 -47.06
CA PHE E 381 -2.16 -29.21 -47.50
C PHE E 381 -1.68 -28.96 -48.92
N ASP E 382 -2.58 -28.57 -49.81
CA ASP E 382 -2.27 -28.53 -51.23
C ASP E 382 -1.15 -27.54 -51.52
N ASN E 383 -1.08 -26.46 -50.75
CA ASN E 383 -0.11 -25.40 -51.04
C ASN E 383 1.30 -25.79 -50.60
N CYS E 384 1.41 -26.73 -49.65
CA CYS E 384 2.69 -27.11 -49.07
C CYS E 384 3.13 -28.52 -49.46
N ARG E 385 2.22 -29.33 -50.02
CA ARG E 385 2.58 -30.67 -50.45
C ARG E 385 3.71 -30.63 -51.48
N ASP E 386 3.75 -29.56 -52.28
CA ASP E 386 4.85 -29.37 -53.22
C ASP E 386 6.20 -29.31 -52.50
N VAL E 387 6.21 -28.84 -51.26
CA VAL E 387 7.45 -28.73 -50.51
C VAL E 387 7.88 -30.12 -50.05
N SER E 388 9.19 -30.36 -50.06
CA SER E 388 9.77 -31.62 -49.59
C SER E 388 10.46 -31.48 -48.23
N ASP E 389 10.59 -30.26 -47.70
CA ASP E 389 11.21 -30.09 -46.39
C ASP E 389 10.34 -30.67 -45.28
N LEU E 390 9.06 -30.89 -45.55
CA LEU E 390 8.12 -31.22 -44.49
C LEU E 390 8.39 -32.61 -43.93
N LYS E 391 8.13 -32.74 -42.63
CA LYS E 391 8.15 -34.02 -41.93
C LYS E 391 6.94 -34.05 -41.01
N GLN E 392 6.46 -35.26 -40.72
CA GLN E 392 5.34 -35.42 -39.79
C GLN E 392 5.66 -34.78 -38.46
N TYR E 393 6.66 -35.32 -37.77
CA TYR E 393 7.28 -34.65 -36.63
C TYR E 393 8.47 -35.50 -36.21
N ASP E 394 9.40 -34.86 -35.51
CA ASP E 394 10.47 -35.55 -34.80
C ASP E 394 9.90 -36.24 -33.56
N SER E 395 9.10 -37.27 -33.83
CA SER E 395 8.43 -38.06 -32.79
C SER E 395 9.29 -39.29 -32.53
N ASP E 396 10.15 -39.21 -31.53
CA ASP E 396 11.10 -40.27 -31.25
C ASP E 396 11.46 -40.21 -29.78
N GLU E 397 12.16 -41.24 -29.32
CA GLU E 397 12.61 -41.25 -27.94
C GLU E 397 13.62 -40.12 -27.72
N PRO E 398 13.70 -39.57 -26.52
CA PRO E 398 14.68 -38.52 -26.26
C PRO E 398 16.00 -39.10 -25.78
N GLU E 399 16.91 -38.19 -25.44
CA GLU E 399 18.24 -38.59 -25.02
C GLU E 399 18.19 -39.30 -23.68
N LEU E 400 18.96 -40.37 -23.57
CA LEU E 400 19.16 -41.03 -22.30
C LEU E 400 19.79 -40.09 -21.29
N ARG E 401 19.66 -40.44 -20.01
CA ARG E 401 20.34 -39.74 -18.94
C ARG E 401 20.84 -40.72 -17.91
N SER E 402 21.91 -40.33 -17.22
CA SER E 402 22.49 -41.11 -16.14
C SER E 402 22.17 -40.49 -14.81
N LEU E 403 22.03 -41.34 -13.80
CA LEU E 403 21.85 -40.86 -12.44
C LEU E 403 23.11 -40.13 -11.98
N SER E 404 22.90 -39.13 -11.14
CA SER E 404 23.99 -38.42 -10.50
C SER E 404 23.60 -38.15 -9.07
N SER E 405 24.47 -37.45 -8.34
CA SER E 405 24.30 -37.24 -6.92
C SER E 405 23.45 -36.03 -6.57
N TRP E 406 23.23 -35.13 -7.53
CA TRP E 406 22.63 -33.84 -7.18
C TRP E 406 21.21 -33.99 -6.65
N ILE E 407 20.39 -34.80 -7.33
CA ILE E 407 19.00 -34.96 -6.93
C ILE E 407 18.91 -35.58 -5.55
N GLN E 408 19.85 -36.47 -5.22
CA GLN E 408 19.87 -37.06 -3.90
C GLN E 408 20.09 -35.98 -2.84
N ASN E 409 20.98 -35.04 -3.12
CA ASN E 409 21.24 -33.97 -2.18
C ASN E 409 20.02 -33.08 -2.06
N GLU E 410 19.39 -32.76 -3.18
CA GLU E 410 18.18 -31.95 -3.16
C GLU E 410 17.10 -32.60 -2.32
N PHE E 411 16.96 -33.92 -2.43
CA PHE E 411 15.95 -34.62 -1.65
C PHE E 411 16.29 -34.59 -0.17
N ASN E 412 17.53 -34.93 0.17
CA ASN E 412 17.97 -34.88 1.55
C ASN E 412 17.70 -33.53 2.19
N LYS E 413 18.03 -32.45 1.47
CA LYS E 413 17.71 -31.11 1.98
C LYS E 413 16.20 -30.93 2.08
N ALA E 414 15.45 -31.57 1.20
CA ALA E 414 14.02 -31.27 1.10
C ALA E 414 13.20 -32.05 2.10
N CYS E 415 13.76 -33.13 2.66
CA CYS E 415 13.12 -33.78 3.80
C CYS E 415 13.41 -33.04 5.10
N GLU E 416 14.47 -32.26 5.14
CA GLU E 416 14.95 -31.67 6.38
C GLU E 416 13.97 -30.66 6.94
N LEU E 417 14.03 -30.45 8.25
CA LEU E 417 13.17 -29.49 8.93
C LEU E 417 13.65 -28.08 8.67
N THR E 418 12.75 -27.24 8.15
CA THR E 418 12.92 -25.81 8.24
C THR E 418 12.42 -25.35 9.61
N ASP E 419 12.60 -24.07 9.90
CA ASP E 419 12.36 -23.57 11.24
C ASP E 419 10.92 -23.14 11.46
N SER E 420 10.31 -22.49 10.48
CA SER E 420 9.00 -21.88 10.64
C SER E 420 7.93 -22.96 10.75
N THR E 421 6.68 -22.50 10.83
CA THR E 421 5.50 -23.35 11.00
C THR E 421 4.81 -23.67 9.68
N TRP E 422 4.69 -22.69 8.80
CA TRP E 422 4.33 -22.89 7.39
C TRP E 422 2.88 -23.29 7.14
N ILE E 423 2.11 -23.59 8.18
CA ILE E 423 0.71 -23.92 7.96
C ILE E 423 -0.04 -23.83 9.28
N GLU E 424 -1.22 -23.24 9.24
CA GLU E 424 -2.13 -23.21 10.37
C GLU E 424 -3.24 -24.21 10.15
N LEU E 425 -4.11 -24.36 11.15
CA LEU E 425 -5.25 -25.24 10.99
C LEU E 425 -6.31 -24.86 12.02
N ASP E 426 -7.55 -24.76 11.55
CA ASP E 426 -8.64 -24.18 12.32
C ASP E 426 -9.39 -25.25 13.10
N GLU E 427 -10.56 -24.88 13.64
CA GLU E 427 -11.36 -25.75 14.48
C GLU E 427 -12.53 -26.33 13.72
N ILE E 428 -13.06 -27.41 14.27
CA ILE E 428 -14.16 -28.18 13.71
C ILE E 428 -15.02 -28.60 14.88
N GLY E 429 -16.25 -29.04 14.59
CA GLY E 429 -17.20 -29.50 15.58
C GLY E 429 -16.60 -30.44 16.60
N GLU E 430 -17.19 -30.46 17.78
CA GLU E 430 -16.59 -31.13 18.93
C GLU E 430 -16.56 -32.64 18.69
N ASP E 431 -16.01 -33.35 19.66
CA ASP E 431 -15.72 -34.78 19.57
C ASP E 431 -16.43 -35.49 20.71
N VAL E 432 -17.38 -36.37 20.36
CA VAL E 432 -18.15 -37.15 21.33
C VAL E 432 -17.96 -38.64 21.11
N ALA E 433 -18.22 -39.11 19.89
CA ALA E 433 -18.06 -40.52 19.58
C ALA E 433 -16.58 -40.91 19.62
N PRO E 434 -16.28 -42.21 19.73
CA PRO E 434 -14.87 -42.62 19.85
C PRO E 434 -14.03 -42.30 18.62
N ILE E 435 -14.53 -42.76 17.46
CA ILE E 435 -13.82 -42.64 16.20
C ILE E 435 -13.46 -41.18 15.92
N GLU E 436 -14.27 -40.26 16.41
CA GLU E 436 -13.94 -38.84 16.33
C GLU E 436 -12.63 -38.54 17.07
N TYR E 437 -12.50 -39.03 18.29
CA TYR E 437 -11.28 -38.78 19.06
C TYR E 437 -10.07 -39.38 18.37
N ILE E 438 -10.20 -40.59 17.84
CA ILE E 438 -9.06 -41.22 17.18
C ILE E 438 -8.66 -40.42 15.94
N ALA E 439 -9.64 -39.97 15.15
CA ALA E 439 -9.33 -39.14 13.99
C ALA E 439 -8.64 -37.85 14.43
N SER E 440 -9.15 -37.22 15.49
CA SER E 440 -8.59 -35.97 15.96
C SER E 440 -7.12 -36.14 16.34
N MET E 441 -6.83 -37.16 17.15
CA MET E 441 -5.45 -37.30 17.62
C MET E 441 -4.52 -37.63 16.46
N ARG E 442 -4.98 -38.47 15.52
CA ARG E 442 -4.14 -38.82 14.39
C ARG E 442 -3.82 -37.59 13.55
N ARG E 443 -4.84 -36.79 13.23
CA ARG E 443 -4.58 -35.63 12.38
C ARG E 443 -3.73 -34.59 13.10
N ASN E 444 -3.92 -34.45 14.41
CA ASN E 444 -3.12 -33.47 15.15
C ASN E 444 -1.65 -33.86 15.14
N TYR E 445 -1.35 -35.11 15.52
CA TYR E 445 0.00 -35.65 15.38
C TYR E 445 0.55 -35.36 14.00
N PHE E 446 -0.25 -35.65 12.97
CA PHE E 446 0.23 -35.58 11.61
C PHE E 446 0.60 -34.15 11.23
N THR E 447 -0.33 -33.22 11.39
CA THR E 447 -0.07 -31.86 10.93
C THR E 447 1.02 -31.20 11.75
N ALA E 448 1.10 -31.53 13.05
CA ALA E 448 2.15 -30.94 13.87
C ALA E 448 3.50 -31.43 13.41
N GLU E 449 3.58 -32.70 13.00
CA GLU E 449 4.86 -33.21 12.52
C GLU E 449 5.20 -32.66 11.14
N VAL E 450 4.19 -32.40 10.31
CA VAL E 450 4.43 -32.05 8.92
C VAL E 450 4.77 -30.58 8.79
N SER E 451 4.17 -29.74 9.64
CA SER E 451 4.13 -28.31 9.38
C SER E 451 5.53 -27.71 9.31
N HIS E 452 6.48 -28.27 10.06
CA HIS E 452 7.83 -27.71 10.08
C HIS E 452 8.70 -28.29 8.95
N CYS E 453 8.08 -28.90 7.94
CA CYS E 453 8.83 -29.41 6.80
C CYS E 453 9.30 -28.28 5.90
N ARG E 454 10.26 -28.62 5.03
CA ARG E 454 10.52 -27.81 3.84
C ARG E 454 9.69 -28.30 2.66
N ALA E 455 9.21 -29.53 2.74
CA ALA E 455 8.25 -30.01 1.76
C ALA E 455 6.99 -29.16 1.78
N THR E 456 6.46 -28.92 2.96
CA THR E 456 5.26 -28.09 3.06
C THR E 456 5.55 -26.68 2.59
N GLU E 457 6.78 -26.23 2.76
CA GLU E 457 7.18 -24.95 2.19
C GLU E 457 7.04 -24.98 0.68
N TYR E 458 7.59 -26.03 0.05
CA TYR E 458 7.42 -26.19 -1.38
C TYR E 458 5.95 -26.26 -1.75
N ILE E 459 5.15 -26.85 -0.87
CA ILE E 459 3.73 -27.02 -1.16
C ILE E 459 3.04 -25.68 -1.29
N MET E 460 3.12 -24.87 -0.24
CA MET E 460 2.43 -23.59 -0.26
C MET E 460 3.01 -22.70 -1.34
N LYS E 461 4.33 -22.78 -1.55
CA LYS E 461 4.97 -22.02 -2.61
C LYS E 461 4.38 -22.39 -3.96
N GLY E 462 4.30 -23.69 -4.22
CA GLY E 462 3.78 -24.15 -5.49
C GLY E 462 2.33 -23.76 -5.68
N VAL E 463 1.55 -23.88 -4.61
CA VAL E 463 0.13 -23.59 -4.71
C VAL E 463 -0.07 -22.13 -5.04
N TYR E 464 0.65 -21.24 -4.35
CA TYR E 464 0.48 -19.82 -4.62
C TYR E 464 0.97 -19.47 -6.00
N ILE E 465 2.07 -20.07 -6.42
CA ILE E 465 2.61 -19.82 -7.75
C ILE E 465 1.61 -20.23 -8.82
N ASN E 466 1.04 -21.42 -8.69
CA ASN E 466 0.16 -21.93 -9.73
C ASN E 466 -1.16 -21.18 -9.72
N THR E 467 -1.69 -20.86 -8.54
CA THR E 467 -2.91 -20.06 -8.48
C THR E 467 -2.71 -18.72 -9.15
N ALA E 468 -1.58 -18.07 -8.87
CA ALA E 468 -1.31 -16.78 -9.47
C ALA E 468 -1.23 -16.90 -10.98
N LEU E 469 -0.53 -17.93 -11.45
CA LEU E 469 -0.37 -18.10 -12.90
C LEU E 469 -1.69 -18.40 -13.57
N LEU E 470 -2.54 -19.18 -12.92
CA LEU E 470 -3.80 -19.55 -13.54
C LEU E 470 -4.76 -18.37 -13.54
N ASN E 471 -4.80 -17.62 -12.44
CA ASN E 471 -5.53 -16.37 -12.40
C ASN E 471 -5.11 -15.47 -13.55
N ALA E 472 -3.79 -15.31 -13.73
CA ALA E 472 -3.28 -14.45 -14.78
C ALA E 472 -3.68 -14.97 -16.15
N SER E 473 -3.40 -16.24 -16.43
CA SER E 473 -3.59 -16.77 -17.78
C SER E 473 -5.06 -16.79 -18.17
N CYS E 474 -5.94 -17.19 -17.25
CA CYS E 474 -7.36 -17.11 -17.56
C CYS E 474 -7.81 -15.67 -17.67
N ALA E 475 -7.15 -14.76 -16.95
CA ALA E 475 -7.52 -13.35 -16.92
C ALA E 475 -6.64 -12.47 -17.79
N ALA E 476 -5.52 -12.98 -18.31
CA ALA E 476 -4.57 -12.14 -19.03
C ALA E 476 -3.66 -13.02 -19.85
N MET E 477 -3.67 -12.80 -21.17
CA MET E 477 -2.93 -13.64 -22.11
C MET E 477 -1.91 -12.84 -22.91
N ASP E 478 -2.29 -11.65 -23.38
CA ASP E 478 -1.48 -10.98 -24.40
C ASP E 478 -0.33 -10.18 -23.81
N ASP E 479 -0.09 -10.33 -22.51
CA ASP E 479 0.77 -9.39 -21.79
C ASP E 479 1.78 -10.13 -20.91
N PHE E 480 3.06 -9.85 -21.13
CA PHE E 480 4.09 -10.31 -20.22
C PHE E 480 3.83 -9.76 -18.84
N GLN E 481 3.55 -10.65 -17.90
CA GLN E 481 3.19 -10.26 -16.55
C GLN E 481 4.36 -10.51 -15.61
N LEU E 482 4.54 -9.62 -14.64
CA LEU E 482 5.41 -9.87 -13.51
C LEU E 482 4.53 -10.43 -12.41
N ILE E 483 5.01 -11.49 -11.78
CA ILE E 483 4.36 -12.06 -10.61
C ILE E 483 5.49 -12.49 -9.67
N PRO E 484 5.32 -12.37 -8.36
CA PRO E 484 6.27 -12.96 -7.43
C PRO E 484 5.95 -14.40 -7.11
N MET E 485 6.96 -15.12 -6.64
CA MET E 485 6.77 -16.45 -6.08
C MET E 485 6.41 -16.33 -4.60
N ILE E 486 5.39 -15.53 -4.33
CA ILE E 486 5.10 -15.04 -3.00
C ILE E 486 4.29 -16.09 -2.25
N SER E 487 4.58 -16.22 -0.96
CA SER E 487 3.93 -17.18 -0.09
C SER E 487 3.74 -16.59 1.29
N LYS E 488 2.62 -16.92 1.92
CA LYS E 488 2.27 -16.41 3.23
C LYS E 488 2.60 -17.45 4.29
N CYS E 489 3.47 -17.09 5.22
CA CYS E 489 3.87 -17.98 6.31
C CYS E 489 3.81 -17.24 7.63
N ARG E 490 3.20 -17.86 8.63
CA ARG E 490 3.21 -17.31 9.97
C ARG E 490 4.47 -17.73 10.70
N THR E 491 5.18 -16.75 11.24
CA THR E 491 6.32 -17.05 12.08
C THR E 491 5.86 -17.78 13.33
N LYS E 492 6.72 -18.67 13.82
CA LYS E 492 6.41 -19.44 15.02
C LYS E 492 6.18 -18.55 16.23
N GLU E 493 6.75 -17.34 16.21
CA GLU E 493 6.80 -16.46 17.38
C GLU E 493 6.38 -15.03 17.07
N GLY E 494 6.01 -14.72 15.82
CA GLY E 494 5.62 -13.38 15.45
C GLY E 494 4.31 -13.31 14.68
N ARG E 495 4.29 -12.48 13.64
CA ARG E 495 3.11 -12.24 12.82
C ARG E 495 3.23 -12.99 11.50
N ARG E 496 2.15 -12.92 10.73
CA ARG E 496 2.16 -13.40 9.35
C ARG E 496 3.27 -12.73 8.56
N LYS E 497 3.98 -13.54 7.77
CA LYS E 497 5.11 -13.09 6.97
C LYS E 497 4.91 -13.49 5.52
N THR E 498 4.87 -12.50 4.64
CA THR E 498 4.87 -12.71 3.20
C THR E 498 6.31 -12.79 2.72
N ASN E 499 6.75 -13.99 2.40
CA ASN E 499 8.09 -14.18 1.87
C ASN E 499 8.09 -13.98 0.36
N LEU E 500 9.15 -13.32 -0.13
CA LEU E 500 9.41 -13.16 -1.56
C LEU E 500 10.51 -14.14 -1.92
N TYR E 501 10.10 -15.24 -2.53
CA TYR E 501 11.07 -16.20 -3.04
C TYR E 501 11.76 -15.68 -4.28
N GLY E 502 10.98 -15.34 -5.30
CA GLY E 502 11.56 -14.92 -6.56
C GLY E 502 10.51 -14.37 -7.48
N PHE E 503 10.98 -13.54 -8.40
CA PHE E 503 10.12 -12.93 -9.39
C PHE E 503 9.80 -13.93 -10.50
N ILE E 504 8.75 -13.65 -11.25
CA ILE E 504 8.39 -14.41 -12.43
C ILE E 504 8.10 -13.42 -13.53
N ILE E 505 8.45 -13.78 -14.75
CA ILE E 505 8.00 -13.06 -15.94
C ILE E 505 7.19 -14.02 -16.79
N LYS E 506 5.88 -13.98 -16.61
CA LYS E 506 4.98 -14.89 -17.29
C LYS E 506 4.93 -14.56 -18.77
N GLY E 507 4.96 -15.60 -19.59
CA GLY E 507 4.83 -15.42 -21.02
C GLY E 507 3.42 -15.62 -21.50
N ARG E 508 3.14 -15.08 -22.67
CA ARG E 508 1.76 -14.97 -23.14
C ARG E 508 1.11 -16.33 -23.30
N SER E 509 -0.19 -16.39 -22.99
CA SER E 509 -0.86 -17.64 -22.69
C SER E 509 -2.30 -17.59 -23.20
N HIS E 510 -2.52 -18.12 -24.40
CA HIS E 510 -3.85 -18.39 -24.90
C HIS E 510 -4.02 -19.89 -24.97
N LEU E 511 -4.89 -20.41 -24.11
CA LEU E 511 -5.04 -21.85 -23.91
C LEU E 511 -6.31 -22.32 -24.62
N ARG E 512 -6.17 -22.67 -25.89
CA ARG E 512 -7.29 -23.23 -26.63
C ARG E 512 -7.66 -24.59 -26.08
N ASN E 513 -6.68 -25.31 -25.53
CA ASN E 513 -6.90 -26.53 -24.78
C ASN E 513 -6.09 -26.48 -23.50
N ASP E 514 -6.55 -27.25 -22.51
CA ASP E 514 -5.86 -27.28 -21.23
C ASP E 514 -4.48 -27.93 -21.35
N THR E 515 -4.32 -28.83 -22.31
CA THR E 515 -3.05 -29.56 -22.44
C THR E 515 -1.91 -28.63 -22.83
N ASP E 516 -2.21 -27.54 -23.50
CA ASP E 516 -1.21 -26.67 -24.12
C ASP E 516 -0.17 -26.19 -23.12
N VAL E 517 1.07 -26.02 -23.60
CA VAL E 517 2.11 -25.45 -22.76
C VAL E 517 2.04 -23.94 -22.81
N VAL E 518 2.40 -23.33 -21.69
CA VAL E 518 2.67 -21.91 -21.60
C VAL E 518 4.11 -21.78 -21.16
N ASN E 519 4.85 -20.87 -21.79
CA ASN E 519 6.26 -20.68 -21.48
C ASN E 519 6.45 -19.37 -20.74
N PHE E 520 7.56 -19.30 -20.00
CA PHE E 520 7.84 -18.10 -19.24
C PHE E 520 9.29 -18.11 -18.78
N VAL E 521 9.63 -17.11 -17.99
CA VAL E 521 10.95 -16.96 -17.38
C VAL E 521 10.76 -16.84 -15.89
N SER E 522 11.74 -17.32 -15.14
CA SER E 522 11.65 -17.42 -13.70
C SER E 522 12.95 -16.98 -13.06
N MET E 523 12.85 -16.06 -12.11
CA MET E 523 13.99 -15.54 -11.38
C MET E 523 13.82 -15.85 -9.92
N GLU E 524 14.68 -16.71 -9.39
CA GLU E 524 14.68 -17.08 -7.99
C GLU E 524 16.09 -16.92 -7.47
N PHE E 525 16.22 -16.13 -6.41
CA PHE E 525 17.53 -15.75 -5.91
C PHE E 525 18.26 -16.96 -5.36
N SER E 526 19.55 -16.83 -5.15
CA SER E 526 20.38 -17.96 -4.75
C SER E 526 21.68 -17.50 -4.13
N LEU E 527 22.05 -18.15 -3.02
CA LEU E 527 23.32 -17.90 -2.36
C LEU E 527 24.41 -18.82 -2.89
N THR E 528 24.16 -20.13 -2.86
CA THR E 528 25.17 -21.12 -3.21
C THR E 528 25.63 -20.92 -4.64
N ASP E 529 26.92 -20.99 -4.83
CA ASP E 529 27.45 -20.72 -6.14
C ASP E 529 27.14 -21.86 -7.09
N PRO E 530 27.11 -21.60 -8.39
CA PRO E 530 27.25 -22.69 -9.35
C PRO E 530 28.68 -23.18 -9.38
N ARG E 531 28.98 -24.00 -10.39
CA ARG E 531 30.27 -24.60 -10.73
C ARG E 531 30.75 -25.60 -9.68
N LEU E 532 30.05 -25.74 -8.55
CA LEU E 532 30.23 -26.85 -7.65
C LEU E 532 29.55 -28.09 -8.20
N GLU E 533 28.45 -27.90 -8.94
CA GLU E 533 27.65 -28.98 -9.50
C GLU E 533 27.09 -28.50 -10.84
N PRO E 534 27.96 -28.25 -11.82
CA PRO E 534 27.47 -27.70 -13.09
C PRO E 534 26.64 -28.68 -13.88
N HIS E 535 26.64 -29.95 -13.48
CA HIS E 535 25.78 -30.94 -14.13
C HIS E 535 24.32 -30.73 -13.75
N LYS E 536 24.07 -30.22 -12.54
CA LYS E 536 22.70 -30.09 -12.04
C LYS E 536 21.86 -29.19 -12.94
N TRP E 537 22.49 -28.17 -13.53
CA TRP E 537 21.84 -27.29 -14.48
C TRP E 537 22.72 -27.23 -15.73
N GLU E 538 22.15 -27.67 -16.84
CA GLU E 538 22.65 -27.28 -18.15
C GLU E 538 21.75 -26.21 -18.74
N LYS E 539 20.82 -25.71 -17.93
CA LYS E 539 19.68 -24.98 -18.44
C LYS E 539 19.61 -23.58 -17.84
N TYR E 540 20.09 -23.42 -16.62
CA TYR E 540 20.06 -22.13 -15.95
C TYR E 540 20.90 -21.11 -16.72
N CYS E 541 20.79 -19.84 -16.32
CA CYS E 541 21.65 -18.77 -16.83
C CYS E 541 22.00 -17.87 -15.66
N VAL E 542 23.10 -18.18 -14.98
CA VAL E 542 23.34 -17.57 -13.70
C VAL E 542 23.97 -16.19 -13.85
N LEU E 543 23.42 -15.22 -13.12
CA LEU E 543 23.95 -13.89 -13.02
C LEU E 543 24.62 -13.75 -11.66
N GLU E 544 25.44 -12.71 -11.53
CA GLU E 544 25.92 -12.26 -10.24
C GLU E 544 25.17 -11.00 -9.85
N ILE E 545 24.74 -10.93 -8.60
CA ILE E 545 24.00 -9.78 -8.08
C ILE E 545 24.62 -9.33 -6.77
N GLY E 546 25.88 -9.62 -6.57
CA GLY E 546 26.61 -9.03 -5.45
C GLY E 546 26.48 -9.83 -4.20
N ASP E 547 26.66 -9.15 -3.08
CA ASP E 547 26.84 -9.79 -1.80
C ASP E 547 25.56 -9.70 -0.98
N MET E 548 25.38 -10.66 -0.10
CA MET E 548 24.43 -10.56 0.99
C MET E 548 25.20 -10.86 2.26
N LEU E 549 24.98 -10.04 3.26
CA LEU E 549 25.83 -10.05 4.44
C LEU E 549 25.13 -10.91 5.49
N LEU E 550 25.28 -12.22 5.33
CA LEU E 550 24.77 -13.17 6.32
C LEU E 550 25.54 -13.03 7.62
N ARG E 551 24.86 -13.31 8.73
CA ARG E 551 25.42 -13.22 10.07
C ARG E 551 25.45 -14.62 10.67
N SER E 552 26.65 -15.15 10.87
CA SER E 552 26.86 -16.40 11.57
C SER E 552 27.21 -16.08 13.03
N ALA E 553 27.44 -17.15 13.81
CA ALA E 553 27.70 -16.97 15.24
C ALA E 553 28.96 -16.13 15.48
N ILE E 554 29.97 -16.28 14.62
CA ILE E 554 31.19 -15.50 14.68
C ILE E 554 31.33 -14.75 13.36
N GLY E 555 31.63 -13.45 13.45
CA GLY E 555 31.90 -12.66 12.27
C GLY E 555 30.70 -12.48 11.37
N GLN E 556 31.00 -12.38 10.08
CA GLN E 556 30.01 -12.13 9.04
C GLN E 556 30.46 -12.83 7.77
N MET E 557 29.53 -13.49 7.08
CA MET E 557 29.89 -14.37 5.99
C MET E 557 30.21 -13.59 4.73
N SER E 558 29.32 -12.69 4.33
CA SER E 558 29.53 -11.85 3.15
C SER E 558 29.74 -12.70 1.90
N ARG E 559 28.88 -13.70 1.71
CA ARG E 559 28.95 -14.51 0.52
C ARG E 559 28.32 -13.75 -0.65
N PRO E 560 28.73 -14.05 -1.88
CA PRO E 560 28.11 -13.38 -3.01
C PRO E 560 26.68 -13.87 -3.16
N MET E 561 25.98 -13.25 -4.10
CA MET E 561 24.60 -13.56 -4.41
C MET E 561 24.52 -13.74 -5.91
N PHE E 562 23.96 -14.86 -6.32
CA PHE E 562 23.73 -15.14 -7.73
C PHE E 562 22.25 -15.37 -7.94
N LEU E 563 21.85 -15.28 -9.19
CA LEU E 563 20.47 -15.35 -9.60
C LEU E 563 20.39 -16.38 -10.71
N TYR E 564 19.32 -17.19 -10.72
CA TYR E 564 19.15 -18.22 -11.72
C TYR E 564 17.96 -17.87 -12.59
N VAL E 565 18.21 -17.04 -13.59
CA VAL E 565 17.17 -16.67 -14.54
C VAL E 565 17.15 -17.75 -15.61
N ARG E 566 16.49 -18.84 -15.27
CA ARG E 566 16.18 -19.85 -16.25
C ARG E 566 14.88 -19.49 -16.95
N THR E 567 14.58 -20.22 -18.01
CA THR E 567 13.29 -20.14 -18.67
C THR E 567 12.58 -21.46 -18.46
N ASN E 568 11.34 -21.54 -18.91
CA ASN E 568 10.52 -22.71 -18.64
C ASN E 568 9.23 -22.68 -19.44
N GLY E 569 8.42 -23.71 -19.23
CA GLY E 569 7.02 -23.67 -19.56
C GLY E 569 6.26 -24.83 -18.97
N THR E 570 5.17 -24.55 -18.26
CA THR E 570 4.53 -25.59 -17.48
C THR E 570 3.33 -26.23 -18.15
N SER E 571 2.15 -25.60 -18.11
CA SER E 571 0.91 -26.13 -18.68
C SER E 571 -0.26 -25.31 -18.13
N LYS E 572 -1.48 -25.70 -18.52
CA LYS E 572 -2.65 -25.45 -17.66
C LYS E 572 -2.81 -26.57 -16.65
N ILE E 573 -2.62 -27.81 -17.10
CA ILE E 573 -2.95 -28.97 -16.30
C ILE E 573 -2.03 -29.07 -15.11
N LYS E 574 -0.73 -28.99 -15.35
CA LYS E 574 0.23 -29.09 -14.28
C LYS E 574 0.04 -27.96 -13.28
N MET E 575 -0.43 -26.81 -13.76
CA MET E 575 -0.74 -25.72 -12.84
C MET E 575 -1.91 -26.10 -11.93
N LYS E 576 -2.95 -26.71 -12.50
CA LYS E 576 -4.06 -27.16 -11.67
C LYS E 576 -3.60 -28.17 -10.62
N TRP E 577 -2.79 -29.12 -11.04
CA TRP E 577 -2.45 -30.21 -10.13
C TRP E 577 -1.37 -29.78 -9.16
N GLY E 578 -0.68 -28.67 -9.46
CA GLY E 578 0.18 -28.06 -8.45
C GLY E 578 -0.59 -27.15 -7.53
N MET E 579 -1.77 -26.71 -7.96
CA MET E 579 -2.66 -26.01 -7.05
C MET E 579 -3.19 -26.98 -6.01
N GLU E 580 -3.47 -28.20 -6.43
CA GLU E 580 -4.06 -29.21 -5.56
C GLU E 580 -3.02 -30.13 -4.95
N MET E 581 -2.01 -29.56 -4.29
CA MET E 581 -1.08 -30.36 -3.51
C MET E 581 -1.48 -30.49 -2.05
N ARG E 582 -2.47 -29.73 -1.60
CA ARG E 582 -3.01 -30.00 -0.27
C ARG E 582 -3.60 -31.40 -0.24
N ARG E 583 -4.15 -31.83 -1.38
CA ARG E 583 -4.55 -33.22 -1.55
C ARG E 583 -3.37 -34.16 -1.36
N CYS E 584 -2.19 -33.75 -1.78
CA CYS E 584 -1.03 -34.63 -1.69
C CYS E 584 -0.60 -34.81 -0.24
N LEU E 585 -0.60 -33.74 0.53
CA LEU E 585 -0.45 -33.82 1.98
C LEU E 585 -1.47 -34.78 2.59
N LEU E 586 -2.75 -34.57 2.26
CA LEU E 586 -3.82 -35.45 2.69
C LEU E 586 -3.53 -36.91 2.34
N GLN E 587 -2.98 -37.14 1.16
CA GLN E 587 -2.72 -38.49 0.69
C GLN E 587 -1.63 -39.14 1.52
N SER E 588 -0.62 -38.36 1.92
CA SER E 588 0.37 -38.89 2.83
C SER E 588 -0.27 -39.33 4.14
N LEU E 589 -1.20 -38.52 4.64
CA LEU E 589 -1.93 -38.92 5.85
C LEU E 589 -2.70 -40.21 5.62
N GLN E 590 -3.37 -40.31 4.48
CA GLN E 590 -4.11 -41.53 4.13
C GLN E 590 -3.20 -42.75 4.18
N GLN E 591 -1.98 -42.61 3.67
CA GLN E 591 -1.07 -43.75 3.63
C GLN E 591 -0.65 -44.15 5.03
N ILE E 592 -0.27 -43.19 5.86
CA ILE E 592 0.13 -43.50 7.23
C ILE E 592 -1.01 -44.16 7.98
N GLU E 593 -2.22 -43.62 7.82
CA GLU E 593 -3.37 -44.19 8.50
C GLU E 593 -3.63 -45.60 8.01
N SER E 594 -3.38 -45.87 6.74
CA SER E 594 -3.54 -47.22 6.22
C SER E 594 -2.55 -48.17 6.88
N MET E 595 -1.29 -47.74 7.01
CA MET E 595 -0.29 -48.52 7.72
C MET E 595 -0.78 -48.85 9.13
N ILE E 596 -1.31 -47.86 9.82
CA ILE E 596 -1.65 -48.07 11.22
C ILE E 596 -2.90 -48.93 11.35
N GLU E 597 -3.84 -48.80 10.41
CA GLU E 597 -5.00 -49.68 10.46
C GLU E 597 -4.62 -51.11 10.14
N ALA E 598 -3.60 -51.30 9.30
CA ALA E 598 -3.10 -52.65 9.07
C ALA E 598 -2.50 -53.21 10.35
N GLU E 599 -1.65 -52.43 11.01
CA GLU E 599 -1.06 -52.90 12.27
C GLU E 599 -2.13 -53.09 13.35
N SER E 600 -3.27 -52.41 13.21
CA SER E 600 -4.39 -52.59 14.13
C SER E 600 -5.18 -53.85 13.80
N SER E 601 -5.15 -54.28 12.53
CA SER E 601 -5.83 -55.51 12.16
C SER E 601 -5.00 -56.74 12.53
N VAL E 602 -3.67 -56.64 12.39
CA VAL E 602 -2.81 -57.77 12.75
C VAL E 602 -2.68 -57.88 14.26
N LYS E 603 -2.81 -56.76 14.97
CA LYS E 603 -2.82 -56.73 16.42
C LYS E 603 -3.99 -55.90 16.90
N GLU E 604 -4.81 -56.49 17.75
CA GLU E 604 -6.04 -55.86 18.23
C GLU E 604 -5.81 -54.74 19.23
N LYS E 605 -4.55 -54.40 19.53
CA LYS E 605 -4.27 -53.25 20.39
C LYS E 605 -4.89 -51.98 19.83
N ASP E 606 -4.81 -51.82 18.50
CA ASP E 606 -5.46 -50.71 17.80
C ASP E 606 -4.90 -49.37 18.27
N MET E 607 -3.62 -49.37 18.64
CA MET E 607 -2.99 -48.27 19.36
C MET E 607 -2.23 -47.38 18.38
N THR E 608 -2.84 -46.25 18.02
CA THR E 608 -2.12 -45.19 17.32
C THR E 608 -0.97 -44.67 18.16
N LYS E 609 -1.23 -44.35 19.42
CA LYS E 609 -0.22 -43.84 20.34
C LYS E 609 0.98 -44.78 20.47
N GLU E 610 0.80 -46.06 20.12
CA GLU E 610 1.90 -47.02 20.17
C GLU E 610 3.06 -46.61 19.27
N PHE E 611 2.79 -45.85 18.20
CA PHE E 611 3.80 -45.45 17.24
C PHE E 611 3.98 -43.95 17.13
N PHE E 612 2.91 -43.16 17.31
CA PHE E 612 2.93 -41.76 16.89
C PHE E 612 3.98 -40.95 17.66
N GLU E 613 4.22 -41.29 18.93
CA GLU E 613 5.04 -40.45 19.81
C GLU E 613 6.17 -41.17 20.53
N ASN E 614 6.16 -42.49 20.59
CA ASN E 614 7.15 -43.20 21.40
C ASN E 614 8.54 -43.04 20.79
N LYS E 615 9.54 -42.99 21.66
CA LYS E 615 10.94 -42.94 21.25
C LYS E 615 11.37 -44.39 21.02
N SER E 616 11.19 -44.87 19.80
CA SER E 616 11.47 -46.25 19.45
C SER E 616 11.97 -46.31 18.02
N GLU E 617 13.19 -46.82 17.86
CA GLU E 617 13.80 -46.95 16.53
C GLU E 617 13.14 -48.14 15.86
N THR E 618 12.19 -47.85 14.97
CA THR E 618 11.37 -48.86 14.32
C THR E 618 11.25 -48.65 12.82
N TRP E 619 11.80 -47.57 12.27
CA TRP E 619 11.63 -47.21 10.89
C TRP E 619 12.98 -46.91 10.23
N PRO E 620 13.46 -47.74 9.29
CA PRO E 620 14.67 -47.37 8.55
C PRO E 620 14.37 -46.59 7.28
N ILE E 621 15.02 -45.44 7.10
CA ILE E 621 14.94 -44.67 5.88
C ILE E 621 16.31 -44.21 5.40
N GLY E 622 17.39 -44.60 6.08
CA GLY E 622 18.70 -44.08 5.79
C GLY E 622 19.69 -45.18 5.52
N GLU E 623 20.48 -44.96 4.47
CA GLU E 623 21.59 -45.82 4.10
C GLU E 623 22.89 -45.04 4.23
N SER E 624 23.80 -45.56 5.02
CA SER E 624 25.08 -44.95 5.32
C SER E 624 26.18 -45.89 4.87
N PRO E 625 27.42 -45.42 4.77
CA PRO E 625 28.53 -46.33 4.48
C PRO E 625 28.64 -47.43 5.52
N LYS E 626 28.41 -48.67 5.07
CA LYS E 626 28.47 -49.84 5.93
C LYS E 626 27.51 -49.73 7.10
N GLY E 627 26.35 -49.11 6.88
CA GLY E 627 25.38 -48.96 7.93
C GLY E 627 24.01 -48.66 7.37
N VAL E 628 23.01 -48.85 8.22
CA VAL E 628 21.63 -48.47 7.95
C VAL E 628 21.14 -47.70 9.17
N GLU E 629 20.56 -46.54 8.93
CA GLU E 629 20.04 -45.72 10.01
C GLU E 629 18.57 -46.03 10.23
N ASP E 630 18.11 -45.80 11.45
CA ASP E 630 16.71 -45.95 11.83
C ASP E 630 16.22 -44.64 12.41
N GLY E 631 14.98 -44.31 12.09
CA GLY E 631 14.38 -43.06 12.55
C GLY E 631 13.00 -43.34 13.11
N SER E 632 12.38 -42.28 13.59
CA SER E 632 11.05 -42.36 14.19
C SER E 632 10.00 -41.97 13.15
N ILE E 633 8.73 -41.96 13.59
CA ILE E 633 7.62 -41.66 12.70
C ILE E 633 7.72 -40.24 12.16
N GLY E 634 8.41 -39.35 12.88
CA GLY E 634 8.51 -37.97 12.43
C GLY E 634 9.21 -37.86 11.09
N LYS E 635 10.45 -38.34 11.03
CA LYS E 635 11.24 -38.31 9.80
C LYS E 635 10.52 -39.03 8.67
N VAL E 636 9.75 -40.07 9.00
CA VAL E 636 9.15 -40.91 7.97
C VAL E 636 7.91 -40.24 7.41
N CYS E 637 7.11 -39.60 8.27
CA CYS E 637 6.00 -38.82 7.76
C CYS E 637 6.52 -37.71 6.86
N ARG E 638 7.58 -37.02 7.29
CA ARG E 638 8.22 -36.01 6.46
C ARG E 638 8.62 -36.59 5.11
N THR E 639 9.26 -37.76 5.12
CA THR E 639 9.79 -38.34 3.90
C THR E 639 8.69 -38.78 2.95
N LEU E 640 7.67 -39.48 3.47
CA LEU E 640 6.55 -39.87 2.64
C LEU E 640 5.91 -38.66 2.00
N LEU E 641 5.77 -37.58 2.78
CA LEU E 641 5.23 -36.36 2.22
C LEU E 641 6.09 -35.88 1.06
N ALA E 642 7.39 -35.71 1.30
CA ALA E 642 8.27 -35.15 0.27
C ALA E 642 8.31 -36.04 -0.96
N LYS E 643 8.20 -37.35 -0.77
CA LYS E 643 8.10 -38.25 -1.90
C LYS E 643 6.88 -37.93 -2.72
N SER E 644 5.75 -37.72 -2.05
CA SER E 644 4.53 -37.42 -2.79
C SER E 644 4.61 -36.06 -3.45
N VAL E 645 5.30 -35.12 -2.80
CA VAL E 645 5.44 -33.78 -3.38
C VAL E 645 6.29 -33.86 -4.65
N PHE E 646 7.34 -34.66 -4.62
CA PHE E 646 8.18 -34.78 -5.80
C PHE E 646 7.47 -35.55 -6.88
N ASN E 647 6.62 -36.50 -6.48
CA ASN E 647 5.71 -37.11 -7.44
C ASN E 647 4.84 -36.05 -8.10
N SER E 648 4.47 -35.03 -7.33
CA SER E 648 3.64 -33.97 -7.88
C SER E 648 4.46 -33.00 -8.71
N LEU E 649 5.78 -32.98 -8.51
CA LEU E 649 6.63 -32.05 -9.24
C LEU E 649 7.26 -32.69 -10.45
N TYR E 650 7.79 -33.90 -10.30
CA TYR E 650 8.38 -34.67 -11.38
C TYR E 650 7.44 -35.75 -11.88
N ALA E 651 6.15 -35.48 -11.89
CA ALA E 651 5.21 -36.42 -12.49
C ALA E 651 5.52 -36.58 -13.95
N SER E 652 5.64 -37.82 -14.38
CA SER E 652 6.04 -38.11 -15.74
C SER E 652 5.78 -39.58 -16.00
N PRO E 653 5.30 -39.95 -17.19
CA PRO E 653 4.91 -41.35 -17.44
C PRO E 653 5.95 -42.38 -17.07
N GLN E 654 7.23 -41.98 -17.15
CA GLN E 654 8.32 -42.78 -16.62
C GLN E 654 8.03 -43.20 -15.18
N LEU E 655 7.57 -42.24 -14.37
CA LEU E 655 7.27 -42.55 -12.98
C LEU E 655 6.16 -43.58 -12.87
N GLU E 656 5.10 -43.44 -13.65
CA GLU E 656 3.95 -44.32 -13.49
C GLU E 656 4.29 -45.74 -13.93
N GLY E 657 4.99 -45.86 -15.06
CA GLY E 657 5.48 -47.16 -15.47
C GLY E 657 6.35 -47.80 -14.40
N PHE E 658 7.35 -47.06 -13.90
CA PHE E 658 8.20 -47.59 -12.84
C PHE E 658 7.36 -47.99 -11.65
N SER E 659 6.35 -47.20 -11.34
CA SER E 659 5.58 -47.46 -10.13
C SER E 659 4.88 -48.78 -10.24
N ALA E 660 4.19 -49.03 -11.35
CA ALA E 660 3.51 -50.30 -11.54
C ALA E 660 4.50 -51.46 -11.47
N GLU E 661 5.64 -51.32 -12.13
CA GLU E 661 6.52 -52.46 -12.33
C GLU E 661 7.32 -52.76 -11.07
N SER E 662 7.86 -51.72 -10.43
CA SER E 662 8.46 -51.90 -9.12
C SER E 662 7.44 -52.42 -8.12
N ARG E 663 6.17 -52.03 -8.26
CA ARG E 663 5.15 -52.52 -7.35
C ARG E 663 5.01 -54.02 -7.47
N LYS E 664 4.87 -54.50 -8.70
CA LYS E 664 4.69 -55.93 -8.92
C LYS E 664 5.91 -56.71 -8.47
N LEU E 665 7.11 -56.22 -8.79
CA LEU E 665 8.31 -56.96 -8.42
C LEU E 665 8.54 -56.94 -6.92
N LEU E 666 8.29 -55.81 -6.27
CA LEU E 666 8.45 -55.73 -4.82
C LEU E 666 7.46 -56.62 -4.11
N LEU E 667 6.24 -56.69 -4.63
CA LEU E 667 5.25 -57.61 -4.10
C LEU E 667 5.75 -59.03 -4.20
N VAL E 668 6.33 -59.38 -5.34
CA VAL E 668 6.90 -60.71 -5.51
C VAL E 668 8.05 -60.92 -4.53
N VAL E 669 8.79 -59.86 -4.22
CA VAL E 669 9.96 -60.00 -3.36
C VAL E 669 9.53 -60.15 -1.91
N GLN E 670 8.44 -59.49 -1.52
CA GLN E 670 7.87 -59.75 -0.20
C GLN E 670 7.35 -61.17 -0.13
N ALA E 671 6.69 -61.62 -1.19
CA ALA E 671 6.23 -63.00 -1.25
C ALA E 671 7.39 -63.97 -1.12
N LEU E 672 8.55 -63.59 -1.65
CA LEU E 672 9.73 -64.43 -1.54
C LEU E 672 10.31 -64.40 -0.14
N ARG E 673 10.49 -63.19 0.40
CA ARG E 673 11.21 -63.05 1.66
C ARG E 673 10.45 -63.67 2.83
N ASP E 674 9.12 -63.78 2.71
CA ASP E 674 8.31 -64.46 3.71
C ASP E 674 8.13 -65.93 3.41
N ASN E 675 8.89 -66.48 2.45
CA ASN E 675 8.92 -67.91 2.18
C ASN E 675 7.58 -68.42 1.67
N LEU E 676 6.98 -67.66 0.75
CA LEU E 676 5.68 -67.99 0.19
C LEU E 676 5.77 -68.63 -1.19
N GLU E 677 6.91 -69.24 -1.51
CA GLU E 677 7.15 -69.99 -2.74
C GLU E 677 6.65 -69.29 -4.00
N PRO E 678 7.05 -68.04 -4.23
CA PRO E 678 6.53 -67.31 -5.38
C PRO E 678 7.11 -67.82 -6.68
N GLY E 679 6.39 -67.56 -7.76
CA GLY E 679 6.85 -67.89 -9.08
C GLY E 679 6.54 -66.76 -10.05
N THR E 680 7.36 -66.67 -11.10
CA THR E 680 7.14 -65.72 -12.17
C THR E 680 7.46 -66.40 -13.49
N PHE E 681 6.59 -66.20 -14.47
CA PHE E 681 6.74 -66.90 -15.74
C PHE E 681 7.80 -66.22 -16.60
N ASP E 682 7.65 -64.92 -16.87
CA ASP E 682 8.62 -64.13 -17.62
C ASP E 682 9.04 -62.93 -16.78
N LEU E 683 10.35 -62.85 -16.52
CA LEU E 683 10.92 -61.88 -15.61
C LEU E 683 11.73 -60.81 -16.34
N GLU E 684 12.52 -61.23 -17.33
CA GLU E 684 13.29 -60.27 -18.11
C GLU E 684 12.37 -59.30 -18.85
N GLY E 685 11.11 -59.69 -19.07
CA GLY E 685 10.12 -58.74 -19.52
C GLY E 685 9.93 -57.60 -18.54
N LEU E 686 9.83 -57.92 -17.25
CA LEU E 686 9.76 -56.88 -16.24
C LEU E 686 10.99 -56.00 -16.31
N TYR E 687 12.15 -56.61 -16.44
CA TYR E 687 13.38 -55.83 -16.37
C TYR E 687 13.52 -54.93 -17.59
N GLU E 688 13.21 -55.43 -18.77
CA GLU E 688 13.33 -54.60 -19.96
C GLU E 688 12.29 -53.51 -19.95
N ALA E 689 11.09 -53.77 -19.41
CA ALA E 689 10.08 -52.73 -19.41
C ALA E 689 10.42 -51.65 -18.40
N ILE E 690 10.95 -52.03 -17.24
CA ILE E 690 11.50 -51.05 -16.31
C ILE E 690 12.55 -50.21 -17.01
N GLU E 691 13.54 -50.86 -17.64
CA GLU E 691 14.59 -50.13 -18.36
C GLU E 691 13.99 -49.26 -19.47
N GLU E 692 12.83 -49.64 -19.98
CA GLU E 692 12.14 -48.82 -20.96
C GLU E 692 11.62 -47.56 -20.30
N CYS E 693 11.18 -47.67 -19.06
CA CYS E 693 10.52 -46.54 -18.41
C CYS E 693 11.51 -45.66 -17.65
N LEU E 694 12.79 -46.02 -17.66
CA LEU E 694 13.80 -45.26 -16.92
C LEU E 694 14.48 -44.22 -17.76
N ILE E 695 13.79 -43.64 -18.75
CA ILE E 695 14.43 -42.95 -19.87
C ILE E 695 15.39 -41.86 -19.39
N ASN E 696 14.86 -40.83 -18.74
CA ASN E 696 15.68 -39.68 -18.36
C ASN E 696 15.36 -39.05 -17.03
N ASP E 697 14.27 -39.41 -16.39
CA ASP E 697 13.78 -38.62 -15.26
C ASP E 697 14.62 -38.90 -14.02
N PRO E 698 15.26 -37.87 -13.43
CA PRO E 698 16.13 -38.14 -12.27
C PRO E 698 15.41 -38.75 -11.09
N TRP E 699 14.19 -38.31 -10.82
CA TRP E 699 13.45 -38.87 -9.70
C TRP E 699 13.18 -40.34 -9.94
N VAL E 700 12.79 -40.68 -11.17
CA VAL E 700 12.65 -42.08 -11.56
C VAL E 700 13.97 -42.79 -11.33
N LEU E 701 15.06 -42.18 -11.76
CA LEU E 701 16.38 -42.80 -11.65
C LEU E 701 16.73 -43.06 -10.20
N LEU E 702 16.37 -42.13 -9.32
CA LEU E 702 16.78 -42.27 -7.94
C LEU E 702 15.92 -43.30 -7.24
N ASN E 703 14.65 -43.40 -7.65
CA ASN E 703 13.83 -44.48 -7.14
C ASN E 703 14.39 -45.81 -7.61
N ALA E 704 15.05 -45.81 -8.76
CA ALA E 704 15.62 -47.05 -9.28
C ALA E 704 16.89 -47.43 -8.55
N SER E 705 17.77 -46.46 -8.30
CA SER E 705 18.96 -46.75 -7.51
C SER E 705 18.57 -47.15 -6.10
N TRP E 706 17.48 -46.58 -5.60
CA TRP E 706 16.99 -46.96 -4.29
C TRP E 706 16.49 -48.38 -4.31
N PHE E 707 15.73 -48.75 -5.33
CA PHE E 707 15.34 -50.12 -5.55
C PHE E 707 16.57 -51.04 -5.54
N ASN E 708 17.61 -50.64 -6.25
CA ASN E 708 18.82 -51.45 -6.35
C ASN E 708 19.44 -51.69 -4.99
N SER E 709 19.73 -50.62 -4.27
CA SER E 709 20.37 -50.75 -2.96
C SER E 709 19.45 -51.46 -1.98
N PHE E 710 18.14 -51.37 -2.22
CA PHE E 710 17.20 -52.12 -1.40
C PHE E 710 17.35 -53.60 -1.63
N LEU E 711 17.40 -54.01 -2.90
CA LEU E 711 17.67 -55.40 -3.22
C LEU E 711 18.94 -55.88 -2.54
N THR E 712 19.97 -55.05 -2.56
CA THR E 712 21.26 -55.47 -2.05
C THR E 712 21.22 -55.61 -0.53
N HIS E 713 20.63 -54.64 0.16
CA HIS E 713 20.67 -54.66 1.63
C HIS E 713 19.61 -55.59 2.19
N ALA E 714 18.46 -55.69 1.52
CA ALA E 714 17.51 -56.75 1.82
C ALA E 714 18.15 -58.11 1.59
N LEU E 715 18.98 -58.21 0.54
CA LEU E 715 19.37 -59.47 -0.06
C LEU E 715 18.16 -60.28 -0.53
N ARG E 716 17.04 -59.61 -0.75
CA ARG E 716 15.77 -60.24 -1.08
C ARG E 716 15.37 -61.27 -0.03
N MET F 1 25.23 -38.26 4.75
CA MET F 1 24.22 -39.35 4.85
C MET F 1 23.26 -39.35 3.67
N ASP F 2 22.92 -40.55 3.20
CA ASP F 2 21.91 -40.75 2.17
C ASP F 2 20.60 -41.17 2.81
N VAL F 3 19.53 -41.13 2.02
CA VAL F 3 18.19 -41.38 2.50
C VAL F 3 17.44 -42.21 1.47
N ASN F 4 16.44 -42.96 1.96
CA ASN F 4 15.67 -43.86 1.10
C ASN F 4 14.34 -44.24 1.74
N PRO F 5 13.20 -44.09 1.06
CA PRO F 5 11.96 -44.71 1.55
C PRO F 5 11.82 -46.19 1.20
N THR F 6 12.72 -46.71 0.40
CA THR F 6 12.60 -48.10 0.02
C THR F 6 12.89 -49.04 1.17
N LEU F 7 13.65 -48.59 2.16
CA LEU F 7 14.02 -49.47 3.27
C LEU F 7 12.97 -49.49 4.38
N LEU F 8 12.19 -48.41 4.57
CA LEU F 8 10.95 -48.60 5.29
C LEU F 8 10.06 -49.58 4.55
N PHE F 9 10.14 -49.60 3.22
CA PHE F 9 9.38 -50.62 2.50
C PHE F 9 10.03 -51.99 2.59
N LEU F 10 11.32 -52.06 2.94
CA LEU F 10 11.97 -53.33 3.19
C LEU F 10 11.32 -54.02 4.37
N LYS F 11 11.43 -53.40 5.55
CA LYS F 11 10.90 -54.03 6.75
C LYS F 11 9.40 -54.19 6.68
N VAL F 12 8.71 -53.12 6.34
CA VAL F 12 7.25 -53.05 6.49
C VAL F 12 6.62 -54.08 5.55
N PRO F 13 5.46 -54.67 5.89
CA PRO F 13 4.82 -55.55 4.92
C PRO F 13 4.40 -54.78 3.68
N ALA F 14 4.53 -55.44 2.54
CA ALA F 14 4.39 -54.77 1.27
C ALA F 14 2.94 -54.33 1.03
N GLN F 15 2.00 -55.21 1.33
CA GLN F 15 0.61 -54.92 1.00
C GLN F 15 0.06 -53.79 1.85
N ASN F 16 0.52 -53.68 3.09
CA ASN F 16 0.05 -52.59 3.95
C ASN F 16 0.65 -51.27 3.51
N ALA F 17 1.94 -51.26 3.21
CA ALA F 17 2.65 -50.08 2.74
C ALA F 17 2.59 -49.92 1.23
N ILE F 18 1.69 -50.66 0.57
CA ILE F 18 1.65 -50.70 -0.88
C ILE F 18 1.34 -49.33 -1.45
N SER F 19 0.65 -48.49 -0.68
CA SER F 19 0.26 -47.18 -1.18
C SER F 19 1.47 -46.32 -1.48
N THR F 20 2.62 -46.63 -0.86
CA THR F 20 3.85 -45.93 -1.19
C THR F 20 4.26 -46.15 -2.64
N THR F 21 3.81 -47.25 -3.24
CA THR F 21 3.95 -47.43 -4.68
C THR F 21 2.74 -46.92 -5.44
N PHE F 22 1.92 -46.10 -4.79
CA PHE F 22 0.83 -45.43 -5.45
C PHE F 22 1.19 -43.96 -5.60
N PRO F 23 1.97 -43.58 -6.59
CA PRO F 23 2.52 -42.22 -6.63
C PRO F 23 1.54 -41.19 -7.14
N TYR F 24 0.32 -41.61 -7.45
CA TYR F 24 -0.64 -40.73 -8.10
C TYR F 24 -1.21 -39.74 -7.08
N THR F 25 -0.41 -38.73 -6.82
CA THR F 25 -0.81 -37.57 -6.03
C THR F 25 -0.59 -36.28 -6.85
N GLY F 26 -0.44 -36.42 -8.18
CA GLY F 26 -0.16 -35.33 -9.07
C GLY F 26 -0.85 -35.58 -10.39
N ASP F 27 -0.85 -34.59 -11.26
CA ASP F 27 -1.53 -34.70 -12.54
C ASP F 27 -1.08 -35.91 -13.37
N PRO F 28 -2.04 -36.64 -13.96
CA PRO F 28 -1.68 -37.76 -14.86
C PRO F 28 -1.01 -37.24 -16.14
N PRO F 29 -0.19 -38.08 -16.78
CA PRO F 29 0.56 -37.57 -17.94
C PRO F 29 -0.25 -37.06 -19.14
N TYR F 30 -1.30 -37.77 -19.56
CA TYR F 30 -2.20 -37.42 -20.71
C TYR F 30 -1.54 -37.62 -22.09
N SER F 31 -2.25 -37.36 -23.18
CA SER F 31 -1.66 -37.44 -24.51
C SER F 31 -1.80 -36.09 -25.20
N HIS F 32 -0.70 -35.34 -25.30
CA HIS F 32 -0.77 -34.04 -25.96
C HIS F 32 -1.09 -34.23 -27.44
N GLY F 33 -0.44 -35.23 -28.02
CA GLY F 33 -0.61 -35.56 -29.42
C GLY F 33 -1.82 -36.39 -29.74
N THR F 34 -2.23 -36.35 -31.01
CA THR F 34 -3.35 -37.13 -31.49
C THR F 34 -3.03 -38.61 -31.32
N GLY F 35 -3.95 -39.33 -30.66
CA GLY F 35 -3.91 -40.74 -30.32
C GLY F 35 -3.84 -41.65 -31.54
N THR F 36 -4.08 -41.09 -32.73
CA THR F 36 -4.20 -41.87 -33.96
C THR F 36 -3.04 -42.84 -34.15
N GLY F 37 -1.82 -42.42 -33.79
CA GLY F 37 -0.70 -43.35 -33.85
C GLY F 37 -0.90 -44.53 -32.91
N TYR F 38 -1.32 -44.27 -31.68
CA TYR F 38 -1.59 -45.35 -30.73
C TYR F 38 -2.72 -46.22 -31.22
N THR F 39 -3.73 -45.61 -31.87
CA THR F 39 -4.83 -46.38 -32.43
C THR F 39 -4.33 -47.34 -33.49
N MET F 40 -3.53 -46.81 -34.43
CA MET F 40 -2.95 -47.63 -35.48
C MET F 40 -2.14 -48.76 -34.90
N ASP F 41 -1.40 -48.50 -33.82
CA ASP F 41 -0.59 -49.54 -33.24
C ASP F 41 -1.45 -50.61 -32.58
N THR F 42 -2.53 -50.20 -31.92
CA THR F 42 -3.43 -51.18 -31.31
C THR F 42 -4.08 -52.06 -32.38
N VAL F 43 -4.50 -51.45 -33.48
CA VAL F 43 -5.14 -52.21 -34.55
C VAL F 43 -4.14 -53.14 -35.20
N ASN F 44 -2.93 -52.64 -35.42
CA ASN F 44 -1.84 -53.46 -35.93
C ASN F 44 -1.60 -54.66 -35.01
N ARG F 45 -1.64 -54.42 -33.70
CA ARG F 45 -1.33 -55.47 -32.75
C ARG F 45 -2.40 -56.54 -32.75
N THR F 46 -3.67 -56.14 -32.72
CA THR F 46 -4.74 -57.12 -32.68
C THR F 46 -4.83 -57.90 -33.99
N HIS F 47 -4.64 -57.22 -35.13
CA HIS F 47 -4.68 -57.93 -36.40
C HIS F 47 -3.47 -58.83 -36.56
N GLN F 48 -2.36 -58.50 -35.89
CA GLN F 48 -1.24 -59.42 -35.82
C GLN F 48 -1.56 -60.59 -34.90
N TYR F 49 -2.39 -60.36 -33.88
CA TYR F 49 -2.73 -61.42 -32.94
C TYR F 49 -3.58 -62.48 -33.61
N SER F 50 -4.34 -62.10 -34.64
CA SER F 50 -5.25 -62.98 -35.34
C SER F 50 -4.83 -63.21 -36.78
N GLU F 51 -3.54 -63.07 -37.09
CA GLU F 51 -3.09 -63.17 -38.48
C GLU F 51 -3.34 -64.57 -39.05
N LYS F 52 -3.28 -65.60 -38.20
CA LYS F 52 -3.62 -66.94 -38.66
C LYS F 52 -5.07 -67.00 -39.09
N GLY F 53 -5.94 -66.25 -38.43
CA GLY F 53 -7.34 -66.26 -38.78
C GLY F 53 -7.57 -65.71 -40.16
N LYS F 54 -8.44 -66.38 -40.91
CA LYS F 54 -8.85 -65.89 -42.21
C LYS F 54 -9.80 -64.71 -42.04
N TRP F 55 -9.90 -63.92 -43.11
CA TRP F 55 -10.88 -62.84 -43.18
C TRP F 55 -11.59 -62.91 -44.52
N THR F 56 -12.83 -62.45 -44.55
CA THR F 56 -13.60 -62.28 -45.78
C THR F 56 -14.27 -60.92 -45.73
N THR F 57 -14.38 -60.28 -46.89
CA THR F 57 -14.94 -58.94 -46.93
C THR F 57 -16.42 -58.98 -46.61
N ASN F 58 -16.89 -57.95 -45.90
CA ASN F 58 -18.29 -57.83 -45.59
C ASN F 58 -19.04 -57.22 -46.76
N THR F 59 -20.30 -57.62 -46.91
CA THR F 59 -21.13 -57.11 -47.99
C THR F 59 -21.48 -55.64 -47.75
N GLU F 60 -21.40 -54.84 -48.80
CA GLU F 60 -21.82 -53.44 -48.83
C GLU F 60 -20.85 -52.50 -48.11
N THR F 61 -19.82 -53.03 -47.45
CA THR F 61 -18.86 -52.24 -46.71
C THR F 61 -17.57 -52.02 -47.46
N GLY F 62 -17.09 -53.04 -48.17
CA GLY F 62 -15.79 -53.00 -48.80
C GLY F 62 -14.66 -53.32 -47.86
N ALA F 63 -14.95 -53.82 -46.66
CA ALA F 63 -14.01 -53.85 -45.57
C ALA F 63 -13.63 -55.28 -45.22
N PRO F 64 -12.34 -55.60 -45.09
CA PRO F 64 -11.99 -56.92 -44.55
C PRO F 64 -12.37 -57.02 -43.08
N GLN F 65 -13.08 -58.10 -42.74
CA GLN F 65 -13.38 -58.44 -41.36
C GLN F 65 -12.82 -59.83 -41.08
N LEU F 66 -12.09 -59.96 -39.99
CA LEU F 66 -11.43 -61.20 -39.60
C LEU F 66 -12.26 -61.92 -38.55
N ASN F 67 -12.41 -63.23 -38.71
CA ASN F 67 -13.13 -64.07 -37.76
C ASN F 67 -12.15 -65.06 -37.17
N PRO F 68 -11.58 -64.82 -36.00
CA PRO F 68 -10.54 -65.72 -35.49
C PRO F 68 -11.08 -67.08 -35.10
N ILE F 69 -12.36 -67.14 -34.74
CA ILE F 69 -12.91 -68.36 -34.17
C ILE F 69 -12.96 -69.44 -35.24
N ASP F 70 -12.77 -70.68 -34.81
CA ASP F 70 -12.46 -71.83 -35.66
C ASP F 70 -11.12 -71.69 -36.36
N GLY F 71 -10.28 -70.75 -35.96
CA GLY F 71 -8.93 -70.73 -36.41
C GLY F 71 -8.15 -71.88 -35.81
N PRO F 72 -6.88 -71.97 -36.18
CA PRO F 72 -6.05 -73.06 -35.67
C PRO F 72 -5.79 -72.88 -34.19
N LEU F 73 -5.17 -73.91 -33.61
CA LEU F 73 -4.62 -73.76 -32.28
C LEU F 73 -3.33 -72.95 -32.37
N PRO F 74 -3.06 -72.08 -31.39
CA PRO F 74 -1.86 -71.25 -31.49
C PRO F 74 -0.60 -72.09 -31.48
N GLU F 75 0.50 -71.49 -31.95
CA GLU F 75 1.75 -72.23 -32.08
C GLU F 75 2.64 -72.01 -30.87
N ASP F 76 2.72 -70.77 -30.40
CA ASP F 76 3.69 -70.33 -29.41
C ASP F 76 2.97 -69.67 -28.25
N ASN F 77 3.67 -69.60 -27.12
CA ASN F 77 3.11 -69.02 -25.91
C ASN F 77 2.83 -67.53 -26.05
N GLU F 78 3.41 -66.86 -27.06
CA GLU F 78 3.04 -65.49 -27.36
C GLU F 78 1.53 -65.42 -27.55
N PRO F 79 0.84 -64.42 -27.01
CA PRO F 79 -0.62 -64.48 -26.97
C PRO F 79 -1.22 -64.41 -28.36
N SER F 80 -2.46 -64.87 -28.48
CA SER F 80 -3.20 -64.86 -29.73
C SER F 80 -4.65 -65.19 -29.44
N GLY F 81 -5.57 -64.43 -30.05
CA GLY F 81 -6.97 -64.59 -29.77
C GLY F 81 -7.63 -65.69 -30.56
N TYR F 82 -7.13 -66.92 -30.41
CA TYR F 82 -7.69 -68.10 -31.06
C TYR F 82 -8.54 -68.88 -30.08
N ALA F 83 -9.79 -69.15 -30.47
CA ALA F 83 -10.72 -69.85 -29.60
C ALA F 83 -11.62 -70.74 -30.44
N GLN F 84 -12.46 -71.50 -29.75
CA GLN F 84 -13.40 -72.43 -30.36
C GLN F 84 -14.73 -72.26 -29.66
N THR F 85 -15.79 -72.05 -30.43
CA THR F 85 -17.10 -71.75 -29.85
C THR F 85 -17.59 -72.88 -28.96
N ASP F 86 -17.21 -74.12 -29.27
CA ASP F 86 -17.69 -75.26 -28.50
C ASP F 86 -17.26 -75.15 -27.05
N CYS F 87 -16.04 -74.63 -26.83
CA CYS F 87 -15.58 -74.40 -25.47
C CYS F 87 -16.53 -73.46 -24.74
N VAL F 88 -16.95 -72.40 -25.43
CA VAL F 88 -17.83 -71.42 -24.82
C VAL F 88 -19.15 -72.06 -24.47
N LEU F 89 -19.69 -72.86 -25.38
CA LEU F 89 -21.01 -73.42 -25.16
C LEU F 89 -20.99 -74.45 -24.04
N GLU F 90 -19.97 -75.31 -23.99
CA GLU F 90 -19.91 -76.28 -22.92
C GLU F 90 -19.64 -75.57 -21.59
N ALA F 91 -18.92 -74.46 -21.62
CA ALA F 91 -18.72 -73.68 -20.41
C ALA F 91 -20.05 -73.17 -19.88
N MET F 92 -20.84 -72.53 -20.74
CA MET F 92 -22.12 -72.03 -20.29
C MET F 92 -23.06 -73.15 -19.86
N ALA F 93 -22.92 -74.32 -20.49
CA ALA F 93 -23.77 -75.45 -20.12
C ALA F 93 -23.44 -75.90 -18.71
N PHE F 94 -22.14 -76.06 -18.42
CA PHE F 94 -21.73 -76.41 -17.07
C PHE F 94 -22.14 -75.33 -16.08
N LEU F 95 -22.15 -74.08 -16.52
CA LEU F 95 -22.57 -72.99 -15.64
C LEU F 95 -24.02 -73.13 -15.25
N GLU F 96 -24.91 -73.25 -16.24
CA GLU F 96 -26.32 -73.38 -15.94
C GLU F 96 -26.61 -74.65 -15.16
N GLU F 97 -25.87 -75.72 -15.43
CA GLU F 97 -26.00 -76.92 -14.63
C GLU F 97 -25.62 -76.65 -13.18
N SER F 98 -24.60 -75.83 -12.99
CA SER F 98 -24.19 -75.47 -11.64
C SER F 98 -25.21 -74.56 -10.97
N HIS F 99 -25.69 -73.56 -11.70
CA HIS F 99 -26.58 -72.52 -11.19
C HIS F 99 -27.92 -72.68 -11.90
N PRO F 100 -28.76 -73.61 -11.46
CA PRO F 100 -30.03 -73.83 -12.15
C PRO F 100 -31.03 -72.71 -11.87
N GLY F 101 -31.84 -72.40 -12.88
CA GLY F 101 -32.87 -71.40 -12.76
C GLY F 101 -32.39 -69.96 -12.82
N ILE F 102 -31.08 -69.73 -12.73
CA ILE F 102 -30.55 -68.37 -12.71
C ILE F 102 -30.78 -67.70 -14.05
N PHE F 103 -30.62 -68.45 -15.14
CA PHE F 103 -30.74 -67.88 -16.48
C PHE F 103 -32.15 -67.40 -16.73
N GLU F 104 -33.15 -68.24 -16.44
CA GLU F 104 -34.53 -67.88 -16.71
C GLU F 104 -34.97 -66.71 -15.85
N ASN F 105 -34.51 -66.66 -14.60
CA ASN F 105 -34.90 -65.56 -13.72
C ASN F 105 -34.32 -64.24 -14.21
N SER F 106 -33.04 -64.24 -14.57
CA SER F 106 -32.45 -63.02 -15.11
C SER F 106 -33.12 -62.65 -16.43
N CYS F 107 -33.52 -63.65 -17.21
CA CYS F 107 -34.23 -63.38 -18.46
C CYS F 107 -35.56 -62.70 -18.20
N LEU F 108 -36.30 -63.17 -17.19
CA LEU F 108 -37.58 -62.55 -16.87
C LEU F 108 -37.39 -61.13 -16.35
N GLU F 109 -36.32 -60.91 -15.59
CA GLU F 109 -36.00 -59.55 -15.16
C GLU F 109 -35.71 -58.67 -16.37
N THR F 110 -35.06 -59.23 -17.39
CA THR F 110 -34.82 -58.46 -18.59
C THR F 110 -36.13 -58.17 -19.32
N MET F 111 -37.06 -59.13 -19.31
CA MET F 111 -38.36 -58.91 -19.94
C MET F 111 -39.10 -57.77 -19.27
N GLU F 112 -39.20 -57.81 -17.95
CA GLU F 112 -39.96 -56.77 -17.26
C GLU F 112 -39.28 -55.42 -17.38
N VAL F 113 -37.95 -55.38 -17.40
CA VAL F 113 -37.32 -54.07 -17.52
C VAL F 113 -37.51 -53.51 -18.93
N VAL F 114 -37.37 -54.35 -19.96
CA VAL F 114 -37.57 -53.83 -21.32
C VAL F 114 -39.01 -53.38 -21.50
N GLN F 115 -39.95 -54.03 -20.81
CA GLN F 115 -41.34 -53.59 -20.91
C GLN F 115 -41.56 -52.29 -20.16
N GLN F 116 -40.83 -52.08 -19.05
CA GLN F 116 -41.05 -50.89 -18.24
C GLN F 116 -40.12 -49.75 -18.64
N THR F 117 -38.99 -50.06 -19.29
CA THR F 117 -37.97 -49.06 -19.59
C THR F 117 -38.51 -47.93 -20.43
N ARG F 118 -37.77 -46.83 -20.49
CA ARG F 118 -38.16 -45.68 -21.28
C ARG F 118 -36.91 -44.97 -21.78
N VAL F 119 -37.05 -44.32 -22.93
CA VAL F 119 -35.96 -43.60 -23.58
C VAL F 119 -35.33 -42.55 -22.69
N ASP F 120 -36.06 -42.03 -21.71
CA ASP F 120 -35.62 -40.90 -20.90
C ASP F 120 -34.33 -41.19 -20.13
N ARG F 121 -33.98 -42.46 -19.92
CA ARG F 121 -32.84 -42.77 -19.06
C ARG F 121 -31.52 -42.68 -19.80
N LEU F 122 -31.47 -43.12 -21.05
CA LEU F 122 -30.19 -43.24 -21.75
C LEU F 122 -29.52 -41.89 -21.94
N THR F 123 -30.30 -40.83 -22.14
CA THR F 123 -29.75 -39.53 -22.51
C THR F 123 -28.87 -38.94 -21.42
N GLN F 124 -28.95 -39.44 -20.18
CA GLN F 124 -28.08 -38.98 -19.10
C GLN F 124 -26.78 -39.77 -19.16
N GLY F 125 -26.06 -39.59 -20.27
CA GLY F 125 -24.74 -40.15 -20.45
C GLY F 125 -23.72 -39.04 -20.63
N ARG F 126 -22.50 -39.45 -20.97
CA ARG F 126 -21.39 -38.53 -21.18
C ARG F 126 -20.72 -38.89 -22.49
N GLN F 127 -20.74 -37.95 -23.44
CA GLN F 127 -19.97 -38.03 -24.67
C GLN F 127 -20.27 -39.31 -25.44
N THR F 128 -21.54 -39.43 -25.83
CA THR F 128 -21.90 -40.34 -26.92
C THR F 128 -21.53 -39.68 -28.24
N TYR F 129 -21.16 -40.52 -29.21
CA TYR F 129 -20.69 -40.01 -30.49
C TYR F 129 -21.87 -39.69 -31.39
N ASP F 130 -21.97 -38.43 -31.81
CA ASP F 130 -22.92 -38.03 -32.83
C ASP F 130 -22.34 -38.26 -34.21
N TRP F 131 -23.22 -38.43 -35.19
CA TRP F 131 -22.81 -38.74 -36.56
C TRP F 131 -22.92 -37.54 -37.49
N THR F 132 -23.76 -36.56 -37.17
CA THR F 132 -23.89 -35.38 -38.02
C THR F 132 -22.58 -34.61 -38.10
N LEU F 133 -22.14 -34.03 -36.98
CA LEU F 133 -20.89 -33.29 -36.97
C LEU F 133 -19.67 -34.18 -37.09
N ASN F 134 -19.83 -35.50 -36.95
CA ASN F 134 -18.72 -36.44 -37.00
C ASN F 134 -17.69 -36.12 -35.93
N ARG F 135 -18.16 -36.12 -34.69
CA ARG F 135 -17.36 -35.73 -33.53
C ARG F 135 -18.15 -36.10 -32.29
N ASN F 136 -17.44 -36.41 -31.22
CA ASN F 136 -18.10 -36.77 -29.98
C ASN F 136 -18.70 -35.53 -29.33
N GLN F 137 -19.95 -35.64 -28.92
CA GLN F 137 -20.71 -34.55 -28.35
C GLN F 137 -21.55 -35.05 -27.18
N PRO F 138 -22.20 -34.16 -26.42
CA PRO F 138 -23.05 -34.62 -25.31
C PRO F 138 -24.20 -35.52 -25.73
N ALA F 139 -24.93 -36.05 -24.76
CA ALA F 139 -25.98 -37.03 -25.02
C ALA F 139 -27.36 -36.41 -25.19
N ALA F 140 -27.64 -35.29 -24.54
CA ALA F 140 -28.92 -34.62 -24.73
C ALA F 140 -29.06 -34.11 -26.15
N THR F 141 -28.03 -33.38 -26.62
CA THR F 141 -28.00 -32.98 -28.02
C THR F 141 -28.05 -34.19 -28.94
N ALA F 142 -27.46 -35.31 -28.52
CA ALA F 142 -27.49 -36.53 -29.33
C ALA F 142 -28.92 -37.03 -29.48
N LEU F 143 -29.65 -37.09 -28.36
CA LEU F 143 -31.03 -37.57 -28.42
C LEU F 143 -31.89 -36.64 -29.25
N ALA F 144 -31.73 -35.33 -29.07
CA ALA F 144 -32.45 -34.36 -29.90
C ALA F 144 -32.14 -34.59 -31.38
N ASN F 145 -30.86 -34.81 -31.68
CA ASN F 145 -30.44 -35.03 -33.06
C ASN F 145 -31.14 -36.24 -33.67
N THR F 146 -31.08 -37.37 -32.96
CA THR F 146 -31.63 -38.60 -33.56
C THR F 146 -33.15 -38.52 -33.66
N ILE F 147 -33.83 -37.92 -32.67
CA ILE F 147 -35.29 -37.88 -32.76
C ILE F 147 -35.73 -36.94 -33.86
N GLU F 148 -34.99 -35.84 -34.10
CA GLU F 148 -35.38 -34.97 -35.18
C GLU F 148 -35.10 -35.62 -36.55
N VAL F 149 -33.95 -36.28 -36.70
CA VAL F 149 -33.68 -36.98 -37.95
C VAL F 149 -34.71 -38.08 -38.18
N PHE F 150 -35.20 -38.67 -37.09
CA PHE F 150 -36.22 -39.71 -37.20
C PHE F 150 -37.57 -39.12 -37.58
N ARG F 151 -37.88 -37.95 -37.03
CA ARG F 151 -39.06 -37.22 -37.47
C ARG F 151 -38.99 -36.95 -38.97
N SER F 152 -37.79 -36.65 -39.47
CA SER F 152 -37.61 -36.55 -40.92
C SER F 152 -37.78 -37.91 -41.58
N ASN F 153 -37.34 -38.99 -40.92
CA ASN F 153 -37.52 -40.31 -41.47
C ASN F 153 -38.99 -40.70 -41.43
N GLY F 154 -39.31 -41.80 -42.11
CA GLY F 154 -40.66 -42.31 -42.15
C GLY F 154 -41.14 -42.95 -40.86
N LEU F 155 -40.27 -43.11 -39.87
CA LEU F 155 -40.63 -43.76 -38.62
C LEU F 155 -41.16 -42.74 -37.62
N THR F 156 -41.81 -43.25 -36.56
CA THR F 156 -42.57 -42.43 -35.63
C THR F 156 -42.38 -42.86 -34.19
N ALA F 157 -41.25 -43.49 -33.87
CA ALA F 157 -41.07 -44.06 -32.54
C ALA F 157 -40.64 -43.01 -31.52
N ASN F 158 -39.99 -41.94 -31.96
CA ASN F 158 -39.64 -40.86 -31.03
C ASN F 158 -40.88 -40.26 -30.39
N GLU F 159 -42.03 -40.32 -31.06
CA GLU F 159 -43.28 -39.89 -30.46
C GLU F 159 -43.85 -40.94 -29.51
N SER F 160 -43.45 -42.21 -29.69
CA SER F 160 -44.01 -43.28 -28.88
C SER F 160 -43.65 -43.13 -27.42
N GLY F 161 -42.41 -42.72 -27.14
CA GLY F 161 -41.92 -42.62 -25.78
C GLY F 161 -41.30 -43.89 -25.25
N ARG F 162 -41.73 -45.05 -25.73
CA ARG F 162 -41.08 -46.31 -25.41
C ARG F 162 -39.73 -46.40 -26.10
N LEU F 163 -39.02 -47.50 -25.87
CA LEU F 163 -37.61 -47.62 -26.19
C LEU F 163 -37.28 -48.75 -27.16
N ILE F 164 -37.94 -49.89 -27.06
CA ILE F 164 -37.57 -51.01 -27.91
C ILE F 164 -38.14 -50.80 -29.31
N ASP F 165 -39.35 -50.26 -29.39
CA ASP F 165 -39.85 -49.76 -30.67
C ASP F 165 -38.92 -48.70 -31.24
N PHE F 166 -38.34 -47.87 -30.38
CA PHE F 166 -37.39 -46.87 -30.84
C PHE F 166 -36.17 -47.54 -31.46
N LEU F 167 -35.60 -48.53 -30.77
CA LEU F 167 -34.46 -49.26 -31.33
C LEU F 167 -34.84 -49.96 -32.62
N LYS F 168 -36.06 -50.51 -32.68
CA LYS F 168 -36.51 -51.22 -33.86
C LYS F 168 -36.62 -50.28 -35.06
N ASP F 169 -37.14 -49.08 -34.84
CA ASP F 169 -37.30 -48.14 -35.94
C ASP F 169 -35.97 -47.49 -36.31
N VAL F 170 -35.07 -47.35 -35.33
CA VAL F 170 -33.68 -47.03 -35.63
C VAL F 170 -33.17 -48.04 -36.65
N MET F 171 -33.43 -49.32 -36.37
CA MET F 171 -32.96 -50.38 -37.26
C MET F 171 -33.62 -50.29 -38.62
N GLU F 172 -34.93 -50.02 -38.65
CA GLU F 172 -35.65 -49.97 -39.90
C GLU F 172 -35.11 -48.87 -40.82
N SER F 173 -35.07 -47.62 -40.32
CA SER F 173 -34.50 -46.55 -41.14
C SER F 173 -33.01 -46.73 -41.34
N MET F 174 -32.33 -47.45 -40.46
CA MET F 174 -30.93 -47.78 -40.66
C MET F 174 -30.78 -48.68 -41.88
N ASP F 175 -31.79 -49.49 -42.17
CA ASP F 175 -31.80 -50.29 -43.39
C ASP F 175 -32.20 -49.49 -44.61
N LYS F 176 -32.66 -48.26 -44.45
CA LYS F 176 -33.00 -47.42 -45.59
C LYS F 176 -31.75 -47.06 -46.39
N GLU F 177 -31.94 -46.76 -47.67
CA GLU F 177 -30.85 -46.45 -48.58
C GLU F 177 -30.53 -44.97 -48.65
N GLU F 178 -31.21 -44.13 -47.87
CA GLU F 178 -31.03 -42.68 -47.94
C GLU F 178 -31.74 -42.06 -46.75
N MET F 179 -31.20 -40.96 -46.27
CA MET F 179 -31.75 -40.26 -45.11
C MET F 179 -32.19 -38.85 -45.48
N ARG F 211 -29.42 -37.68 -46.16
CA ARG F 211 -28.88 -37.43 -47.50
C ARG F 211 -27.64 -38.27 -47.72
N VAL F 212 -27.67 -39.51 -47.21
CA VAL F 212 -26.49 -40.36 -47.12
C VAL F 212 -26.87 -41.76 -47.58
N ASN F 213 -26.15 -42.26 -48.58
CA ASN F 213 -26.47 -43.56 -49.17
C ASN F 213 -26.27 -44.69 -48.15
N LYS F 214 -26.70 -45.89 -48.55
CA LYS F 214 -26.77 -47.01 -47.63
C LYS F 214 -25.39 -47.43 -47.15
N ARG F 215 -24.43 -47.59 -48.06
CA ARG F 215 -23.10 -48.02 -47.67
C ARG F 215 -22.42 -46.98 -46.80
N SER F 216 -22.42 -45.73 -47.26
CA SER F 216 -21.85 -44.67 -46.44
C SER F 216 -22.57 -44.55 -45.10
N TYR F 217 -23.88 -44.79 -45.08
CA TYR F 217 -24.61 -44.64 -43.84
C TYR F 217 -24.32 -45.77 -42.86
N LEU F 218 -24.14 -47.00 -43.36
CA LEU F 218 -23.82 -48.09 -42.45
C LEU F 218 -22.39 -47.97 -41.95
N ILE F 219 -21.50 -47.38 -42.76
CA ILE F 219 -20.18 -47.11 -42.24
C ILE F 219 -20.22 -45.96 -41.23
N ARG F 220 -21.16 -45.03 -41.39
CA ARG F 220 -21.25 -43.89 -40.49
C ARG F 220 -21.95 -44.24 -39.18
N ALA F 221 -22.83 -45.22 -39.20
CA ALA F 221 -23.53 -45.61 -37.98
C ALA F 221 -22.67 -46.50 -37.12
N LEU F 222 -21.93 -47.42 -37.74
CA LEU F 222 -21.02 -48.29 -37.01
C LEU F 222 -19.74 -47.58 -36.59
N THR F 223 -19.56 -46.31 -36.97
CA THR F 223 -18.30 -45.63 -36.70
C THR F 223 -18.15 -45.36 -35.21
N LEU F 224 -16.91 -45.41 -34.74
CA LEU F 224 -16.59 -45.27 -33.32
C LEU F 224 -15.34 -44.42 -33.19
N ASN F 225 -15.49 -43.27 -32.54
CA ASN F 225 -14.40 -42.33 -32.34
C ASN F 225 -13.22 -42.99 -31.64
N THR F 226 -12.03 -42.45 -31.87
CA THR F 226 -10.80 -43.03 -31.35
C THR F 226 -10.42 -42.45 -29.98
N MET F 227 -10.20 -41.14 -29.91
CA MET F 227 -10.29 -40.39 -28.65
C MET F 227 -9.34 -40.94 -27.58
N THR F 228 -8.05 -40.65 -27.76
CA THR F 228 -6.97 -41.14 -26.91
C THR F 228 -7.31 -41.15 -25.43
N LYS F 229 -6.81 -42.14 -24.70
CA LYS F 229 -7.12 -42.23 -23.29
C LYS F 229 -6.45 -41.10 -22.55
N ASP F 230 -7.17 -40.55 -21.58
CA ASP F 230 -6.66 -39.55 -20.68
C ASP F 230 -6.80 -40.08 -19.26
N ALA F 231 -5.84 -39.73 -18.41
CA ALA F 231 -5.79 -40.13 -17.02
C ALA F 231 -5.49 -41.60 -16.83
N GLU F 232 -4.86 -42.25 -17.81
CA GLU F 232 -4.45 -43.64 -17.63
C GLU F 232 -3.30 -43.67 -16.64
N ARG F 233 -3.60 -44.06 -15.42
CA ARG F 233 -2.63 -44.09 -14.33
C ARG F 233 -2.00 -45.47 -14.29
N GLY F 234 -0.69 -45.52 -14.49
CA GLY F 234 0.09 -46.72 -14.24
C GLY F 234 0.65 -47.35 -15.49
N LYS F 235 0.97 -46.52 -16.49
CA LYS F 235 1.55 -47.01 -17.73
C LYS F 235 2.61 -46.01 -18.20
N LEU F 236 3.10 -46.23 -19.41
CA LEU F 236 4.02 -45.35 -20.10
C LEU F 236 3.50 -44.88 -21.44
N LYS F 237 2.91 -45.78 -22.21
CA LYS F 237 2.22 -45.48 -23.45
C LYS F 237 0.73 -45.64 -23.22
N ARG F 238 -0.05 -45.23 -24.21
CA ARG F 238 -1.47 -44.96 -24.02
C ARG F 238 -2.33 -45.99 -24.74
N ARG F 239 -3.46 -46.31 -24.10
CA ARG F 239 -4.34 -47.36 -24.55
C ARG F 239 -5.27 -46.93 -25.67
N ALA F 240 -5.57 -45.64 -25.77
CA ALA F 240 -6.45 -45.12 -26.79
C ALA F 240 -7.85 -45.74 -26.68
N ILE F 241 -8.52 -45.39 -25.58
CA ILE F 241 -9.89 -45.83 -25.36
C ILE F 241 -10.77 -45.25 -26.46
N ALA F 242 -11.46 -46.11 -27.18
CA ALA F 242 -12.45 -45.70 -28.16
C ALA F 242 -13.83 -45.94 -27.60
N THR F 243 -14.76 -45.06 -27.98
CA THR F 243 -16.07 -44.97 -27.38
C THR F 243 -17.17 -45.17 -28.43
N PRO F 244 -18.33 -45.74 -28.05
CA PRO F 244 -19.37 -45.98 -29.04
C PRO F 244 -20.34 -44.81 -29.19
N GLY F 245 -21.31 -44.97 -30.08
CA GLY F 245 -22.35 -43.99 -30.27
C GLY F 245 -23.64 -44.40 -29.57
N MET F 246 -24.59 -43.47 -29.59
CA MET F 246 -25.85 -43.66 -28.88
C MET F 246 -26.65 -44.84 -29.43
N GLN F 247 -26.56 -45.10 -30.73
CA GLN F 247 -27.48 -46.04 -31.36
C GLN F 247 -27.23 -47.46 -30.86
N ILE F 248 -25.98 -47.81 -30.64
CA ILE F 248 -25.61 -49.08 -30.04
C ILE F 248 -25.73 -49.03 -28.52
N ARG F 249 -25.84 -47.83 -27.95
CA ARG F 249 -25.77 -47.67 -26.50
C ARG F 249 -26.94 -48.37 -25.81
N GLY F 250 -28.12 -48.32 -26.42
CA GLY F 250 -29.27 -48.97 -25.81
C GLY F 250 -29.18 -50.47 -25.86
N PHE F 251 -28.62 -51.00 -26.95
CA PHE F 251 -28.44 -52.44 -27.06
C PHE F 251 -27.47 -52.93 -26.00
N VAL F 252 -26.35 -52.22 -25.85
CA VAL F 252 -25.41 -52.60 -24.79
C VAL F 252 -26.04 -52.36 -23.43
N TYR F 253 -26.95 -51.39 -23.32
CA TYR F 253 -27.62 -51.15 -22.05
C TYR F 253 -28.48 -52.35 -21.65
N PHE F 254 -29.26 -52.86 -22.61
CA PHE F 254 -30.10 -54.02 -22.32
C PHE F 254 -29.24 -55.24 -21.97
N VAL F 255 -28.21 -55.51 -22.78
CA VAL F 255 -27.43 -56.72 -22.53
C VAL F 255 -26.64 -56.57 -21.24
N GLU F 256 -26.21 -55.36 -20.91
CA GLU F 256 -25.51 -55.14 -19.64
C GLU F 256 -26.47 -55.20 -18.48
N THR F 257 -27.75 -54.90 -18.69
CA THR F 257 -28.74 -55.10 -17.65
C THR F 257 -28.92 -56.58 -17.37
N LEU F 258 -28.99 -57.39 -18.44
CA LEU F 258 -28.99 -58.84 -18.27
C LEU F 258 -27.75 -59.28 -17.51
N ALA F 259 -26.60 -58.75 -17.89
CA ALA F 259 -25.34 -59.14 -17.26
C ALA F 259 -25.34 -58.73 -15.80
N ARG F 260 -25.92 -57.58 -15.49
CA ARG F 260 -25.98 -57.12 -14.12
C ARG F 260 -26.88 -58.03 -13.30
N SER F 261 -27.99 -58.46 -13.89
CA SER F 261 -28.89 -59.37 -13.19
C SER F 261 -28.20 -60.71 -12.94
N ILE F 262 -27.63 -61.29 -13.98
CA ILE F 262 -27.05 -62.63 -13.87
C ILE F 262 -25.82 -62.60 -12.96
N CYS F 263 -25.07 -61.50 -12.97
CA CYS F 263 -23.91 -61.40 -12.11
C CYS F 263 -24.32 -61.11 -10.66
N GLU F 264 -25.45 -60.42 -10.47
CA GLU F 264 -25.98 -60.22 -9.14
C GLU F 264 -26.39 -61.56 -8.53
N LYS F 265 -27.04 -62.40 -9.32
CA LYS F 265 -27.34 -63.74 -8.85
C LYS F 265 -26.12 -64.64 -8.82
N LEU F 266 -25.02 -64.25 -9.45
CA LEU F 266 -23.77 -64.97 -9.31
C LEU F 266 -23.08 -64.58 -8.01
N GLU F 267 -22.08 -65.38 -7.66
CA GLU F 267 -21.27 -65.18 -6.48
C GLU F 267 -19.80 -64.94 -6.80
N GLN F 268 -19.42 -65.06 -8.07
CA GLN F 268 -18.04 -64.94 -8.48
C GLN F 268 -17.74 -63.63 -9.22
N SER F 269 -18.76 -62.86 -9.59
CA SER F 269 -18.51 -61.57 -10.21
C SER F 269 -17.87 -60.63 -9.22
N GLY F 270 -17.21 -59.60 -9.76
CA GLY F 270 -16.57 -58.58 -8.96
C GLY F 270 -17.02 -57.17 -9.29
N LEU F 271 -17.51 -56.96 -10.53
CA LEU F 271 -17.85 -55.61 -10.96
C LEU F 271 -19.16 -55.11 -10.32
N PRO F 272 -20.31 -55.77 -10.52
CA PRO F 272 -21.55 -55.18 -9.98
C PRO F 272 -21.60 -55.25 -8.47
N VAL F 273 -21.10 -56.35 -7.90
CA VAL F 273 -20.87 -56.38 -6.46
C VAL F 273 -19.83 -55.32 -6.14
N GLY F 274 -20.05 -54.57 -5.07
CA GLY F 274 -19.21 -53.42 -4.80
C GLY F 274 -19.25 -53.02 -3.35
N GLY F 275 -18.45 -52.01 -3.03
CA GLY F 275 -18.33 -51.55 -1.67
C GLY F 275 -17.82 -52.64 -0.75
N ASN F 276 -18.22 -52.54 0.51
CA ASN F 276 -17.77 -53.50 1.50
C ASN F 276 -18.37 -54.88 1.28
N GLU F 277 -19.49 -54.97 0.56
CA GLU F 277 -20.00 -56.29 0.17
C GLU F 277 -19.03 -56.99 -0.77
N LYS F 278 -18.53 -56.28 -1.77
CA LYS F 278 -17.46 -56.81 -2.61
C LYS F 278 -16.22 -57.15 -1.80
N LYS F 279 -15.85 -56.25 -0.89
CA LYS F 279 -14.72 -56.48 -0.01
C LYS F 279 -14.88 -57.79 0.74
N ALA F 280 -16.09 -58.08 1.18
CA ALA F 280 -16.39 -59.33 1.88
C ALA F 280 -16.43 -60.50 0.92
N LYS F 281 -16.84 -60.27 -0.33
CA LYS F 281 -16.96 -61.37 -1.28
C LYS F 281 -15.59 -61.95 -1.60
N LEU F 282 -14.61 -61.07 -1.77
CA LEU F 282 -13.22 -61.49 -1.93
C LEU F 282 -12.81 -62.43 -0.81
N ALA F 283 -12.93 -61.95 0.42
CA ALA F 283 -12.56 -62.73 1.59
C ALA F 283 -13.37 -64.02 1.68
N ASN F 284 -14.61 -64.00 1.21
CA ASN F 284 -15.47 -65.16 1.33
C ASN F 284 -15.06 -66.26 0.37
N VAL F 285 -14.69 -65.89 -0.86
CA VAL F 285 -14.28 -66.93 -1.81
C VAL F 285 -12.95 -67.51 -1.38
N VAL F 286 -12.04 -66.69 -0.88
CA VAL F 286 -10.78 -67.27 -0.41
C VAL F 286 -11.03 -68.11 0.83
N ARG F 287 -12.01 -67.75 1.66
CA ARG F 287 -12.40 -68.62 2.77
C ARG F 287 -12.87 -69.96 2.24
N LYS F 288 -13.80 -69.93 1.28
CA LYS F 288 -14.44 -71.14 0.79
C LYS F 288 -13.45 -72.10 0.17
N MET F 289 -12.40 -71.57 -0.47
CA MET F 289 -11.44 -72.42 -1.16
C MET F 289 -10.15 -72.68 -0.39
N MET F 290 -9.85 -71.87 0.62
CA MET F 290 -8.62 -72.03 1.39
C MET F 290 -8.79 -73.06 2.49
N THR F 291 -10.02 -73.26 2.97
CA THR F 291 -10.33 -74.36 3.88
C THR F 291 -9.84 -75.66 3.27
N ASN F 292 -8.87 -76.29 3.93
CA ASN F 292 -8.11 -77.41 3.37
C ASN F 292 -8.41 -78.63 4.23
N SER F 293 -9.52 -79.30 3.91
CA SER F 293 -9.84 -80.57 4.51
C SER F 293 -8.95 -81.63 3.88
N GLN F 294 -8.37 -82.49 4.73
CA GLN F 294 -7.39 -83.48 4.29
C GLN F 294 -6.23 -82.80 3.59
N ASP F 295 -5.61 -81.84 4.28
CA ASP F 295 -4.57 -81.02 3.67
C ASP F 295 -3.27 -81.80 3.51
N THR F 296 -3.30 -82.81 2.64
CA THR F 296 -2.08 -83.49 2.19
C THR F 296 -1.55 -82.89 0.90
N GLU F 297 -2.07 -81.74 0.48
CA GLU F 297 -1.78 -81.16 -0.82
C GLU F 297 -1.35 -79.71 -0.63
N LEU F 298 -0.29 -79.32 -1.32
CA LEU F 298 0.12 -77.93 -1.31
C LEU F 298 -0.80 -77.11 -2.21
N SER F 299 -0.80 -75.80 -2.01
CA SER F 299 -1.77 -74.93 -2.64
C SER F 299 -1.13 -73.59 -2.95
N PHE F 300 -1.31 -73.13 -4.19
CA PHE F 300 -0.92 -71.80 -4.61
C PHE F 300 -2.15 -71.09 -5.16
N THR F 301 -2.08 -69.75 -5.20
CA THR F 301 -3.25 -68.92 -5.51
C THR F 301 -2.79 -67.75 -6.38
N ILE F 302 -2.96 -67.90 -7.69
CA ILE F 302 -2.47 -66.92 -8.64
C ILE F 302 -3.25 -65.62 -8.49
N THR F 303 -2.60 -64.52 -8.84
CA THR F 303 -3.25 -63.27 -9.19
C THR F 303 -2.67 -62.80 -10.52
N GLY F 304 -3.10 -61.62 -10.96
CA GLY F 304 -2.44 -60.98 -12.08
C GLY F 304 -3.40 -60.11 -12.86
N ASP F 305 -3.09 -59.99 -14.14
CA ASP F 305 -3.82 -59.14 -15.07
C ASP F 305 -3.75 -59.82 -16.42
N ASN F 306 -4.90 -60.09 -17.01
CA ASN F 306 -4.98 -60.78 -18.27
C ASN F 306 -4.78 -59.77 -19.38
N THR F 307 -3.58 -59.76 -19.95
CA THR F 307 -3.25 -58.77 -20.97
C THR F 307 -4.16 -58.90 -22.17
N LYS F 308 -4.28 -57.81 -22.91
CA LYS F 308 -4.94 -57.80 -24.20
C LYS F 308 -6.39 -58.26 -24.08
N TRP F 309 -7.02 -57.91 -22.97
CA TRP F 309 -8.40 -58.30 -22.73
C TRP F 309 -9.31 -57.72 -23.80
N ASN F 310 -9.13 -56.45 -24.10
CA ASN F 310 -9.98 -55.79 -25.08
C ASN F 310 -9.63 -56.17 -26.51
N GLU F 311 -8.56 -56.94 -26.72
CA GLU F 311 -8.10 -57.32 -28.04
C GLU F 311 -8.40 -58.77 -28.37
N ASN F 312 -7.94 -59.69 -27.54
CA ASN F 312 -8.01 -61.10 -27.87
C ASN F 312 -9.42 -61.68 -27.74
N GLN F 313 -10.31 -60.99 -27.04
CA GLN F 313 -11.71 -61.42 -27.00
C GLN F 313 -12.37 -61.08 -28.34
N ASN F 314 -13.66 -61.38 -28.44
CA ASN F 314 -14.33 -61.34 -29.74
C ASN F 314 -15.83 -61.25 -29.51
N PRO F 315 -16.59 -60.63 -30.43
CA PRO F 315 -18.04 -60.62 -30.27
C PRO F 315 -18.73 -61.89 -30.69
N ARG F 316 -18.07 -62.74 -31.47
CA ARG F 316 -18.68 -64.00 -31.88
C ARG F 316 -19.00 -64.86 -30.68
N MET F 317 -18.03 -64.97 -29.76
CA MET F 317 -18.27 -65.72 -28.53
C MET F 317 -19.39 -65.10 -27.73
N PHE F 318 -19.48 -63.77 -27.76
CA PHE F 318 -20.55 -63.09 -27.03
C PHE F 318 -21.91 -63.43 -27.63
N LEU F 319 -22.01 -63.44 -28.96
CA LEU F 319 -23.27 -63.78 -29.60
C LEU F 319 -23.66 -65.22 -29.30
N ALA F 320 -22.68 -66.12 -29.31
CA ALA F 320 -22.94 -67.51 -28.99
C ALA F 320 -23.46 -67.65 -27.56
N MET F 321 -22.76 -66.99 -26.62
CA MET F 321 -23.22 -66.95 -25.24
C MET F 321 -24.64 -66.45 -25.14
N ILE F 322 -24.94 -65.35 -25.82
CA ILE F 322 -26.25 -64.74 -25.76
C ILE F 322 -27.31 -65.72 -26.24
N THR F 323 -27.04 -66.37 -27.37
CA THR F 323 -27.98 -67.36 -27.89
C THR F 323 -28.21 -68.48 -26.89
N TYR F 324 -27.16 -68.88 -26.17
CA TYR F 324 -27.34 -69.96 -25.20
C TYR F 324 -28.01 -69.48 -23.92
N ILE F 325 -27.92 -68.19 -23.62
CA ILE F 325 -28.32 -67.71 -22.31
C ILE F 325 -29.83 -67.57 -22.24
N THR F 326 -30.45 -67.08 -23.31
CA THR F 326 -31.89 -66.89 -23.38
C THR F 326 -32.61 -68.04 -24.04
N LYS F 327 -32.15 -69.27 -23.77
CA LYS F 327 -32.85 -70.46 -24.19
C LYS F 327 -34.29 -70.45 -23.71
N ASN F 328 -35.20 -70.90 -24.57
CA ASN F 328 -36.61 -71.08 -24.22
C ASN F 328 -37.26 -69.77 -23.81
N GLN F 329 -37.22 -68.79 -24.72
CA GLN F 329 -37.68 -67.44 -24.45
C GLN F 329 -38.37 -66.84 -25.67
N PRO F 330 -38.99 -65.68 -25.56
CA PRO F 330 -39.57 -65.03 -26.74
C PRO F 330 -38.51 -64.73 -27.79
N GLU F 331 -38.78 -65.17 -29.01
CA GLU F 331 -37.80 -65.08 -30.10
C GLU F 331 -37.38 -63.64 -30.36
N TRP F 332 -38.34 -62.72 -30.30
CA TRP F 332 -38.03 -61.30 -30.50
C TRP F 332 -37.03 -60.80 -29.46
N PHE F 333 -37.13 -61.28 -28.22
CA PHE F 333 -36.15 -60.88 -27.22
C PHE F 333 -34.77 -61.41 -27.58
N ARG F 334 -34.71 -62.67 -28.07
CA ARG F 334 -33.45 -63.24 -28.52
C ARG F 334 -32.81 -62.33 -29.56
N ASN F 335 -33.62 -61.84 -30.50
CA ASN F 335 -33.06 -61.03 -31.58
C ASN F 335 -32.61 -59.67 -31.08
N VAL F 336 -33.48 -58.99 -30.33
CA VAL F 336 -33.17 -57.63 -29.90
C VAL F 336 -32.04 -57.62 -28.87
N LEU F 337 -31.66 -58.77 -28.32
CA LEU F 337 -30.46 -58.84 -27.49
C LEU F 337 -29.26 -59.45 -28.20
N SER F 338 -29.46 -60.11 -29.33
CA SER F 338 -28.34 -60.54 -30.15
C SER F 338 -27.82 -59.45 -31.06
N ILE F 339 -28.57 -58.36 -31.23
CA ILE F 339 -28.13 -57.33 -32.17
C ILE F 339 -26.85 -56.61 -31.72
N ALA F 340 -26.46 -56.69 -30.46
CA ALA F 340 -25.26 -55.94 -30.06
C ALA F 340 -23.99 -56.63 -30.53
N PRO F 341 -23.77 -57.91 -30.22
CA PRO F 341 -22.53 -58.56 -30.67
C PRO F 341 -22.33 -58.59 -32.17
N ILE F 342 -23.38 -58.51 -32.98
CA ILE F 342 -23.17 -58.56 -34.43
C ILE F 342 -22.55 -57.25 -34.93
N MET F 343 -23.05 -56.12 -34.45
CA MET F 343 -22.47 -54.85 -34.85
C MET F 343 -21.16 -54.61 -34.12
N PHE F 344 -20.94 -55.28 -32.99
CA PHE F 344 -19.56 -55.42 -32.53
C PHE F 344 -18.73 -56.18 -33.56
N SER F 345 -19.32 -57.23 -34.13
CA SER F 345 -18.65 -58.12 -35.06
C SER F 345 -18.30 -57.46 -36.38
N ASN F 346 -18.83 -56.27 -36.63
CA ASN F 346 -18.33 -55.47 -37.74
C ASN F 346 -18.40 -54.01 -37.34
N LYS F 347 -17.22 -53.39 -37.23
CA LYS F 347 -17.12 -52.00 -36.81
C LYS F 347 -15.95 -51.35 -37.52
N MET F 348 -16.15 -50.12 -37.97
CA MET F 348 -15.12 -49.32 -38.61
C MET F 348 -14.90 -48.08 -37.78
N ALA F 349 -14.01 -48.19 -36.79
CA ALA F 349 -13.64 -47.01 -36.02
C ALA F 349 -12.80 -46.08 -36.88
N ARG F 350 -12.81 -44.81 -36.51
CA ARG F 350 -12.02 -43.79 -37.19
C ARG F 350 -10.56 -43.97 -36.77
N LEU F 351 -9.73 -43.02 -37.16
CA LEU F 351 -8.34 -42.96 -36.72
C LEU F 351 -8.04 -41.76 -35.85
N GLY F 352 -8.78 -40.68 -36.01
CA GLY F 352 -8.65 -39.52 -35.16
C GLY F 352 -8.55 -38.26 -36.01
N LYS F 353 -7.71 -37.34 -35.57
CA LYS F 353 -7.50 -36.09 -36.31
C LYS F 353 -6.63 -36.34 -37.53
N GLY F 354 -5.44 -36.88 -37.32
CA GLY F 354 -4.41 -36.95 -38.35
C GLY F 354 -3.09 -36.54 -37.74
N TYR F 355 -2.23 -35.89 -38.53
CA TYR F 355 -0.92 -35.46 -38.09
C TYR F 355 -0.78 -33.97 -38.33
N MET F 356 0.39 -33.43 -37.96
CA MET F 356 0.74 -32.04 -38.18
C MET F 356 2.18 -32.00 -38.68
N PHE F 357 2.35 -31.98 -39.99
CA PHE F 357 3.68 -31.96 -40.56
C PHE F 357 4.29 -30.57 -40.38
N GLU F 358 5.60 -30.47 -40.54
CA GLU F 358 6.30 -29.22 -40.31
C GLU F 358 7.54 -29.13 -41.17
N SER F 359 7.80 -27.93 -41.68
CA SER F 359 9.03 -27.64 -42.39
C SER F 359 10.12 -27.29 -41.39
N LYS F 360 11.33 -27.79 -41.64
CA LYS F 360 12.46 -27.48 -40.77
C LYS F 360 13.11 -26.16 -41.17
N SER F 361 13.49 -26.05 -42.44
CA SER F 361 14.18 -24.85 -42.91
C SER F 361 13.21 -23.68 -42.99
N MET F 362 12.17 -23.81 -43.81
CA MET F 362 11.23 -22.71 -43.98
C MET F 362 10.37 -22.48 -42.75
N LYS F 363 10.28 -23.47 -41.86
CA LYS F 363 9.60 -23.33 -40.58
C LYS F 363 8.12 -22.98 -40.78
N LEU F 364 7.40 -23.96 -41.32
CA LEU F 364 5.96 -23.83 -41.52
C LEU F 364 5.31 -25.19 -41.33
N ARG F 365 4.09 -25.20 -40.79
CA ARG F 365 3.41 -26.41 -40.38
C ARG F 365 1.96 -26.40 -40.82
N THR F 366 1.38 -27.59 -40.91
CA THR F 366 -0.04 -27.75 -41.23
C THR F 366 -0.53 -29.07 -40.67
N GLN F 367 -1.82 -29.11 -40.33
CA GLN F 367 -2.48 -30.35 -39.98
C GLN F 367 -2.93 -31.07 -41.24
N ILE F 368 -2.74 -32.38 -41.24
CA ILE F 368 -3.14 -33.24 -42.34
C ILE F 368 -4.20 -34.21 -41.83
N PRO F 369 -5.49 -33.95 -42.12
CA PRO F 369 -6.50 -34.96 -41.80
C PRO F 369 -6.20 -36.27 -42.49
N ALA F 370 -6.21 -37.35 -41.71
CA ALA F 370 -5.83 -38.66 -42.19
C ALA F 370 -6.86 -39.30 -43.12
N GLU F 371 -7.97 -38.62 -43.42
CA GLU F 371 -8.91 -39.15 -44.39
C GLU F 371 -8.26 -39.35 -45.76
N MET F 372 -7.23 -38.56 -46.07
CA MET F 372 -6.44 -38.72 -47.28
C MET F 372 -5.25 -39.65 -47.09
N LEU F 373 -5.10 -40.26 -45.92
CA LEU F 373 -3.90 -41.05 -45.63
C LEU F 373 -3.76 -42.25 -46.55
N ALA F 374 -4.86 -42.74 -47.13
CA ALA F 374 -4.80 -43.81 -48.12
C ALA F 374 -4.41 -43.32 -49.50
N SER F 375 -3.93 -42.07 -49.63
CA SER F 375 -3.44 -41.52 -50.88
C SER F 375 -2.02 -41.00 -50.81
N ILE F 376 -1.58 -40.55 -49.64
CA ILE F 376 -0.32 -39.82 -49.53
C ILE F 376 0.87 -40.74 -49.71
N ASP F 377 1.96 -40.19 -50.23
CA ASP F 377 3.23 -40.88 -50.31
C ASP F 377 3.71 -41.31 -48.92
N LEU F 378 4.72 -42.15 -48.92
CA LEU F 378 5.27 -42.77 -47.71
C LEU F 378 6.70 -42.29 -47.47
N LYS F 379 6.91 -40.98 -47.60
CA LYS F 379 8.21 -40.35 -47.45
C LYS F 379 8.22 -39.19 -46.46
N TYR F 380 7.14 -38.41 -46.38
CA TYR F 380 7.07 -37.33 -45.40
C TYR F 380 7.11 -37.84 -43.96
N PHE F 381 6.78 -39.12 -43.74
CA PHE F 381 6.50 -39.63 -42.41
C PHE F 381 7.76 -40.13 -41.72
N ASN F 382 7.59 -40.47 -40.44
CA ASN F 382 8.59 -41.16 -39.66
C ASN F 382 8.58 -42.65 -40.00
N GLU F 383 9.74 -43.30 -39.85
CA GLU F 383 9.92 -44.65 -40.37
C GLU F 383 9.03 -45.66 -39.63
N SER F 384 8.97 -45.60 -38.31
CA SER F 384 8.04 -46.44 -37.56
C SER F 384 6.62 -46.15 -38.00
N THR F 385 6.31 -44.87 -38.13
CA THR F 385 5.02 -44.46 -38.65
C THR F 385 4.80 -45.01 -40.05
N ARG F 386 5.82 -44.94 -40.91
CA ARG F 386 5.71 -45.43 -42.29
C ARG F 386 5.31 -46.90 -42.31
N LYS F 387 6.05 -47.73 -41.58
CA LYS F 387 5.76 -49.15 -41.58
C LYS F 387 4.37 -49.42 -41.03
N LYS F 388 3.95 -48.65 -40.01
CA LYS F 388 2.58 -48.78 -39.54
C LYS F 388 1.58 -48.47 -40.65
N ILE F 389 1.83 -47.40 -41.42
CA ILE F 389 0.87 -47.03 -42.48
C ILE F 389 0.74 -48.15 -43.48
N GLU F 390 1.87 -48.67 -43.99
CA GLU F 390 1.76 -49.74 -44.98
C GLU F 390 1.11 -50.97 -44.39
N LYS F 391 1.19 -51.17 -43.08
CA LYS F 391 0.46 -52.27 -42.47
C LYS F 391 -1.04 -52.01 -42.49
N ILE F 392 -1.45 -50.77 -42.28
CA ILE F 392 -2.88 -50.45 -42.19
C ILE F 392 -3.47 -49.98 -43.51
N ARG F 393 -2.67 -49.33 -44.36
CA ARG F 393 -3.11 -48.75 -45.62
C ARG F 393 -3.92 -49.73 -46.47
N PRO F 394 -3.61 -51.04 -46.48
CA PRO F 394 -4.57 -51.98 -47.07
C PRO F 394 -5.90 -52.00 -46.35
N LEU F 395 -5.88 -51.83 -45.04
CA LEU F 395 -7.08 -51.92 -44.22
C LEU F 395 -7.67 -50.54 -43.97
N LEU F 396 -8.01 -49.84 -45.05
CA LEU F 396 -8.58 -48.51 -44.94
C LEU F 396 -9.62 -48.33 -46.03
N ILE F 397 -10.85 -48.06 -45.60
CA ILE F 397 -12.03 -47.97 -46.46
C ILE F 397 -12.82 -46.76 -45.99
N ASP F 398 -12.93 -45.74 -46.84
CA ASP F 398 -13.40 -44.41 -46.45
C ASP F 398 -12.45 -43.77 -45.44
N GLY F 399 -11.21 -44.25 -45.35
CA GLY F 399 -10.23 -43.72 -44.44
C GLY F 399 -10.31 -44.27 -43.02
N THR F 400 -11.49 -44.68 -42.58
CA THR F 400 -11.68 -45.18 -41.23
C THR F 400 -11.34 -46.66 -41.20
N ALA F 401 -10.55 -47.05 -40.20
CA ALA F 401 -10.04 -48.41 -40.13
C ALA F 401 -11.14 -49.38 -39.75
N SER F 402 -11.16 -50.51 -40.44
CA SER F 402 -12.12 -51.58 -40.16
C SER F 402 -11.44 -52.74 -39.45
N LEU F 403 -12.16 -53.32 -38.51
CA LEU F 403 -11.66 -54.43 -37.74
C LEU F 403 -12.79 -55.04 -36.92
N SER F 404 -12.84 -56.35 -36.85
CA SER F 404 -13.63 -56.98 -35.80
C SER F 404 -13.11 -58.37 -35.45
N PRO F 405 -11.83 -58.51 -35.06
CA PRO F 405 -11.42 -59.71 -34.32
C PRO F 405 -11.41 -59.45 -32.82
N GLY F 406 -11.61 -58.19 -32.43
CA GLY F 406 -11.29 -57.77 -31.08
C GLY F 406 -12.33 -56.80 -30.55
N MET F 407 -12.46 -56.82 -29.23
CA MET F 407 -13.42 -55.98 -28.52
C MET F 407 -13.02 -54.52 -28.63
N MET F 408 -14.00 -53.65 -28.44
CA MET F 408 -13.74 -52.22 -28.43
C MET F 408 -13.08 -51.82 -27.13
N MET F 409 -12.04 -50.99 -27.25
CA MET F 409 -11.22 -50.64 -26.10
C MET F 409 -12.03 -49.88 -25.06
N GLY F 410 -12.11 -50.46 -23.87
CA GLY F 410 -12.53 -49.72 -22.69
C GLY F 410 -14.02 -49.64 -22.46
N MET F 411 -14.80 -50.62 -22.92
CA MET F 411 -16.22 -50.68 -22.61
C MET F 411 -16.41 -51.46 -21.32
N PHE F 412 -17.50 -51.15 -20.61
CA PHE F 412 -17.81 -51.79 -19.34
C PHE F 412 -18.68 -53.02 -19.61
N ASN F 413 -18.13 -53.93 -20.41
CA ASN F 413 -18.93 -55.02 -20.95
C ASN F 413 -19.45 -55.94 -19.86
N MET F 414 -18.54 -56.60 -19.14
CA MET F 414 -18.85 -57.42 -17.97
C MET F 414 -19.51 -58.76 -18.30
N LEU F 415 -20.01 -58.89 -19.53
CA LEU F 415 -20.31 -60.20 -20.07
C LEU F 415 -19.04 -60.97 -20.36
N SER F 416 -17.94 -60.25 -20.55
CA SER F 416 -16.63 -60.89 -20.60
C SER F 416 -16.29 -61.50 -19.25
N THR F 417 -16.74 -60.89 -18.16
CA THR F 417 -16.57 -61.54 -16.87
C THR F 417 -17.45 -62.75 -16.77
N VAL F 418 -18.68 -62.67 -17.31
CA VAL F 418 -19.55 -63.84 -17.36
C VAL F 418 -18.88 -64.96 -18.13
N LEU F 419 -18.10 -64.62 -19.14
CA LEU F 419 -17.34 -65.62 -19.87
C LEU F 419 -16.24 -66.20 -18.99
N GLY F 420 -15.31 -65.35 -18.56
CA GLY F 420 -14.11 -65.83 -17.92
C GLY F 420 -14.36 -66.53 -16.60
N VAL F 421 -15.46 -66.18 -15.94
CA VAL F 421 -15.80 -66.81 -14.68
C VAL F 421 -16.20 -68.26 -14.90
N SER F 422 -16.71 -68.57 -16.08
CA SER F 422 -17.03 -69.94 -16.40
C SER F 422 -15.80 -70.81 -16.36
N ILE F 423 -14.66 -70.26 -16.75
CA ILE F 423 -13.40 -70.98 -16.66
C ILE F 423 -13.14 -71.37 -15.22
N LEU F 424 -13.32 -70.41 -14.32
CA LEU F 424 -13.13 -70.67 -12.91
C LEU F 424 -14.15 -71.68 -12.41
N ASN F 425 -15.32 -71.71 -13.03
CA ASN F 425 -16.34 -72.68 -12.65
C ASN F 425 -15.98 -74.08 -13.12
N LEU F 426 -15.19 -74.19 -14.18
CA LEU F 426 -14.76 -75.51 -14.66
C LEU F 426 -13.96 -76.25 -13.61
N GLY F 427 -13.28 -75.51 -12.72
CA GLY F 427 -12.52 -76.14 -11.66
C GLY F 427 -13.33 -76.57 -10.47
N GLN F 428 -14.59 -76.92 -10.68
CA GLN F 428 -15.29 -77.77 -9.74
C GLN F 428 -14.84 -79.20 -9.95
N LYS F 429 -14.56 -79.89 -8.85
CA LYS F 429 -13.91 -81.20 -8.94
C LYS F 429 -14.76 -82.22 -9.66
N ARG F 430 -16.05 -81.96 -9.83
CA ARG F 430 -16.90 -82.82 -10.65
C ARG F 430 -16.48 -82.80 -12.11
N TYR F 431 -15.88 -81.71 -12.56
CA TYR F 431 -15.83 -81.35 -13.97
C TYR F 431 -14.43 -81.18 -14.52
N THR F 432 -13.48 -80.71 -13.72
CA THR F 432 -12.08 -80.93 -14.05
C THR F 432 -11.75 -82.41 -14.09
N LYS F 433 -12.53 -83.22 -13.36
CA LYS F 433 -12.44 -84.69 -13.36
C LYS F 433 -11.00 -85.16 -13.16
N THR F 434 -10.35 -84.59 -12.15
CA THR F 434 -9.02 -84.99 -11.75
C THR F 434 -8.80 -84.57 -10.31
N THR F 435 -7.56 -84.70 -9.83
CA THR F 435 -7.26 -84.41 -8.43
C THR F 435 -7.23 -82.91 -8.18
N TYR F 436 -6.69 -82.14 -9.12
CA TYR F 436 -6.53 -80.70 -8.93
C TYR F 436 -7.72 -79.95 -9.49
N TRP F 437 -7.84 -78.69 -9.09
CA TRP F 437 -9.04 -77.94 -9.42
C TRP F 437 -8.87 -76.48 -9.00
N TRP F 438 -9.46 -75.58 -9.79
CA TRP F 438 -9.33 -74.14 -9.60
C TRP F 438 -10.68 -73.52 -9.25
N ASP F 439 -10.62 -72.28 -8.77
CA ASP F 439 -11.79 -71.46 -8.48
C ASP F 439 -11.30 -70.09 -8.02
N GLY F 440 -12.18 -69.09 -8.09
CA GLY F 440 -11.85 -67.77 -7.62
C GLY F 440 -12.85 -66.71 -8.01
N LEU F 441 -12.35 -65.61 -8.57
CA LEU F 441 -13.20 -64.54 -9.08
C LEU F 441 -12.45 -63.81 -10.18
N GLN F 442 -13.18 -63.01 -10.94
CA GLN F 442 -12.58 -62.39 -12.11
C GLN F 442 -13.42 -61.19 -12.54
N SER F 443 -12.87 -59.99 -12.39
CA SER F 443 -13.43 -58.79 -12.95
C SER F 443 -12.92 -58.62 -14.38
N SER F 444 -13.14 -57.45 -14.98
CA SER F 444 -13.01 -57.30 -16.42
C SER F 444 -11.59 -57.56 -16.93
N ASP F 445 -10.57 -57.32 -16.12
CA ASP F 445 -9.19 -57.55 -16.52
C ASP F 445 -8.36 -58.29 -15.49
N ASP F 446 -8.70 -58.20 -14.22
CA ASP F 446 -7.99 -58.90 -13.16
C ASP F 446 -8.59 -60.27 -12.96
N PHE F 447 -7.86 -61.12 -12.24
CA PHE F 447 -8.27 -62.50 -12.04
C PHE F 447 -7.43 -63.09 -10.93
N ALA F 448 -8.03 -64.00 -10.17
CA ALA F 448 -7.37 -64.57 -9.01
C ALA F 448 -7.84 -66.00 -8.83
N LEU F 449 -7.07 -66.94 -9.35
CA LEU F 449 -7.37 -68.35 -9.17
C LEU F 449 -6.92 -68.83 -7.80
N ILE F 450 -7.48 -69.98 -7.41
CA ILE F 450 -7.11 -70.68 -6.19
C ILE F 450 -7.15 -72.16 -6.52
N VAL F 451 -6.01 -72.83 -6.41
CA VAL F 451 -5.85 -74.21 -6.87
C VAL F 451 -5.42 -75.09 -5.71
N ASN F 452 -5.41 -76.40 -5.97
CA ASN F 452 -4.89 -77.40 -5.07
C ASN F 452 -4.38 -78.57 -5.89
N ALA F 453 -3.28 -79.16 -5.44
CA ALA F 453 -2.77 -80.41 -6.00
C ALA F 453 -1.69 -80.94 -5.06
N PRO F 454 -1.40 -82.24 -5.13
CA PRO F 454 -0.61 -82.87 -4.07
C PRO F 454 0.86 -82.47 -4.05
N ASN F 455 1.31 -81.60 -4.94
CA ASN F 455 2.73 -81.31 -5.04
C ASN F 455 2.92 -80.13 -5.98
N HIS F 456 4.14 -79.60 -6.00
CA HIS F 456 4.49 -78.55 -6.95
C HIS F 456 4.29 -79.05 -8.37
N GLU F 457 4.58 -80.33 -8.61
CA GLU F 457 4.42 -80.90 -9.94
C GLU F 457 2.96 -80.94 -10.34
N GLY F 458 2.08 -81.34 -9.42
CA GLY F 458 0.67 -81.42 -9.74
C GLY F 458 0.05 -80.05 -9.93
N ILE F 459 0.49 -79.07 -9.14
CA ILE F 459 -0.01 -77.72 -9.31
C ILE F 459 0.47 -77.14 -10.63
N GLN F 460 1.73 -77.40 -10.98
CA GLN F 460 2.22 -76.99 -12.28
C GLN F 460 1.42 -77.64 -13.39
N ALA F 461 1.08 -78.90 -13.23
CA ALA F 461 0.28 -79.61 -14.22
C ALA F 461 -1.07 -78.93 -14.39
N GLY F 462 -1.75 -78.70 -13.28
CA GLY F 462 -3.09 -78.14 -13.35
C GLY F 462 -3.13 -76.70 -13.80
N VAL F 463 -2.10 -75.93 -13.46
CA VAL F 463 -2.08 -74.54 -13.86
C VAL F 463 -1.71 -74.42 -15.33
N ASP F 464 -0.83 -75.29 -15.82
CA ASP F 464 -0.58 -75.31 -17.25
C ASP F 464 -1.83 -75.72 -18.00
N ARG F 465 -2.59 -76.68 -17.44
CA ARG F 465 -3.87 -77.04 -18.02
C ARG F 465 -4.81 -75.85 -18.05
N PHE F 466 -4.86 -75.07 -16.97
CA PHE F 466 -5.75 -73.92 -16.93
C PHE F 466 -5.35 -72.89 -17.97
N TYR F 467 -4.06 -72.54 -18.00
CA TYR F 467 -3.57 -71.55 -18.94
C TYR F 467 -3.87 -71.97 -20.37
N ARG F 468 -3.70 -73.26 -20.65
CA ARG F 468 -4.05 -73.78 -21.97
C ARG F 468 -5.54 -73.60 -22.23
N THR F 469 -6.38 -74.06 -21.29
CA THR F 469 -7.82 -73.93 -21.44
C THR F 469 -8.24 -72.49 -21.68
N CYS F 470 -7.68 -71.60 -20.87
CA CYS F 470 -8.01 -70.19 -20.93
C CYS F 470 -7.61 -69.60 -22.27
N LYS F 471 -6.58 -70.16 -22.89
CA LYS F 471 -6.26 -69.76 -24.25
C LYS F 471 -7.17 -70.43 -25.27
N LEU F 472 -7.65 -71.63 -24.98
CA LEU F 472 -8.55 -72.31 -25.90
C LEU F 472 -9.88 -71.59 -26.00
N VAL F 473 -10.22 -70.78 -24.99
CA VAL F 473 -11.37 -69.89 -25.09
C VAL F 473 -11.02 -68.51 -25.62
N GLY F 474 -9.75 -68.25 -25.88
CA GLY F 474 -9.34 -66.97 -26.41
C GLY F 474 -9.19 -65.91 -25.34
N ILE F 475 -8.54 -66.28 -24.24
CA ILE F 475 -8.23 -65.37 -23.15
C ILE F 475 -6.77 -65.59 -22.79
N ASN F 476 -5.99 -64.52 -22.80
CA ASN F 476 -4.54 -64.63 -22.82
C ASN F 476 -3.95 -64.06 -21.53
N MET F 477 -3.64 -64.97 -20.62
CA MET F 477 -2.95 -64.62 -19.38
C MET F 477 -1.50 -64.29 -19.65
N SER F 478 -1.11 -63.05 -19.37
CA SER F 478 0.26 -62.63 -19.60
C SER F 478 1.22 -63.35 -18.68
N LYS F 479 2.42 -63.58 -19.19
CA LYS F 479 3.50 -64.22 -18.47
C LYS F 479 4.53 -63.22 -17.95
N LYS F 480 4.35 -61.93 -18.20
CA LYS F 480 5.31 -60.92 -17.83
C LYS F 480 4.96 -60.31 -16.47
N LYS F 481 3.80 -59.67 -16.38
CA LYS F 481 3.43 -58.87 -15.21
C LYS F 481 2.45 -59.59 -14.31
N SER F 482 2.55 -60.92 -14.25
CA SER F 482 1.72 -61.73 -13.36
C SER F 482 2.63 -62.60 -12.52
N TYR F 483 2.04 -63.26 -11.54
CA TYR F 483 2.83 -64.04 -10.61
C TYR F 483 1.91 -64.99 -9.87
N ILE F 484 2.45 -65.62 -8.84
CA ILE F 484 1.82 -66.77 -8.23
C ILE F 484 2.46 -66.96 -6.87
N ASN F 485 1.71 -67.52 -5.93
CA ASN F 485 2.21 -67.61 -4.57
C ASN F 485 1.35 -68.57 -3.77
N ARG F 486 1.85 -68.92 -2.59
CA ARG F 486 1.06 -69.63 -1.61
C ARG F 486 -0.16 -68.83 -1.24
N THR F 487 -1.12 -69.51 -0.63
CA THR F 487 -2.34 -68.84 -0.23
C THR F 487 -2.04 -67.83 0.87
N GLY F 488 -2.92 -66.85 1.00
CA GLY F 488 -2.82 -65.83 2.03
C GLY F 488 -2.66 -64.44 1.45
N THR F 489 -1.81 -64.30 0.44
CA THR F 489 -1.55 -63.02 -0.20
C THR F 489 -1.88 -63.13 -1.68
N PHE F 490 -2.77 -62.26 -2.15
CA PHE F 490 -3.05 -62.17 -3.56
C PHE F 490 -3.73 -60.86 -3.89
N GLU F 491 -3.26 -60.22 -4.95
CA GLU F 491 -3.86 -59.00 -5.45
C GLU F 491 -5.10 -59.31 -6.29
N PHE F 492 -6.04 -58.37 -6.29
CA PHE F 492 -7.14 -58.39 -7.23
C PHE F 492 -7.84 -57.05 -7.27
N THR F 493 -7.87 -56.42 -8.44
CA THR F 493 -8.58 -55.15 -8.65
C THR F 493 -8.07 -54.07 -7.68
N SER F 494 -6.84 -54.21 -7.24
CA SER F 494 -6.18 -53.35 -6.25
C SER F 494 -6.73 -53.52 -4.84
N PHE F 495 -7.75 -54.35 -4.63
CA PHE F 495 -8.20 -54.70 -3.29
C PHE F 495 -7.25 -55.76 -2.75
N PHE F 496 -6.05 -55.32 -2.40
CA PHE F 496 -5.01 -56.24 -1.95
C PHE F 496 -5.45 -57.01 -0.72
N TYR F 497 -5.32 -58.33 -0.79
CA TYR F 497 -5.71 -59.23 0.29
C TYR F 497 -4.47 -59.97 0.78
N ARG F 498 -3.86 -59.44 1.82
CA ARG F 498 -3.00 -60.24 2.67
C ARG F 498 -3.90 -61.16 3.50
N TYR F 499 -3.27 -62.02 4.33
CA TYR F 499 -3.91 -63.18 4.99
C TYR F 499 -5.35 -62.96 5.40
N GLY F 500 -5.62 -61.88 6.12
CA GLY F 500 -6.98 -61.46 6.42
C GLY F 500 -7.22 -59.99 6.17
N PHE F 501 -6.16 -59.23 5.92
CA PHE F 501 -6.28 -57.80 5.70
C PHE F 501 -6.60 -57.50 4.25
N VAL F 502 -7.46 -56.51 4.05
CA VAL F 502 -8.18 -56.30 2.80
C VAL F 502 -8.04 -54.86 2.33
N ALA F 503 -6.86 -54.27 2.54
CA ALA F 503 -6.62 -52.90 2.11
C ALA F 503 -6.97 -52.71 0.64
N ASN F 504 -7.41 -51.50 0.30
CA ASN F 504 -7.94 -51.18 -1.01
C ASN F 504 -7.48 -49.79 -1.44
N PHE F 505 -7.12 -49.67 -2.72
CA PHE F 505 -6.69 -48.42 -3.33
C PHE F 505 -7.30 -48.29 -4.72
N SER F 506 -8.60 -48.56 -4.80
CA SER F 506 -9.29 -48.61 -6.08
C SER F 506 -9.22 -47.28 -6.81
N MET F 507 -9.75 -46.22 -6.19
CA MET F 507 -9.76 -44.89 -6.79
C MET F 507 -9.14 -43.85 -5.85
N GLU F 508 -8.40 -42.89 -6.42
CA GLU F 508 -7.77 -41.84 -5.63
C GLU F 508 -8.78 -40.81 -5.12
N LEU F 509 -8.44 -40.12 -4.03
CA LEU F 509 -9.31 -39.11 -3.46
C LEU F 509 -9.48 -37.98 -4.48
N PRO F 510 -10.71 -37.45 -4.65
CA PRO F 510 -10.77 -36.40 -5.67
C PRO F 510 -11.07 -34.96 -5.22
N SER F 511 -10.14 -34.02 -5.48
CA SER F 511 -10.30 -32.58 -5.25
C SER F 511 -10.46 -32.01 -3.84
N PHE F 512 -11.54 -32.39 -3.15
CA PHE F 512 -11.87 -31.87 -1.81
C PHE F 512 -11.93 -30.34 -1.81
N GLY F 513 -12.60 -29.81 -2.82
CA GLY F 513 -12.76 -28.38 -3.03
C GLY F 513 -14.20 -28.07 -3.34
N VAL F 514 -14.56 -26.80 -3.30
CA VAL F 514 -15.93 -26.37 -3.55
C VAL F 514 -16.42 -26.68 -4.97
N SER F 515 -17.73 -26.82 -5.09
CA SER F 515 -18.37 -27.12 -6.37
C SER F 515 -18.68 -25.86 -7.17
N GLY F 516 -18.74 -24.71 -6.50
CA GLY F 516 -18.80 -23.44 -7.21
C GLY F 516 -20.17 -23.03 -7.67
N ILE F 517 -21.16 -23.05 -6.78
CA ILE F 517 -22.54 -22.72 -7.11
C ILE F 517 -23.09 -21.62 -6.21
N ASN F 518 -22.92 -21.76 -4.90
CA ASN F 518 -23.50 -20.83 -3.93
C ASN F 518 -23.07 -21.27 -2.54
N GLU F 519 -23.16 -20.34 -1.60
CA GLU F 519 -22.76 -20.64 -0.23
C GLU F 519 -23.73 -21.56 0.48
N SER F 520 -24.89 -21.85 -0.11
CA SER F 520 -25.90 -22.68 0.55
C SER F 520 -25.69 -24.16 0.27
N ALA F 521 -25.39 -24.51 -0.99
CA ALA F 521 -25.32 -25.89 -1.41
C ALA F 521 -23.91 -26.39 -1.67
N ASP F 522 -22.97 -25.48 -1.89
CA ASP F 522 -21.60 -25.87 -2.13
C ASP F 522 -21.10 -26.58 -0.89
N MET F 523 -21.44 -26.05 0.27
CA MET F 523 -21.04 -26.68 1.52
C MET F 523 -21.70 -28.03 1.61
N SER F 524 -22.99 -28.07 1.29
CA SER F 524 -23.75 -29.30 1.35
C SER F 524 -23.18 -30.31 0.37
N ILE F 525 -22.85 -29.85 -0.83
CA ILE F 525 -22.30 -30.75 -1.82
C ILE F 525 -20.99 -31.32 -1.33
N GLY F 526 -20.14 -30.47 -0.76
CA GLY F 526 -18.87 -30.96 -0.29
C GLY F 526 -19.03 -31.99 0.81
N VAL F 527 -19.91 -31.72 1.77
CA VAL F 527 -20.07 -32.69 2.84
C VAL F 527 -20.64 -34.00 2.30
N THR F 528 -21.58 -33.93 1.37
CA THR F 528 -22.16 -35.16 0.84
C THR F 528 -21.09 -35.97 0.09
N VAL F 529 -20.22 -35.28 -0.66
CA VAL F 529 -19.16 -35.96 -1.39
C VAL F 529 -18.24 -36.65 -0.40
N ILE F 530 -17.91 -35.96 0.69
CA ILE F 530 -17.04 -36.55 1.69
C ILE F 530 -17.68 -37.80 2.29
N LYS F 531 -18.99 -37.72 2.56
CA LYS F 531 -19.70 -38.85 3.13
C LYS F 531 -19.70 -40.05 2.19
N ASN F 532 -19.90 -39.79 0.89
CA ASN F 532 -19.95 -40.87 -0.10
C ASN F 532 -18.64 -41.64 -0.23
N ASN F 533 -17.54 -40.91 -0.13
CA ASN F 533 -16.20 -41.43 -0.32
C ASN F 533 -15.58 -41.98 0.95
N MET F 534 -16.21 -41.76 2.11
CA MET F 534 -15.85 -42.48 3.32
C MET F 534 -16.69 -43.72 3.49
N ILE F 535 -17.93 -43.71 2.99
CA ILE F 535 -18.80 -44.85 3.14
C ILE F 535 -18.51 -45.90 2.07
N ASN F 536 -18.21 -45.46 0.85
CA ASN F 536 -17.88 -46.40 -0.22
C ASN F 536 -16.42 -46.81 -0.17
N ASN F 537 -15.53 -45.84 -0.38
CA ASN F 537 -14.11 -46.11 -0.49
C ASN F 537 -13.47 -46.08 0.89
N ASP F 538 -12.15 -46.10 0.94
CA ASP F 538 -11.40 -46.21 2.18
C ASP F 538 -10.88 -44.87 2.67
N LEU F 539 -11.65 -43.80 2.49
CA LEU F 539 -11.32 -42.54 3.14
C LEU F 539 -11.51 -42.74 4.63
N GLY F 540 -10.41 -42.91 5.35
CA GLY F 540 -10.47 -43.02 6.78
C GLY F 540 -10.99 -41.73 7.36
N PRO F 541 -11.63 -41.78 8.53
CA PRO F 541 -12.07 -40.53 9.15
C PRO F 541 -10.93 -39.61 9.50
N ALA F 542 -9.76 -40.18 9.81
CA ALA F 542 -8.61 -39.37 10.19
C ALA F 542 -8.21 -38.42 9.09
N THR F 543 -8.40 -38.82 7.84
CA THR F 543 -8.15 -37.94 6.71
C THR F 543 -9.38 -37.15 6.33
N ALA F 544 -10.57 -37.64 6.68
CA ALA F 544 -11.80 -36.97 6.28
C ALA F 544 -12.10 -35.74 7.10
N GLN F 545 -11.77 -35.76 8.39
CA GLN F 545 -11.83 -34.52 9.17
C GLN F 545 -10.89 -33.49 8.58
N MET F 546 -9.68 -33.90 8.24
CA MET F 546 -8.72 -32.99 7.60
C MET F 546 -9.23 -32.54 6.24
N ALA F 547 -9.97 -33.38 5.54
CA ALA F 547 -10.52 -33.00 4.26
C ALA F 547 -11.58 -31.92 4.42
N LEU F 548 -12.48 -32.13 5.38
CA LEU F 548 -13.46 -31.12 5.71
C LEU F 548 -12.79 -29.83 6.15
N GLN F 549 -11.66 -29.96 6.83
CA GLN F 549 -10.90 -28.81 7.29
C GLN F 549 -10.37 -28.01 6.11
N LEU F 550 -9.72 -28.68 5.17
CA LEU F 550 -9.30 -28.00 3.95
C LEU F 550 -10.50 -27.45 3.20
N PHE F 551 -11.62 -28.15 3.25
CA PHE F 551 -12.78 -27.72 2.49
C PHE F 551 -13.33 -26.43 3.04
N ILE F 552 -13.41 -26.31 4.36
CA ILE F 552 -13.97 -25.12 4.95
C ILE F 552 -12.98 -23.97 4.81
N LYS F 553 -11.69 -24.26 4.87
CA LYS F 553 -10.69 -23.25 4.57
C LYS F 553 -10.91 -22.68 3.18
N ASP F 554 -11.11 -23.57 2.20
CA ASP F 554 -11.32 -23.11 0.83
C ASP F 554 -12.64 -22.37 0.70
N TYR F 555 -13.65 -22.83 1.42
CA TYR F 555 -14.96 -22.19 1.41
C TYR F 555 -14.84 -20.75 1.84
N ARG F 556 -14.14 -20.53 2.95
CA ARG F 556 -14.04 -19.20 3.52
C ARG F 556 -13.14 -18.32 2.67
N TYR F 557 -12.00 -18.85 2.23
CA TYR F 557 -11.10 -18.06 1.41
C TYR F 557 -11.73 -17.71 0.07
N THR F 558 -12.70 -18.49 -0.39
CA THR F 558 -13.34 -18.18 -1.65
C THR F 558 -14.44 -17.15 -1.46
N TYR F 559 -15.33 -17.38 -0.51
CA TYR F 559 -16.38 -16.43 -0.18
C TYR F 559 -15.96 -15.44 0.89
N ARG F 560 -14.67 -15.34 1.18
CA ARG F 560 -14.10 -14.28 2.01
C ARG F 560 -14.55 -14.33 3.47
N CYS F 561 -15.45 -15.25 3.80
CA CYS F 561 -16.24 -15.17 5.01
C CYS F 561 -15.60 -16.02 6.10
N HIS F 562 -14.57 -15.45 6.72
CA HIS F 562 -13.91 -16.10 7.82
C HIS F 562 -14.81 -16.00 9.05
N ARG F 563 -14.29 -16.39 10.20
CA ARG F 563 -15.08 -16.29 11.42
C ARG F 563 -15.36 -14.83 11.73
N GLY F 564 -16.47 -14.59 12.42
CA GLY F 564 -16.68 -13.30 13.01
C GLY F 564 -15.52 -13.00 13.94
N ASP F 565 -15.41 -13.75 15.03
CA ASP F 565 -14.38 -13.49 16.02
C ASP F 565 -13.00 -13.85 15.48
N THR F 566 -12.48 -12.99 14.61
CA THR F 566 -11.17 -13.18 13.99
C THR F 566 -10.39 -11.87 13.94
N GLN F 567 -9.31 -11.86 13.18
CA GLN F 567 -8.53 -10.66 12.91
C GLN F 567 -8.19 -10.48 11.44
N ILE F 568 -8.69 -11.35 10.56
CA ILE F 568 -8.38 -11.26 9.14
C ILE F 568 -9.33 -10.28 8.49
N GLN F 569 -8.82 -9.57 7.49
CA GLN F 569 -9.53 -8.50 6.80
C GLN F 569 -9.94 -8.96 5.42
N THR F 570 -11.00 -8.34 4.94
CA THR F 570 -11.49 -8.51 3.58
C THR F 570 -12.58 -7.46 3.34
N ARG F 571 -13.24 -7.57 2.19
CA ARG F 571 -14.40 -6.76 1.91
C ARG F 571 -15.48 -6.96 2.97
N ARG F 572 -15.85 -8.20 3.20
CA ARG F 572 -17.10 -8.51 3.88
C ARG F 572 -17.02 -8.28 5.38
N SER F 573 -15.84 -8.44 5.97
CA SER F 573 -15.68 -8.66 7.42
C SER F 573 -16.34 -7.62 8.31
N PHE F 574 -16.67 -6.45 7.75
CA PHE F 574 -17.49 -5.46 8.43
C PHE F 574 -18.77 -6.10 8.96
N GLU F 575 -19.58 -6.65 8.05
CA GLU F 575 -20.90 -7.11 8.45
C GLU F 575 -20.80 -8.32 9.33
N LEU F 576 -19.75 -9.12 9.16
CA LEU F 576 -19.59 -10.28 10.02
C LEU F 576 -19.26 -9.87 11.44
N LYS F 577 -18.33 -8.92 11.59
CA LYS F 577 -18.03 -8.40 12.93
C LYS F 577 -19.19 -7.60 13.49
N LYS F 578 -20.13 -7.20 12.63
CA LYS F 578 -21.34 -6.51 13.07
C LYS F 578 -22.37 -7.51 13.59
N LEU F 579 -22.75 -8.46 12.74
CA LEU F 579 -23.72 -9.47 13.12
C LEU F 579 -23.22 -10.30 14.30
N TRP F 580 -21.91 -10.53 14.36
CA TRP F 580 -21.36 -11.44 15.36
C TRP F 580 -21.61 -10.94 16.77
N GLU F 581 -21.64 -9.61 16.96
CA GLU F 581 -22.06 -9.04 18.23
C GLU F 581 -23.57 -8.85 18.26
N GLN F 582 -24.19 -8.65 17.09
CA GLN F 582 -25.63 -8.48 17.01
C GLN F 582 -26.41 -9.68 17.55
N THR F 583 -25.80 -10.86 17.57
CA THR F 583 -26.52 -12.09 17.86
C THR F 583 -26.93 -12.16 19.33
N ARG F 584 -27.61 -13.26 19.66
CA ARG F 584 -27.83 -13.70 21.04
C ARG F 584 -27.13 -15.02 21.32
N SER F 585 -27.26 -16.00 20.42
CA SER F 585 -26.50 -17.24 20.46
C SER F 585 -25.39 -17.15 19.43
N LYS F 586 -24.15 -17.23 19.89
CA LYS F 586 -23.02 -16.88 19.04
C LYS F 586 -22.56 -18.04 18.18
N ALA F 587 -22.31 -19.21 18.79
CA ALA F 587 -21.83 -20.34 18.01
C ALA F 587 -22.90 -20.92 17.11
N GLY F 588 -24.17 -20.65 17.40
CA GLY F 588 -25.25 -21.15 16.58
C GLY F 588 -25.48 -20.27 15.37
N LEU F 589 -24.52 -20.24 14.45
CA LEU F 589 -24.61 -19.45 13.23
C LEU F 589 -24.10 -20.25 12.05
N LEU F 590 -24.73 -20.05 10.91
CA LEU F 590 -24.28 -20.68 9.67
C LEU F 590 -22.91 -20.12 9.30
N VAL F 591 -22.09 -20.95 8.66
CA VAL F 591 -20.67 -20.63 8.53
C VAL F 591 -20.44 -19.51 7.53
N SER F 592 -21.18 -19.50 6.44
CA SER F 592 -21.00 -18.49 5.40
C SER F 592 -21.22 -17.07 5.91
N ASP F 593 -21.89 -16.91 7.04
CA ASP F 593 -21.97 -15.64 7.76
C ASP F 593 -21.38 -15.86 9.15
N GLY F 594 -20.06 -15.82 9.23
CA GLY F 594 -19.35 -15.74 10.48
C GLY F 594 -19.41 -16.96 11.36
N GLY F 595 -20.11 -18.00 10.94
CA GLY F 595 -20.46 -19.07 11.84
C GLY F 595 -19.39 -20.12 11.96
N PRO F 596 -19.44 -20.92 13.01
CA PRO F 596 -18.50 -22.02 13.17
C PRO F 596 -19.06 -23.29 12.56
N ASN F 597 -18.16 -24.22 12.26
CA ASN F 597 -18.49 -25.44 11.56
C ASN F 597 -18.56 -26.58 12.56
N LEU F 598 -19.77 -26.93 12.97
CA LEU F 598 -19.97 -28.00 13.94
C LEU F 598 -19.96 -29.38 13.32
N TYR F 599 -19.74 -29.49 12.01
CA TYR F 599 -19.64 -30.78 11.39
C TYR F 599 -18.47 -31.57 11.94
N ASN F 600 -18.60 -32.89 11.86
CA ASN F 600 -17.51 -33.83 12.05
C ASN F 600 -18.05 -35.17 11.58
N ILE F 601 -17.27 -36.24 11.74
CA ILE F 601 -17.58 -37.49 11.07
C ILE F 601 -18.85 -38.15 11.60
N ARG F 602 -19.43 -37.64 12.69
CA ARG F 602 -20.65 -38.21 13.21
C ARG F 602 -21.88 -37.78 12.40
N ASN F 603 -21.89 -36.54 11.92
CA ASN F 603 -23.12 -35.84 11.56
C ASN F 603 -22.99 -35.18 10.20
N LEU F 604 -22.53 -35.94 9.22
CA LEU F 604 -22.23 -35.40 7.91
C LEU F 604 -23.39 -35.47 6.94
N HIS F 605 -24.23 -36.50 7.05
CA HIS F 605 -25.33 -36.65 6.10
C HIS F 605 -26.36 -35.55 6.27
N ILE F 606 -26.55 -35.09 7.51
CA ILE F 606 -27.53 -34.06 7.81
C ILE F 606 -27.11 -32.76 7.13
N PRO F 607 -28.01 -31.82 6.88
CA PRO F 607 -27.56 -30.50 6.46
C PRO F 607 -27.08 -29.70 7.66
N GLU F 608 -26.77 -28.43 7.43
CA GLU F 608 -26.11 -27.59 8.42
C GLU F 608 -27.11 -26.90 9.33
N VAL F 609 -28.17 -26.35 8.74
CA VAL F 609 -29.06 -25.53 9.53
C VAL F 609 -29.96 -26.39 10.39
N CYS F 610 -30.12 -27.67 10.05
CA CYS F 610 -30.77 -28.58 10.99
C CYS F 610 -29.94 -28.72 12.26
N LEU F 611 -28.61 -28.75 12.11
CA LEU F 611 -27.75 -28.86 13.27
C LEU F 611 -27.68 -27.57 14.05
N LYS F 612 -28.05 -26.44 13.44
CA LYS F 612 -27.97 -25.14 14.11
C LYS F 612 -29.32 -24.60 14.56
N TRP F 613 -30.44 -25.11 14.05
CA TRP F 613 -31.73 -24.43 14.07
C TRP F 613 -32.14 -23.98 15.46
N GLU F 614 -32.37 -24.93 16.34
CA GLU F 614 -32.83 -24.60 17.67
C GLU F 614 -31.71 -24.09 18.56
N LEU F 615 -30.47 -24.04 18.06
CA LEU F 615 -29.41 -23.26 18.67
C LEU F 615 -29.39 -21.81 18.19
N MET F 616 -30.40 -21.38 17.45
CA MET F 616 -30.51 -20.02 16.94
C MET F 616 -31.74 -19.34 17.53
N ASP F 617 -31.66 -18.02 17.63
CA ASP F 617 -32.72 -17.20 18.18
C ASP F 617 -33.65 -16.72 17.07
N GLU F 618 -34.88 -16.36 17.47
CA GLU F 618 -35.97 -16.21 16.50
C GLU F 618 -35.71 -15.07 15.53
N ASP F 619 -34.92 -14.07 15.91
CA ASP F 619 -34.60 -13.01 14.97
C ASP F 619 -33.86 -13.56 13.76
N TYR F 620 -32.78 -14.28 14.00
CA TYR F 620 -31.99 -14.84 12.91
C TYR F 620 -32.81 -15.87 12.14
N GLN F 621 -33.48 -16.76 12.86
CA GLN F 621 -34.24 -17.83 12.21
C GLN F 621 -35.38 -17.26 11.37
N GLY F 622 -35.99 -16.15 11.82
CA GLY F 622 -37.06 -15.53 11.11
C GLY F 622 -36.53 -14.82 9.88
N ARG F 623 -35.36 -14.20 10.01
CA ARG F 623 -34.72 -13.61 8.84
C ARG F 623 -34.32 -14.66 7.83
N LEU F 624 -34.07 -15.90 8.27
CA LEU F 624 -33.58 -16.92 7.36
C LEU F 624 -34.69 -17.50 6.51
N CYS F 625 -35.65 -18.16 7.15
CA CYS F 625 -36.73 -18.84 6.46
C CYS F 625 -37.89 -17.85 6.31
N ASN F 626 -37.99 -17.25 5.13
CA ASN F 626 -38.96 -16.20 4.87
C ASN F 626 -39.18 -16.07 3.37
N PRO F 627 -40.42 -16.16 2.86
CA PRO F 627 -40.60 -16.05 1.40
C PRO F 627 -40.29 -14.69 0.84
N LEU F 628 -40.17 -13.67 1.69
CA LEU F 628 -39.86 -12.33 1.21
C LEU F 628 -38.49 -12.24 0.58
N ASN F 629 -37.61 -13.19 0.89
CA ASN F 629 -36.29 -13.19 0.29
C ASN F 629 -36.40 -13.38 -1.22
N PRO F 630 -35.64 -12.64 -2.03
CA PRO F 630 -35.49 -13.03 -3.44
C PRO F 630 -34.67 -14.29 -3.60
N PHE F 631 -33.96 -14.70 -2.56
CA PHE F 631 -33.05 -15.83 -2.64
C PHE F 631 -33.80 -17.12 -2.84
N VAL F 632 -35.03 -17.21 -2.32
CA VAL F 632 -35.97 -18.27 -2.64
C VAL F 632 -37.36 -17.66 -2.78
N THR F 662 -33.10 -20.97 3.26
CA THR F 662 -32.53 -21.06 1.92
C THR F 662 -32.13 -19.68 1.38
N THR F 663 -32.07 -18.69 2.26
CA THR F 663 -31.79 -17.33 1.81
C THR F 663 -30.36 -17.18 1.31
N HIS F 664 -29.46 -18.06 1.76
CA HIS F 664 -28.09 -18.02 1.26
C HIS F 664 -27.99 -18.48 -0.19
N SER F 665 -29.03 -19.14 -0.70
CA SER F 665 -28.99 -19.69 -2.04
C SER F 665 -29.25 -18.60 -3.07
N TRP F 666 -28.71 -18.76 -4.27
CA TRP F 666 -28.96 -17.80 -5.33
C TRP F 666 -28.38 -18.30 -6.64
N ILE F 667 -28.61 -17.53 -7.70
CA ILE F 667 -28.07 -17.78 -9.03
C ILE F 667 -27.00 -16.72 -9.30
N PRO F 668 -25.78 -17.09 -9.69
CA PRO F 668 -24.82 -16.07 -10.10
C PRO F 668 -25.06 -15.61 -11.54
N LYS F 669 -24.60 -14.40 -11.82
CA LYS F 669 -24.69 -13.87 -13.17
C LYS F 669 -23.76 -14.65 -14.09
N ARG F 670 -24.28 -15.08 -15.23
CA ARG F 670 -23.48 -15.79 -16.21
C ARG F 670 -22.33 -14.91 -16.69
N ASN F 671 -21.30 -15.56 -17.23
CA ASN F 671 -20.12 -14.87 -17.74
C ASN F 671 -19.64 -15.52 -19.04
N LYS G 54 -16.49 -8.25 -8.18
CA LYS G 54 -17.57 -8.10 -7.21
C LYS G 54 -18.89 -8.46 -7.87
N TYR G 55 -19.96 -8.38 -7.08
CA TYR G 55 -21.31 -8.73 -7.53
C TYR G 55 -21.38 -10.13 -8.13
N PRO G 56 -21.12 -11.18 -7.34
CA PRO G 56 -21.35 -12.53 -7.84
C PRO G 56 -22.82 -12.88 -7.95
N ILE G 57 -23.66 -12.35 -7.05
CA ILE G 57 -25.01 -12.83 -6.90
C ILE G 57 -25.96 -12.05 -7.80
N THR G 58 -26.97 -12.74 -8.31
CA THR G 58 -28.05 -12.16 -9.09
C THR G 58 -29.34 -12.30 -8.31
N ALA G 59 -30.23 -11.32 -8.46
CA ALA G 59 -31.53 -11.37 -7.81
C ALA G 59 -32.41 -10.28 -8.39
N ASP G 60 -33.69 -10.31 -8.01
CA ASP G 60 -34.71 -9.54 -8.69
C ASP G 60 -34.64 -8.06 -8.31
N LYS G 61 -35.59 -7.29 -8.85
CA LYS G 61 -35.73 -5.88 -8.50
C LYS G 61 -36.49 -5.67 -7.20
N ARG G 62 -37.19 -6.70 -6.70
CA ARG G 62 -38.01 -6.54 -5.51
C ARG G 62 -37.16 -6.21 -4.29
N ILE G 63 -35.92 -6.68 -4.27
CA ILE G 63 -35.03 -6.43 -3.14
C ILE G 63 -34.71 -4.95 -3.02
N THR G 64 -34.78 -4.21 -4.13
CA THR G 64 -34.36 -2.82 -4.14
C THR G 64 -35.15 -1.98 -3.15
N GLU G 65 -36.41 -2.33 -2.91
CA GLU G 65 -37.22 -1.55 -1.98
C GLU G 65 -36.80 -1.80 -0.54
N MET G 66 -36.48 -3.05 -0.21
CA MET G 66 -36.34 -3.44 1.19
C MET G 66 -35.06 -2.89 1.80
N VAL G 67 -34.00 -2.79 1.01
CA VAL G 67 -32.66 -2.55 1.53
C VAL G 67 -31.98 -1.45 0.71
N PRO G 68 -31.01 -0.74 1.28
CA PRO G 68 -30.46 0.42 0.58
C PRO G 68 -29.43 0.01 -0.47
N GLU G 69 -28.96 1.02 -1.19
CA GLU G 69 -27.91 0.79 -2.19
C GLU G 69 -26.54 0.73 -1.54
N ARG G 70 -26.39 1.30 -0.36
CA ARG G 70 -25.13 1.30 0.36
C ARG G 70 -25.39 1.12 1.84
N ASN G 71 -24.38 0.62 2.53
CA ASN G 71 -24.45 0.37 3.96
C ASN G 71 -23.83 1.55 4.69
N GLU G 72 -23.63 1.39 6.01
CA GLU G 72 -23.10 2.49 6.82
C GLU G 72 -21.71 2.89 6.36
N GLN G 73 -20.87 1.91 6.02
CA GLN G 73 -19.55 2.22 5.50
C GLN G 73 -19.63 2.78 4.08
N GLY G 74 -20.73 2.51 3.39
CA GLY G 74 -20.95 3.02 2.05
C GLY G 74 -20.72 2.01 0.95
N GLN G 75 -20.07 0.89 1.24
CA GLN G 75 -19.83 -0.11 0.21
C GLN G 75 -21.15 -0.73 -0.21
N THR G 76 -21.28 -0.96 -1.51
CA THR G 76 -22.57 -1.11 -2.16
C THR G 76 -23.10 -2.54 -2.07
N LEU G 77 -24.42 -2.66 -1.98
CA LEU G 77 -25.07 -3.96 -1.94
C LEU G 77 -25.64 -4.36 -3.29
N TRP G 78 -26.11 -3.39 -4.07
CA TRP G 78 -26.70 -3.69 -5.37
C TRP G 78 -26.52 -2.52 -6.31
N SER G 79 -26.36 -2.82 -7.59
CA SER G 79 -26.17 -1.80 -8.61
C SER G 79 -26.71 -2.31 -9.94
N LYS G 80 -27.17 -1.37 -10.76
CA LYS G 80 -27.65 -1.67 -12.10
C LYS G 80 -26.50 -1.55 -13.10
N MET G 81 -26.80 -1.94 -14.34
CA MET G 81 -25.80 -1.97 -15.40
C MET G 81 -25.20 -0.60 -15.66
N ARG G 88 -33.91 -6.86 -13.10
CA ARG G 88 -33.12 -7.27 -11.95
C ARG G 88 -31.95 -6.35 -11.70
N VAL G 89 -31.29 -6.54 -10.56
CA VAL G 89 -30.10 -5.79 -10.19
C VAL G 89 -29.08 -6.77 -9.62
N MET G 90 -27.81 -6.54 -9.92
CA MET G 90 -26.76 -7.32 -9.27
C MET G 90 -26.71 -6.96 -7.80
N VAL G 91 -26.54 -7.98 -6.97
CA VAL G 91 -26.52 -7.82 -5.52
C VAL G 91 -25.19 -8.36 -5.02
N SER G 92 -24.73 -7.81 -3.90
CA SER G 92 -23.42 -8.14 -3.37
C SER G 92 -23.58 -9.08 -2.20
N PRO G 93 -22.55 -9.85 -1.87
CA PRO G 93 -22.69 -10.76 -0.74
C PRO G 93 -22.86 -10.03 0.57
N LEU G 94 -22.33 -8.80 0.65
CA LEU G 94 -22.58 -7.94 1.80
C LEU G 94 -24.08 -7.74 2.00
N ALA G 95 -24.84 -7.72 0.90
CA ALA G 95 -26.28 -7.54 0.99
C ALA G 95 -26.91 -8.62 1.85
N VAL G 96 -26.39 -9.84 1.75
CA VAL G 96 -26.91 -10.93 2.57
C VAL G 96 -26.68 -10.65 4.03
N THR G 97 -25.43 -10.34 4.40
CA THR G 97 -25.09 -10.15 5.80
C THR G 97 -25.71 -8.87 6.35
N TRP G 98 -26.28 -8.03 5.48
CA TRP G 98 -27.08 -6.92 5.95
C TRP G 98 -28.50 -7.37 6.28
N TRP G 99 -29.03 -8.31 5.51
CA TRP G 99 -30.32 -8.91 5.87
C TRP G 99 -30.25 -9.52 7.26
N ASN G 100 -29.23 -10.33 7.50
CA ASN G 100 -29.21 -11.16 8.69
C ASN G 100 -28.93 -10.36 9.94
N ARG G 101 -28.44 -9.11 9.80
CA ARG G 101 -28.32 -8.25 10.97
C ARG G 101 -29.64 -7.58 11.29
N ASN G 102 -30.33 -7.09 10.26
CA ASN G 102 -31.61 -6.41 10.42
C ASN G 102 -32.56 -6.86 9.33
N GLY G 103 -33.71 -7.37 9.73
CA GLY G 103 -34.72 -7.86 8.83
C GLY G 103 -35.94 -8.25 9.62
N PRO G 104 -37.04 -8.59 8.93
CA PRO G 104 -38.27 -8.93 9.65
C PRO G 104 -38.12 -10.22 10.44
N MET G 105 -38.47 -10.15 11.71
CA MET G 105 -38.42 -11.29 12.62
C MET G 105 -39.83 -11.83 12.79
N THR G 106 -40.00 -13.12 12.52
CA THR G 106 -41.30 -13.77 12.52
C THR G 106 -41.15 -15.19 13.05
N SER G 107 -41.99 -15.53 14.04
CA SER G 107 -41.87 -16.78 14.78
C SER G 107 -42.59 -17.94 14.10
N THR G 108 -42.79 -17.89 12.79
CA THR G 108 -43.48 -18.97 12.09
C THR G 108 -42.60 -20.21 12.00
N VAL G 109 -43.25 -21.36 12.05
CA VAL G 109 -42.62 -22.68 12.00
C VAL G 109 -43.17 -23.47 10.81
N HIS G 110 -43.45 -22.78 9.71
CA HIS G 110 -43.89 -23.49 8.51
C HIS G 110 -42.72 -24.16 7.78
N TYR G 111 -41.54 -23.53 7.81
CA TYR G 111 -40.42 -24.04 7.03
C TYR G 111 -39.91 -25.40 7.54
N PRO G 112 -40.09 -25.72 8.83
CA PRO G 112 -39.91 -27.13 9.25
C PRO G 112 -41.05 -28.07 8.85
N LYS G 113 -41.91 -27.65 7.92
CA LYS G 113 -42.81 -28.57 7.20
C LYS G 113 -42.12 -29.88 6.84
N VAL G 114 -40.97 -29.78 6.18
CA VAL G 114 -40.17 -30.93 5.81
C VAL G 114 -38.78 -30.91 6.44
N TYR G 115 -38.28 -29.75 6.85
CA TYR G 115 -36.99 -29.68 7.50
C TYR G 115 -36.99 -30.25 8.91
N LYS G 116 -38.16 -30.40 9.52
CA LYS G 116 -38.24 -31.08 10.81
C LYS G 116 -37.93 -32.57 10.71
N THR G 117 -37.87 -33.12 9.49
CA THR G 117 -37.49 -34.53 9.32
C THR G 117 -36.07 -34.76 9.80
N TYR G 118 -35.15 -33.87 9.44
CA TYR G 118 -33.75 -34.07 9.79
C TYR G 118 -33.54 -34.02 11.30
N PHE G 119 -34.39 -33.29 12.02
CA PHE G 119 -34.29 -33.27 13.48
C PHE G 119 -34.56 -34.64 14.06
N GLU G 120 -35.50 -35.38 13.47
CA GLU G 120 -35.79 -36.73 13.92
C GLU G 120 -34.56 -37.63 13.79
N LYS G 121 -33.82 -37.46 12.69
CA LYS G 121 -32.62 -38.25 12.48
C LYS G 121 -31.54 -37.90 13.50
N VAL G 122 -31.54 -36.65 13.98
CA VAL G 122 -30.55 -36.25 14.98
C VAL G 122 -30.95 -36.72 16.37
N GLU G 123 -32.26 -36.84 16.64
CA GLU G 123 -32.70 -37.40 17.92
C GLU G 123 -32.24 -38.85 18.06
N ARG G 124 -32.14 -39.57 16.94
CA ARG G 124 -31.59 -40.92 16.99
C ARG G 124 -30.12 -40.91 17.43
N LEU G 125 -29.37 -39.90 17.01
CA LEU G 125 -27.96 -39.80 17.40
C LEU G 125 -27.83 -39.45 18.87
N LYS G 126 -28.33 -38.27 19.26
CA LYS G 126 -28.18 -37.79 20.62
C LYS G 126 -29.20 -38.44 21.54
#